data_8U7P
#
_entry.id   8U7P
#
loop_
_entity.id
_entity.type
_entity.pdbx_description
1 polymer 'Sperm-specific sodium proton exchanger'
2 non-polymer '(2S)-3-(hexadecanoyloxy)-2-[(9Z)-octadec-9-enoyloxy]propyl 2-(trimethylammonio)ethyl phosphate'
3 non-polymer Digitonin
4 non-polymer "ADENOSINE-3',5'-CYCLIC-MONOPHOSPHATE"
#
_entity_poly.entity_id   1
_entity_poly.type   'polypeptide(L)'
_entity_poly.pdbx_seq_one_letter_code
;MKKRVVKLRELVPAVAALAVAVLIQSATGSSGGSGHTPTTQATHADDHDLTTHNGTEEHDDGHDDGHDDLHAHAPKVIVF
ISGSCLFGAISRSLFKKLPIPYTVVLLILGAILGVVASNVPLVEEHTRDVAHMDPHVLLQIFLPVLIFESAFAMDVHTFM
RSFSQVCILALFGLVVASVLTAVLAMNLFNYNWNFSEAMMFGAIMSATDPVAVVALLKDLGASKQLGTIIEGESLLNDGC
AIVIFNVFMKMVFFPQLTSTVGQNVLYFLQVAVAGPLWGYAVAKVTVFFLSHIFNDALVEITITLAATYLTYYIGDIWLE
VSGVLAVVVLGLIVNAEKTSISPEVEVFLHRFWEMLAYLANTLIFMMVGVVVTQKALVAVDKMDWFYLIILYLAITIIRG
MVISLFSPILSRIGYGLTWRNAVIMTWGGLRGAVGLALALVVENLAGNDVIGSKFLFHTAGIVVLTLVINATTIQTLLRI
LGMSDISIPKRLAMAGAVRRIHEGQNRTLNMLKSDRFLADADWDIATAACEISDPYSALSDDENAPADELTLGERKSVCP
GCKAMVPNEPSPREFADMMEEARLRMLKAEKISYWKQFEHGMLAREALRLLVQHAEVAADEKDQFILVDDLKKSWQIKGI
YPWLKRKLEDLISEKKIAAIPMPKYKLGKLMYKICHHMAFEVTINIAIVLNIVPIIMEFVVQDKMASVSTMAAPGSTVSS
EPSSLQKIEDALRISNYVFFVIYAIEAIVKILGLGRHYIVSHWNKFDAFILVVALVDIIIAETLLKGSITINLSSIKVVK
LFRLLRGLRMLRLTKALIPKLILVVNGKINNQLSLGYDVGKGYIIGEEEVGKIIDRMVDNKKILRELKHISETGRLQVVK
ELGLLQREHPGIAVSVKTRQAIRTILNHSRETIHELQGAGLLDEMEAHKLELTVEIKMKRLMNAPSSIPPPPPENLLKNV
SWLAGDMKLIDFIKARASLLHFDYGEVIVREGDESDGLFLIVSGLVKLYGKSAFLDHDNPPVTAGSEENEVFEDYLTVGN
VIGEMGVLTKKPRNATVTCETTVQVYFITAEDMNIAIDTFTLYPSLEYRLWRVVAIRIATPLIMEQMAFQGWTQEKVKLH
LERGYLVDLAESHFQFNIDATLEDVILINGTAYNAHTREEIRSPCLISRTVHKLTFQYTATEEPRLFVVRNAEYNGPILD
GRLDVDSKRSLISITEISSNMCLKHAAELRQKNSKVMLSRKSSGAAAKEEEDCIPNTSDVEQAAGVSPSVPTKTTPKPKS
FLPSLGLSMSKERVNGEAVEESPVKTKQGEETPETEEGAAPRVNV
;
_entity_poly.pdbx_strand_id   A,B
#
loop_
_chem_comp.id
_chem_comp.type
_chem_comp.name
_chem_comp.formula
AJP non-polymer Digitonin 'C56 H92 O29'
CMP non-polymer ADENOSINE-3',5'-CYCLIC-MONOPHOSPHATE 'C10 H12 N5 O6 P'
POV non-polymer '(2S)-3-(hexadecanoyloxy)-2-[(9Z)-octadec-9-enoyloxy]propyl 2-(trimethylammonio)ethyl phosphate' 'C42 H82 N O8 P'
#
# COMPACT_ATOMS: atom_id res chain seq x y z
N LYS A 76 6.78 -40.97 19.91
CA LYS A 76 7.22 -39.61 19.61
C LYS A 76 7.41 -39.41 18.12
N VAL A 77 6.85 -38.32 17.59
CA VAL A 77 6.95 -38.01 16.17
C VAL A 77 7.39 -36.57 15.97
N ILE A 78 7.69 -35.88 17.07
CA ILE A 78 8.02 -34.46 17.01
C ILE A 78 9.29 -34.23 16.21
N VAL A 79 10.32 -35.05 16.47
CA VAL A 79 11.61 -34.86 15.83
C VAL A 79 11.51 -35.04 14.33
N PHE A 80 10.71 -36.02 13.89
CA PHE A 80 10.60 -36.30 12.46
C PHE A 80 9.96 -35.13 11.71
N ILE A 81 8.85 -34.62 12.20
CA ILE A 81 8.15 -33.54 11.51
C ILE A 81 8.94 -32.25 11.59
N SER A 82 9.58 -31.98 12.74
CA SER A 82 10.39 -30.78 12.85
C SER A 82 11.58 -30.83 11.89
N GLY A 83 12.27 -31.96 11.83
CA GLY A 83 13.34 -32.11 10.86
C GLY A 83 12.84 -32.05 9.43
N SER A 84 11.62 -32.54 9.18
CA SER A 84 11.05 -32.44 7.85
C SER A 84 10.85 -30.99 7.44
N CYS A 85 10.31 -30.18 8.36
CA CYS A 85 10.12 -28.76 8.08
C CYS A 85 11.45 -28.07 7.85
N LEU A 86 12.46 -28.38 8.68
CA LEU A 86 13.77 -27.75 8.52
C LEU A 86 14.41 -28.16 7.19
N PHE A 87 14.33 -29.44 6.82
CA PHE A 87 14.94 -29.90 5.58
C PHE A 87 14.24 -29.31 4.37
N GLY A 88 12.91 -29.25 4.40
CA GLY A 88 12.19 -28.60 3.32
C GLY A 88 12.56 -27.13 3.19
N ALA A 89 12.69 -26.44 4.33
CA ALA A 89 13.08 -25.03 4.32
C ALA A 89 14.45 -24.85 3.70
N ILE A 90 15.44 -25.61 4.16
CA ILE A 90 16.81 -25.42 3.69
C ILE A 90 16.93 -25.81 2.21
N SER A 91 16.26 -26.89 1.80
CA SER A 91 16.34 -27.32 0.41
C SER A 91 15.68 -26.33 -0.52
N ARG A 92 14.46 -25.88 -0.17
CA ARG A 92 13.75 -24.93 -1.01
C ARG A 92 14.50 -23.61 -1.12
N SER A 93 15.09 -23.16 -0.01
CA SER A 93 15.87 -21.92 -0.04
C SER A 93 17.14 -22.08 -0.87
N LEU A 94 17.84 -23.20 -0.69
CA LEU A 94 19.15 -23.35 -1.32
C LEU A 94 19.03 -23.61 -2.81
N PHE A 95 18.14 -24.50 -3.22
CA PHE A 95 18.15 -25.00 -4.60
C PHE A 95 17.16 -24.19 -5.44
N LYS A 96 17.45 -22.90 -5.54
CA LYS A 96 16.64 -21.97 -6.32
C LYS A 96 17.34 -21.54 -7.61
N LYS A 97 18.67 -21.58 -7.65
CA LYS A 97 19.40 -21.14 -8.84
C LYS A 97 19.11 -22.03 -10.04
N LEU A 98 19.06 -23.34 -9.82
CA LEU A 98 18.81 -24.26 -10.92
C LEU A 98 17.33 -24.31 -11.27
N PRO A 99 16.99 -24.56 -12.54
CA PRO A 99 15.58 -24.59 -12.94
C PRO A 99 14.81 -25.83 -12.53
N ILE A 100 15.48 -26.81 -11.93
CA ILE A 100 14.82 -28.03 -11.47
C ILE A 100 14.04 -27.72 -10.20
N PRO A 101 12.87 -28.31 -9.99
CA PRO A 101 12.20 -28.16 -8.69
C PRO A 101 13.03 -28.74 -7.57
N TYR A 102 12.89 -28.13 -6.38
CA TYR A 102 13.67 -28.55 -5.22
C TYR A 102 13.25 -29.90 -4.68
N THR A 103 12.05 -30.36 -5.06
CA THR A 103 11.41 -31.48 -4.38
C THR A 103 12.22 -32.77 -4.48
N VAL A 104 12.92 -32.97 -5.60
CA VAL A 104 13.73 -34.18 -5.76
C VAL A 104 14.83 -34.26 -4.72
N VAL A 105 15.37 -33.11 -4.32
CA VAL A 105 16.33 -33.10 -3.21
C VAL A 105 15.69 -33.73 -1.98
N LEU A 106 14.46 -33.33 -1.68
CA LEU A 106 13.69 -33.96 -0.62
C LEU A 106 13.61 -35.46 -0.84
N LEU A 107 13.27 -35.86 -2.08
CA LEU A 107 13.23 -37.27 -2.42
C LEU A 107 14.57 -37.92 -2.17
N ILE A 108 15.66 -37.26 -2.60
CA ILE A 108 17.00 -37.77 -2.37
C ILE A 108 17.24 -37.90 -0.86
N LEU A 109 16.81 -36.89 -0.10
CA LEU A 109 16.94 -36.96 1.35
C LEU A 109 16.23 -38.16 1.91
N GLY A 110 15.04 -38.47 1.40
CA GLY A 110 14.35 -39.67 1.82
C GLY A 110 15.17 -40.91 1.56
N ALA A 111 15.75 -40.99 0.36
CA ALA A 111 16.63 -42.11 0.03
C ALA A 111 17.81 -42.17 0.98
N ILE A 112 18.31 -41.01 1.41
CA ILE A 112 19.40 -40.98 2.38
C ILE A 112 18.97 -41.66 3.66
N LEU A 113 17.76 -41.33 4.14
CA LEU A 113 17.23 -41.98 5.34
C LEU A 113 17.13 -43.49 5.14
N GLY A 114 16.91 -43.90 3.88
CA GLY A 114 16.83 -45.32 3.59
C GLY A 114 18.03 -46.10 4.08
N VAL A 115 19.23 -45.52 3.96
CA VAL A 115 20.40 -46.28 4.36
C VAL A 115 20.40 -46.49 5.87
N VAL A 116 20.05 -45.47 6.65
CA VAL A 116 19.99 -45.71 8.09
C VAL A 116 18.75 -46.51 8.40
N ALA A 117 17.72 -46.43 7.54
CA ALA A 117 16.57 -47.30 7.64
C ALA A 117 16.91 -48.77 7.44
N SER A 118 18.16 -49.10 7.14
CA SER A 118 18.59 -50.48 7.10
C SER A 118 19.58 -50.85 8.19
N ASN A 119 20.19 -49.88 8.86
CA ASN A 119 21.37 -50.20 9.67
C ASN A 119 21.17 -49.99 11.17
N VAL A 120 20.87 -48.78 11.62
CA VAL A 120 20.85 -48.46 13.05
C VAL A 120 19.40 -48.40 13.52
N PRO A 121 19.05 -49.05 14.64
CA PRO A 121 17.64 -49.07 15.07
C PRO A 121 17.12 -47.73 15.56
N LEU A 122 18.00 -46.79 15.88
CA LEU A 122 17.58 -45.53 16.49
C LEU A 122 16.72 -44.71 15.56
N VAL A 123 16.96 -44.79 14.25
CA VAL A 123 16.14 -44.01 13.32
C VAL A 123 14.75 -44.62 13.17
N GLU A 124 14.64 -45.95 13.09
CA GLU A 124 13.32 -46.56 12.98
C GLU A 124 12.50 -46.33 14.23
N GLU A 125 13.11 -46.50 15.42
CA GLU A 125 12.33 -46.29 16.64
C GLU A 125 11.92 -44.83 16.80
N HIS A 126 12.53 -43.92 16.06
CA HIS A 126 12.08 -42.53 15.97
C HIS A 126 11.26 -42.27 14.72
N THR A 127 11.09 -43.25 13.84
CA THR A 127 10.32 -43.03 12.62
C THR A 127 9.34 -44.15 12.27
N ARG A 128 9.25 -45.21 13.07
CA ARG A 128 8.34 -46.30 12.70
C ARG A 128 6.89 -45.91 12.88
N ASP A 129 6.59 -45.02 13.84
CA ASP A 129 5.21 -44.62 14.05
C ASP A 129 4.70 -43.75 12.92
N VAL A 130 5.55 -42.90 12.35
CA VAL A 130 5.16 -42.09 11.20
C VAL A 130 5.34 -42.86 9.90
N ALA A 131 6.07 -43.98 9.91
CA ALA A 131 6.25 -44.73 8.68
C ALA A 131 4.97 -45.40 8.21
N HIS A 132 3.97 -45.51 9.08
CA HIS A 132 2.80 -46.33 8.83
C HIS A 132 1.52 -45.64 9.28
N MET A 133 1.25 -44.42 8.79
CA MET A 133 -0.08 -43.87 9.00
C MET A 133 -1.15 -44.76 8.40
N ASP A 134 -2.29 -44.80 9.06
CA ASP A 134 -3.47 -45.43 8.48
C ASP A 134 -3.81 -44.72 7.18
N PRO A 135 -4.23 -45.46 6.14
CA PRO A 135 -4.57 -44.80 4.88
C PRO A 135 -5.71 -43.80 4.98
N HIS A 136 -6.58 -43.95 5.99
CA HIS A 136 -7.75 -43.09 6.11
C HIS A 136 -7.34 -41.63 6.31
N VAL A 137 -6.35 -41.38 7.18
CA VAL A 137 -5.95 -40.00 7.42
C VAL A 137 -5.36 -39.40 6.15
N LEU A 138 -4.64 -40.19 5.37
CA LEU A 138 -4.05 -39.69 4.14
C LEU A 138 -5.15 -39.30 3.16
N LEU A 139 -6.01 -40.26 2.80
CA LEU A 139 -7.05 -40.00 1.82
C LEU A 139 -8.12 -39.04 2.31
N GLN A 140 -8.17 -38.74 3.61
CA GLN A 140 -9.18 -37.81 4.10
C GLN A 140 -8.63 -36.42 4.42
N ILE A 141 -7.32 -36.27 4.59
CA ILE A 141 -6.72 -35.00 4.95
C ILE A 141 -5.87 -34.44 3.81
N PHE A 142 -4.93 -35.24 3.30
CA PHE A 142 -3.95 -34.68 2.38
C PHE A 142 -4.55 -34.40 1.01
N LEU A 143 -5.40 -35.30 0.51
CA LEU A 143 -6.03 -35.05 -0.78
C LEU A 143 -6.93 -33.82 -0.79
N PRO A 144 -7.84 -33.61 0.17
CA PRO A 144 -8.68 -32.40 0.09
C PRO A 144 -7.90 -31.10 0.11
N VAL A 145 -6.86 -30.99 0.94
CA VAL A 145 -6.15 -29.73 1.04
C VAL A 145 -5.35 -29.45 -0.23
N LEU A 146 -4.71 -30.47 -0.80
CA LEU A 146 -3.96 -30.28 -2.03
C LEU A 146 -4.88 -29.91 -3.19
N ILE A 147 -5.99 -30.63 -3.33
CA ILE A 147 -6.90 -30.34 -4.43
C ILE A 147 -7.53 -28.97 -4.25
N PHE A 148 -7.84 -28.60 -3.00
CA PHE A 148 -8.41 -27.28 -2.74
C PHE A 148 -7.41 -26.17 -3.05
N GLU A 149 -6.14 -26.38 -2.72
CA GLU A 149 -5.15 -25.34 -3.00
C GLU A 149 -4.90 -25.22 -4.49
N SER A 150 -4.91 -26.35 -5.20
CA SER A 150 -4.77 -26.30 -6.65
C SER A 150 -5.92 -25.54 -7.30
N ALA A 151 -7.06 -25.45 -6.63
CA ALA A 151 -8.23 -24.76 -7.14
C ALA A 151 -8.46 -23.40 -6.51
N PHE A 152 -7.56 -22.93 -5.65
CA PHE A 152 -7.81 -21.68 -4.93
C PHE A 152 -7.10 -20.48 -5.52
N ALA A 153 -5.99 -20.68 -6.22
CA ALA A 153 -5.22 -19.59 -6.80
C ALA A 153 -5.59 -19.32 -8.25
N MET A 154 -6.84 -19.52 -8.62
CA MET A 154 -7.27 -19.40 -10.01
C MET A 154 -7.63 -17.96 -10.35
N ASP A 155 -7.48 -17.63 -11.62
CA ASP A 155 -8.03 -16.42 -12.21
C ASP A 155 -9.39 -16.81 -12.80
N VAL A 156 -10.46 -16.49 -12.07
CA VAL A 156 -11.77 -17.04 -12.38
C VAL A 156 -12.32 -16.51 -13.71
N HIS A 157 -12.05 -15.24 -14.03
CA HIS A 157 -12.62 -14.65 -15.23
C HIS A 157 -11.99 -15.27 -16.48
N THR A 158 -10.66 -15.41 -16.48
CA THR A 158 -10.00 -16.06 -17.61
C THR A 158 -10.38 -17.53 -17.70
N PHE A 159 -10.62 -18.18 -16.57
CA PHE A 159 -11.07 -19.57 -16.60
C PHE A 159 -12.45 -19.69 -17.22
N MET A 160 -13.38 -18.82 -16.84
CA MET A 160 -14.73 -18.86 -17.40
C MET A 160 -14.80 -18.27 -18.80
N ARG A 161 -13.72 -17.66 -19.29
CA ARG A 161 -13.68 -17.23 -20.68
C ARG A 161 -13.78 -18.41 -21.62
N SER A 162 -13.09 -19.51 -21.31
CA SER A 162 -13.06 -20.68 -22.17
C SER A 162 -13.22 -21.95 -21.33
N PHE A 163 -14.20 -21.95 -20.43
CA PHE A 163 -14.42 -23.10 -19.56
C PHE A 163 -14.84 -24.33 -20.34
N SER A 164 -15.73 -24.16 -21.32
CA SER A 164 -16.29 -25.31 -22.04
C SER A 164 -15.22 -26.06 -22.80
N GLN A 165 -14.36 -25.32 -23.52
CA GLN A 165 -13.33 -25.94 -24.33
C GLN A 165 -12.34 -26.72 -23.47
N VAL A 166 -11.89 -26.09 -22.38
CA VAL A 166 -10.89 -26.74 -21.54
C VAL A 166 -11.49 -27.95 -20.82
N CYS A 167 -12.76 -27.88 -20.42
CA CYS A 167 -13.31 -29.02 -19.70
C CYS A 167 -13.58 -30.19 -20.63
N ILE A 168 -14.05 -29.92 -21.85
CA ILE A 168 -14.28 -31.03 -22.77
C ILE A 168 -12.96 -31.65 -23.21
N LEU A 169 -11.94 -30.83 -23.44
CA LEU A 169 -10.64 -31.37 -23.81
C LEU A 169 -10.04 -32.17 -22.66
N ALA A 170 -10.20 -31.67 -21.42
CA ALA A 170 -9.68 -32.38 -20.26
C ALA A 170 -10.37 -33.72 -20.06
N LEU A 171 -11.70 -33.76 -20.21
CA LEU A 171 -12.41 -35.02 -20.01
C LEU A 171 -12.04 -36.02 -21.10
N PHE A 172 -11.93 -35.55 -22.34
CA PHE A 172 -11.49 -36.44 -23.43
C PHE A 172 -10.10 -36.99 -23.14
N GLY A 173 -9.17 -36.13 -22.72
CA GLY A 173 -7.82 -36.58 -22.45
C GLY A 173 -7.74 -37.57 -21.31
N LEU A 174 -8.51 -37.34 -20.24
CA LEU A 174 -8.43 -38.24 -19.11
C LEU A 174 -9.07 -39.59 -19.44
N VAL A 175 -10.19 -39.59 -20.18
CA VAL A 175 -10.80 -40.89 -20.48
C VAL A 175 -9.92 -41.70 -21.44
N VAL A 176 -9.29 -41.04 -22.42
CA VAL A 176 -8.44 -41.81 -23.32
C VAL A 176 -7.17 -42.27 -22.61
N ALA A 177 -6.61 -41.43 -21.72
CA ALA A 177 -5.43 -41.84 -20.97
C ALA A 177 -5.75 -42.98 -20.03
N SER A 178 -6.97 -43.01 -19.48
CA SER A 178 -7.38 -44.14 -18.65
C SER A 178 -7.53 -45.41 -19.48
N VAL A 179 -8.18 -45.30 -20.64
CA VAL A 179 -8.53 -46.53 -21.36
C VAL A 179 -7.32 -47.12 -22.09
N LEU A 180 -6.36 -46.31 -22.51
CA LEU A 180 -5.19 -46.85 -23.19
C LEU A 180 -4.17 -47.50 -22.26
N THR A 181 -4.38 -47.43 -20.94
CA THR A 181 -3.44 -48.07 -20.02
C THR A 181 -3.61 -49.58 -19.97
N ALA A 182 -4.83 -50.08 -20.24
CA ALA A 182 -5.09 -51.51 -20.10
C ALA A 182 -4.32 -52.33 -21.13
N VAL A 183 -4.26 -51.84 -22.38
CA VAL A 183 -3.59 -52.60 -23.43
C VAL A 183 -2.09 -52.69 -23.18
N LEU A 184 -1.48 -51.59 -22.72
CA LEU A 184 -0.05 -51.65 -22.40
C LEU A 184 0.20 -52.45 -21.14
N ALA A 185 -0.74 -52.43 -20.18
CA ALA A 185 -0.59 -53.26 -18.99
C ALA A 185 -0.62 -54.75 -19.34
N MET A 186 -1.52 -55.14 -20.24
CA MET A 186 -1.59 -56.55 -20.63
C MET A 186 -0.44 -56.95 -21.54
N ASN A 187 0.02 -56.06 -22.41
CA ASN A 187 1.13 -56.37 -23.29
C ASN A 187 2.48 -56.32 -22.57
N LEU A 188 2.55 -55.66 -21.43
CA LEU A 188 3.82 -55.53 -20.72
C LEU A 188 3.99 -56.62 -19.66
N PHE A 189 3.07 -56.66 -18.68
CA PHE A 189 3.27 -57.52 -17.53
C PHE A 189 3.02 -58.99 -17.85
N ASN A 190 1.88 -59.27 -18.50
CA ASN A 190 1.40 -60.64 -18.71
C ASN A 190 1.28 -61.40 -17.40
N TYR A 191 0.88 -60.69 -16.35
CA TYR A 191 0.72 -61.25 -15.03
C TYR A 191 -0.75 -61.53 -14.76
N ASN A 192 -1.06 -61.95 -13.53
CA ASN A 192 -2.45 -62.20 -13.13
C ASN A 192 -3.12 -60.91 -12.66
N TRP A 193 -3.10 -59.93 -13.55
CA TRP A 193 -3.67 -58.60 -13.28
C TRP A 193 -4.94 -58.45 -14.09
N ASN A 194 -6.06 -58.20 -13.41
CA ASN A 194 -7.33 -58.04 -14.07
C ASN A 194 -7.40 -56.67 -14.75
N PHE A 195 -8.55 -56.37 -15.34
CA PHE A 195 -8.81 -55.03 -15.84
C PHE A 195 -8.82 -54.01 -14.70
N SER A 196 -9.16 -54.47 -13.50
CA SER A 196 -9.17 -53.59 -12.32
C SER A 196 -7.77 -53.09 -11.98
N GLU A 197 -6.76 -53.96 -12.08
CA GLU A 197 -5.39 -53.52 -11.87
C GLU A 197 -4.97 -52.50 -12.91
N ALA A 198 -5.42 -52.69 -14.15
CA ALA A 198 -5.16 -51.71 -15.19
C ALA A 198 -5.80 -50.37 -14.86
N MET A 199 -7.02 -50.39 -14.33
CA MET A 199 -7.67 -49.14 -13.92
C MET A 199 -6.93 -48.49 -12.76
N MET A 200 -6.45 -49.28 -11.81
CA MET A 200 -5.59 -48.76 -10.74
C MET A 200 -4.39 -48.03 -11.32
N PHE A 201 -3.67 -48.69 -12.23
CA PHE A 201 -2.46 -48.11 -12.79
C PHE A 201 -2.80 -46.85 -13.59
N GLY A 202 -3.88 -46.88 -14.36
CA GLY A 202 -4.27 -45.71 -15.13
C GLY A 202 -4.66 -44.54 -14.26
N ALA A 203 -5.33 -44.82 -13.14
CA ALA A 203 -5.66 -43.76 -12.19
C ALA A 203 -4.41 -43.16 -11.58
N ILE A 204 -3.42 -43.99 -11.27
CA ILE A 204 -2.17 -43.47 -10.69
C ILE A 204 -1.45 -42.60 -11.70
N MET A 205 -1.28 -43.10 -12.93
CA MET A 205 -0.41 -42.45 -13.90
C MET A 205 -0.98 -41.17 -14.50
N SER A 206 -2.29 -40.93 -14.36
CA SER A 206 -2.92 -39.80 -15.02
C SER A 206 -2.93 -38.53 -14.18
N ALA A 207 -2.33 -38.56 -12.99
CA ALA A 207 -2.29 -37.37 -12.13
C ALA A 207 -1.43 -36.29 -12.76
N THR A 208 -1.76 -35.03 -12.45
CA THR A 208 -1.05 -33.89 -13.01
C THR A 208 -0.74 -32.89 -11.91
N ASP A 209 0.33 -32.11 -12.12
CA ASP A 209 0.74 -31.06 -11.21
C ASP A 209 1.29 -29.89 -12.00
N PRO A 210 0.60 -28.75 -12.02
CA PRO A 210 1.03 -27.61 -12.84
C PRO A 210 1.87 -26.55 -12.13
N VAL A 211 2.24 -26.77 -10.87
CA VAL A 211 2.81 -25.70 -10.04
C VAL A 211 4.16 -25.25 -10.59
N ALA A 212 5.05 -26.20 -10.86
CA ALA A 212 6.41 -25.85 -11.29
C ALA A 212 6.41 -25.17 -12.65
N VAL A 213 5.64 -25.72 -13.60
CA VAL A 213 5.65 -25.16 -14.95
C VAL A 213 5.01 -23.77 -14.97
N VAL A 214 3.94 -23.57 -14.20
CA VAL A 214 3.33 -22.25 -14.19
C VAL A 214 4.24 -21.27 -13.47
N ALA A 215 4.96 -21.72 -12.43
CA ALA A 215 5.89 -20.84 -11.74
C ALA A 215 7.01 -20.39 -12.67
N LEU A 216 7.56 -21.32 -13.45
CA LEU A 216 8.65 -20.96 -14.34
C LEU A 216 8.17 -20.10 -15.51
N LEU A 217 6.94 -20.33 -15.98
CA LEU A 217 6.48 -19.49 -17.10
C LEU A 217 6.09 -18.10 -16.63
N LYS A 218 5.68 -17.96 -15.36
CA LYS A 218 5.57 -16.62 -14.79
C LYS A 218 6.95 -16.00 -14.60
N ASP A 219 7.94 -16.81 -14.23
CA ASP A 219 9.32 -16.33 -14.19
C ASP A 219 9.79 -15.85 -15.55
N LEU A 220 9.22 -16.39 -16.62
CA LEU A 220 9.55 -15.97 -17.97
C LEU A 220 8.54 -15.01 -18.57
N GLY A 221 7.29 -15.03 -18.11
CA GLY A 221 6.29 -14.09 -18.58
C GLY A 221 5.93 -14.24 -20.05
N ALA A 222 5.71 -15.48 -20.49
CA ALA A 222 5.40 -15.72 -21.90
C ALA A 222 3.98 -15.28 -22.23
N SER A 223 2.98 -15.88 -21.58
CA SER A 223 1.59 -15.58 -21.87
C SER A 223 0.76 -15.76 -20.60
N LYS A 224 -0.44 -15.19 -20.62
CA LYS A 224 -1.34 -15.22 -19.48
C LYS A 224 -2.44 -16.28 -19.63
N GLN A 225 -3.11 -16.31 -20.78
CA GLN A 225 -4.17 -17.29 -20.99
C GLN A 225 -3.62 -18.72 -21.02
N LEU A 226 -2.39 -18.87 -21.52
CA LEU A 226 -1.73 -20.17 -21.51
C LEU A 226 -1.57 -20.70 -20.10
N GLY A 227 -1.04 -19.87 -19.21
CA GLY A 227 -0.80 -20.31 -17.84
C GLY A 227 -2.09 -20.67 -17.12
N THR A 228 -3.14 -19.88 -17.34
CA THR A 228 -4.38 -20.16 -16.62
C THR A 228 -5.08 -21.39 -17.15
N ILE A 229 -5.02 -21.66 -18.46
CA ILE A 229 -5.63 -22.90 -18.93
C ILE A 229 -4.80 -24.11 -18.50
N ILE A 230 -3.47 -23.94 -18.45
CA ILE A 230 -2.58 -25.02 -18.00
C ILE A 230 -2.85 -25.37 -16.55
N GLU A 231 -3.02 -24.35 -15.71
CA GLU A 231 -3.38 -24.60 -14.33
C GLU A 231 -4.84 -25.00 -14.18
N GLY A 232 -5.66 -24.78 -15.22
CA GLY A 232 -7.06 -25.13 -15.13
C GLY A 232 -7.34 -26.61 -15.33
N GLU A 233 -6.81 -27.20 -16.42
CA GLU A 233 -7.28 -28.54 -16.75
C GLU A 233 -6.79 -29.58 -15.75
N SER A 234 -5.72 -29.28 -15.00
CA SER A 234 -5.21 -30.21 -14.01
C SER A 234 -6.22 -30.48 -12.90
N LEU A 235 -7.05 -29.49 -12.59
CA LEU A 235 -8.09 -29.67 -11.58
C LEU A 235 -9.07 -30.76 -12.00
N LEU A 236 -9.58 -30.67 -13.23
CA LEU A 236 -10.53 -31.66 -13.71
C LEU A 236 -9.86 -33.01 -13.84
N ASN A 237 -8.60 -33.04 -14.29
CA ASN A 237 -7.86 -34.29 -14.39
C ASN A 237 -7.76 -34.97 -13.03
N ASP A 238 -7.36 -34.21 -12.00
CA ASP A 238 -7.17 -34.79 -10.68
C ASP A 238 -8.50 -35.23 -10.06
N GLY A 239 -9.55 -34.43 -10.24
CA GLY A 239 -10.84 -34.80 -9.69
C GLY A 239 -11.40 -36.07 -10.33
N CYS A 240 -11.36 -36.15 -11.65
CA CYS A 240 -11.85 -37.35 -12.31
C CYS A 240 -10.98 -38.56 -11.99
N ALA A 241 -9.67 -38.35 -11.87
CA ALA A 241 -8.77 -39.45 -11.53
C ALA A 241 -9.08 -40.01 -10.15
N ILE A 242 -9.28 -39.14 -9.16
CA ILE A 242 -9.57 -39.64 -7.82
C ILE A 242 -10.95 -40.28 -7.79
N VAL A 243 -11.91 -39.76 -8.57
CA VAL A 243 -13.24 -40.37 -8.61
C VAL A 243 -13.15 -41.80 -9.15
N ILE A 244 -12.50 -41.96 -10.30
CA ILE A 244 -12.40 -43.27 -10.94
C ILE A 244 -11.60 -44.24 -10.08
N PHE A 245 -10.49 -43.75 -9.51
CA PHE A 245 -9.70 -44.58 -8.60
C PHE A 245 -10.55 -45.07 -7.45
N ASN A 246 -11.31 -44.18 -6.83
CA ASN A 246 -11.94 -44.54 -5.58
C ASN A 246 -13.12 -45.48 -5.82
N VAL A 247 -13.86 -45.28 -6.91
CA VAL A 247 -14.93 -46.22 -7.21
C VAL A 247 -14.36 -47.60 -7.54
N PHE A 248 -13.29 -47.65 -8.35
CA PHE A 248 -12.71 -48.95 -8.66
C PHE A 248 -12.06 -49.59 -7.44
N MET A 249 -11.56 -48.78 -6.51
CA MET A 249 -10.94 -49.32 -5.30
C MET A 249 -11.98 -49.93 -4.39
N LYS A 250 -13.13 -49.26 -4.23
CA LYS A 250 -14.22 -49.89 -3.49
C LYS A 250 -14.70 -51.16 -4.20
N MET A 251 -14.60 -51.19 -5.53
CA MET A 251 -14.97 -52.40 -6.25
C MET A 251 -13.99 -53.53 -5.96
N VAL A 252 -12.69 -53.23 -5.83
CA VAL A 252 -11.69 -54.29 -5.78
C VAL A 252 -11.51 -54.82 -4.36
N PHE A 253 -11.04 -53.97 -3.44
CA PHE A 253 -10.59 -54.45 -2.14
C PHE A 253 -11.74 -54.78 -1.20
N PHE A 254 -12.97 -54.42 -1.55
CA PHE A 254 -14.16 -54.81 -0.79
C PHE A 254 -15.15 -55.42 -1.75
N PRO A 255 -14.91 -56.66 -2.20
CA PRO A 255 -15.80 -57.28 -3.19
C PRO A 255 -17.19 -57.57 -2.67
N GLN A 256 -17.40 -57.55 -1.36
CA GLN A 256 -18.71 -57.83 -0.79
C GLN A 256 -19.74 -56.75 -1.10
N LEU A 257 -19.31 -55.59 -1.58
CA LEU A 257 -20.23 -54.50 -1.88
C LEU A 257 -21.03 -54.81 -3.14
N THR A 258 -22.20 -54.17 -3.24
CA THR A 258 -23.08 -54.37 -4.38
C THR A 258 -22.54 -53.67 -5.62
N SER A 259 -22.45 -54.41 -6.73
CA SER A 259 -21.90 -53.89 -7.98
C SER A 259 -22.90 -53.96 -9.12
N THR A 260 -24.19 -53.80 -8.81
CA THR A 260 -25.20 -53.80 -9.86
C THR A 260 -25.14 -52.48 -10.64
N VAL A 261 -25.64 -52.55 -11.88
CA VAL A 261 -25.59 -51.38 -12.76
C VAL A 261 -26.51 -50.27 -12.27
N GLY A 262 -27.67 -50.65 -11.69
CA GLY A 262 -28.59 -49.63 -11.20
C GLY A 262 -28.02 -48.85 -10.03
N GLN A 263 -27.42 -49.56 -9.07
CA GLN A 263 -26.78 -48.88 -7.94
C GLN A 263 -25.59 -48.04 -8.41
N ASN A 264 -24.83 -48.56 -9.38
CA ASN A 264 -23.69 -47.81 -9.90
C ASN A 264 -24.12 -46.52 -10.58
N VAL A 265 -25.19 -46.56 -11.38
CA VAL A 265 -25.62 -45.35 -12.06
C VAL A 265 -26.30 -44.40 -11.07
N LEU A 266 -26.94 -44.93 -10.02
CA LEU A 266 -27.49 -44.06 -8.98
C LEU A 266 -26.37 -43.33 -8.24
N TYR A 267 -25.29 -44.05 -7.92
CA TYR A 267 -24.13 -43.42 -7.32
C TYR A 267 -23.51 -42.38 -8.24
N PHE A 268 -23.45 -42.69 -9.53
CA PHE A 268 -22.86 -41.76 -10.49
C PHE A 268 -23.68 -40.47 -10.60
N LEU A 269 -24.99 -40.64 -10.73
CA LEU A 269 -25.85 -39.49 -10.93
C LEU A 269 -26.04 -38.72 -9.65
N GLN A 270 -26.15 -39.43 -8.53
CA GLN A 270 -26.41 -38.74 -7.28
C GLN A 270 -25.38 -37.63 -7.11
N VAL A 271 -24.11 -37.98 -6.93
CA VAL A 271 -23.07 -36.98 -6.70
C VAL A 271 -23.00 -36.00 -7.86
N ALA A 272 -23.11 -36.49 -9.08
CA ALA A 272 -23.00 -35.63 -10.24
C ALA A 272 -23.95 -34.44 -10.14
N VAL A 273 -25.20 -34.69 -9.78
CA VAL A 273 -26.18 -33.59 -9.75
C VAL A 273 -26.23 -32.88 -8.40
N ALA A 274 -25.77 -33.56 -7.36
CA ALA A 274 -25.89 -32.99 -6.02
C ALA A 274 -24.69 -32.26 -5.47
N GLY A 275 -23.54 -32.92 -5.42
CA GLY A 275 -22.45 -32.23 -4.77
C GLY A 275 -22.16 -30.82 -5.27
N PRO A 276 -22.05 -30.64 -6.59
CA PRO A 276 -21.84 -29.28 -7.11
C PRO A 276 -22.95 -28.31 -6.75
N LEU A 277 -24.21 -28.73 -6.80
CA LEU A 277 -25.28 -27.81 -6.44
C LEU A 277 -25.32 -27.56 -4.94
N TRP A 278 -24.97 -28.57 -4.12
CA TRP A 278 -24.88 -28.35 -2.68
C TRP A 278 -23.79 -27.33 -2.35
N GLY A 279 -22.64 -27.44 -3.02
CA GLY A 279 -21.59 -26.46 -2.83
C GLY A 279 -21.98 -25.08 -3.32
N TYR A 280 -22.71 -25.03 -4.45
CA TYR A 280 -23.21 -23.75 -4.95
C TYR A 280 -24.14 -23.08 -3.94
N ALA A 281 -25.04 -23.86 -3.36
CA ALA A 281 -25.98 -23.31 -2.39
C ALA A 281 -25.26 -22.81 -1.14
N VAL A 282 -24.31 -23.59 -0.63
CA VAL A 282 -23.62 -23.16 0.59
C VAL A 282 -22.74 -21.95 0.31
N ALA A 283 -22.13 -21.87 -0.88
CA ALA A 283 -21.35 -20.69 -1.21
C ALA A 283 -22.22 -19.45 -1.33
N LYS A 284 -23.40 -19.59 -1.97
CA LYS A 284 -24.29 -18.45 -2.10
C LYS A 284 -24.78 -17.96 -0.74
N VAL A 285 -25.16 -18.88 0.14
CA VAL A 285 -25.68 -18.44 1.43
C VAL A 285 -24.57 -17.84 2.28
N THR A 286 -23.34 -18.38 2.20
CA THR A 286 -22.28 -17.80 3.02
C THR A 286 -21.81 -16.46 2.47
N VAL A 287 -21.87 -16.24 1.15
CA VAL A 287 -21.48 -14.93 0.67
C VAL A 287 -22.59 -13.91 0.94
N PHE A 288 -23.86 -14.35 0.94
CA PHE A 288 -24.93 -13.44 1.33
C PHE A 288 -24.80 -13.05 2.80
N PHE A 289 -24.43 -14.01 3.65
CA PHE A 289 -24.16 -13.68 5.04
C PHE A 289 -22.97 -12.74 5.19
N LEU A 290 -21.92 -12.97 4.38
CA LEU A 290 -20.73 -12.13 4.45
C LEU A 290 -21.01 -10.71 3.98
N SER A 291 -22.01 -10.54 3.11
CA SER A 291 -22.32 -9.21 2.58
C SER A 291 -22.83 -8.23 3.63
N HIS A 292 -23.20 -8.70 4.82
CA HIS A 292 -23.73 -7.83 5.87
C HIS A 292 -22.69 -7.47 6.92
N ILE A 293 -21.41 -7.43 6.55
CA ILE A 293 -20.32 -7.14 7.48
C ILE A 293 -19.59 -5.90 7.00
N PHE A 294 -19.36 -4.96 7.91
CA PHE A 294 -18.74 -3.68 7.58
C PHE A 294 -17.68 -3.36 8.61
N ASN A 295 -16.43 -3.24 8.15
CA ASN A 295 -15.30 -2.81 8.98
C ASN A 295 -15.09 -3.70 10.20
N ASP A 296 -15.26 -5.00 10.01
CA ASP A 296 -14.91 -5.98 11.02
C ASP A 296 -13.81 -6.87 10.46
N ALA A 297 -13.00 -7.43 11.36
CA ALA A 297 -11.78 -8.13 10.97
C ALA A 297 -11.81 -9.62 11.23
N LEU A 298 -12.48 -10.07 12.29
CA LEU A 298 -12.34 -11.47 12.70
C LEU A 298 -13.44 -12.34 12.12
N VAL A 299 -14.65 -11.81 12.05
CA VAL A 299 -15.83 -12.65 11.82
C VAL A 299 -15.78 -13.26 10.42
N GLU A 300 -15.22 -12.54 9.45
CA GLU A 300 -15.24 -13.06 8.08
C GLU A 300 -14.28 -14.23 7.91
N ILE A 301 -13.07 -14.15 8.46
CA ILE A 301 -12.16 -15.29 8.41
C ILE A 301 -12.72 -16.46 9.21
N THR A 302 -13.27 -16.18 10.40
CA THR A 302 -13.81 -17.26 11.22
C THR A 302 -14.94 -17.98 10.50
N ILE A 303 -15.86 -17.21 9.92
CA ILE A 303 -17.00 -17.82 9.25
C ILE A 303 -16.59 -18.51 7.95
N THR A 304 -15.57 -18.01 7.26
CA THR A 304 -15.13 -18.67 6.04
C THR A 304 -14.50 -20.02 6.34
N LEU A 305 -13.64 -20.06 7.35
CA LEU A 305 -13.03 -21.33 7.75
C LEU A 305 -14.09 -22.32 8.22
N ALA A 306 -15.04 -21.85 9.03
CA ALA A 306 -16.09 -22.73 9.52
C ALA A 306 -16.94 -23.26 8.38
N ALA A 307 -17.29 -22.40 7.42
CA ALA A 307 -18.10 -22.83 6.29
C ALA A 307 -17.36 -23.85 5.42
N THR A 308 -16.07 -23.62 5.18
CA THR A 308 -15.31 -24.57 4.38
C THR A 308 -15.23 -25.93 5.05
N TYR A 309 -14.95 -25.95 6.36
CA TYR A 309 -14.90 -27.26 7.03
C TYR A 309 -16.26 -27.93 7.04
N LEU A 310 -17.32 -27.18 7.32
CA LEU A 310 -18.65 -27.79 7.39
C LEU A 310 -19.07 -28.35 6.03
N THR A 311 -18.74 -27.62 4.96
CA THR A 311 -19.01 -28.12 3.63
C THR A 311 -18.27 -29.41 3.36
N TYR A 312 -16.98 -29.46 3.71
CA TYR A 312 -16.21 -30.68 3.48
C TYR A 312 -16.77 -31.84 4.29
N TYR A 313 -17.15 -31.58 5.54
CA TYR A 313 -17.64 -32.66 6.39
C TYR A 313 -18.97 -33.21 5.90
N ILE A 314 -19.90 -32.32 5.54
CA ILE A 314 -21.19 -32.78 5.01
C ILE A 314 -20.99 -33.53 3.69
N GLY A 315 -20.12 -33.02 2.82
CA GLY A 315 -19.84 -33.71 1.58
C GLY A 315 -19.26 -35.10 1.82
N ASP A 316 -18.35 -35.23 2.78
CA ASP A 316 -17.74 -36.53 3.04
C ASP A 316 -18.74 -37.50 3.66
N ILE A 317 -19.58 -37.02 4.58
CA ILE A 317 -20.53 -37.92 5.22
C ILE A 317 -21.65 -38.31 4.26
N TRP A 318 -21.89 -37.50 3.23
CA TRP A 318 -22.88 -37.91 2.24
C TRP A 318 -22.22 -38.96 1.39
N LEU A 319 -21.19 -38.59 0.64
CA LEU A 319 -20.46 -39.54 -0.16
C LEU A 319 -18.98 -39.45 0.19
N GLU A 320 -18.31 -40.60 0.20
CA GLU A 320 -16.88 -40.60 0.52
C GLU A 320 -16.07 -39.90 -0.56
N VAL A 321 -16.61 -39.73 -1.77
CA VAL A 321 -15.90 -39.15 -2.88
C VAL A 321 -16.31 -37.71 -3.12
N SER A 322 -17.60 -37.38 -2.95
CA SER A 322 -18.15 -36.11 -3.40
C SER A 322 -17.59 -34.91 -2.65
N GLY A 323 -16.93 -35.12 -1.50
CA GLY A 323 -16.42 -34.00 -0.73
C GLY A 323 -15.40 -33.19 -1.49
N VAL A 324 -14.54 -33.86 -2.27
CA VAL A 324 -13.50 -33.15 -3.01
C VAL A 324 -14.12 -32.27 -4.10
N LEU A 325 -15.14 -32.77 -4.80
CA LEU A 325 -15.79 -31.96 -5.82
C LEU A 325 -16.53 -30.79 -5.19
N ALA A 326 -17.14 -31.02 -4.03
CA ALA A 326 -17.83 -29.95 -3.33
C ALA A 326 -16.87 -28.84 -2.91
N VAL A 327 -15.70 -29.20 -2.37
CA VAL A 327 -14.80 -28.15 -1.93
C VAL A 327 -14.17 -27.45 -3.14
N VAL A 328 -14.00 -28.17 -4.26
CA VAL A 328 -13.51 -27.51 -5.47
C VAL A 328 -14.50 -26.46 -5.94
N VAL A 329 -15.79 -26.81 -5.98
CA VAL A 329 -16.77 -25.84 -6.47
C VAL A 329 -16.89 -24.68 -5.49
N LEU A 330 -16.76 -24.95 -4.17
CA LEU A 330 -16.80 -23.86 -3.21
C LEU A 330 -15.62 -22.93 -3.38
N GLY A 331 -14.43 -23.49 -3.60
CA GLY A 331 -13.26 -22.66 -3.80
C GLY A 331 -13.36 -21.80 -5.04
N LEU A 332 -13.86 -22.37 -6.13
CA LEU A 332 -13.94 -21.59 -7.36
C LEU A 332 -15.02 -20.53 -7.28
N ILE A 333 -16.09 -20.76 -6.50
CA ILE A 333 -17.08 -19.70 -6.30
C ILE A 333 -16.52 -18.60 -5.40
N VAL A 334 -15.89 -18.96 -4.29
CA VAL A 334 -15.46 -17.92 -3.35
C VAL A 334 -14.29 -17.13 -3.94
N ASN A 335 -13.45 -17.77 -4.75
CA ASN A 335 -12.44 -17.02 -5.48
C ASN A 335 -13.02 -16.18 -6.59
N ALA A 336 -14.26 -16.48 -7.02
CA ALA A 336 -14.91 -15.66 -8.03
C ALA A 336 -15.49 -14.39 -7.48
N GLU A 337 -15.53 -14.22 -6.16
CA GLU A 337 -16.01 -13.00 -5.54
C GLU A 337 -14.86 -12.30 -4.82
N LYS A 338 -14.63 -11.04 -5.19
CA LYS A 338 -13.63 -10.20 -4.52
C LYS A 338 -14.20 -8.86 -4.07
N THR A 339 -15.34 -8.44 -4.60
CA THR A 339 -15.83 -7.09 -4.36
C THR A 339 -16.38 -6.91 -2.95
N SER A 340 -17.05 -7.92 -2.42
CA SER A 340 -17.71 -7.80 -1.13
C SER A 340 -16.82 -8.17 0.04
N ILE A 341 -15.53 -8.41 -0.20
CA ILE A 341 -14.59 -8.78 0.86
C ILE A 341 -13.39 -7.85 0.80
N SER A 342 -12.88 -7.49 1.98
CA SER A 342 -11.77 -6.56 2.07
C SER A 342 -10.48 -7.23 1.56
N PRO A 343 -9.58 -6.46 0.93
CA PRO A 343 -8.38 -7.08 0.32
C PRO A 343 -7.49 -7.83 1.30
N GLU A 344 -7.36 -7.32 2.52
CA GLU A 344 -6.52 -7.95 3.53
C GLU A 344 -7.02 -9.36 3.84
N VAL A 345 -8.34 -9.56 3.80
CA VAL A 345 -8.91 -10.85 4.13
C VAL A 345 -8.45 -11.91 3.14
N GLU A 346 -8.58 -11.64 1.84
CA GLU A 346 -8.21 -12.70 0.91
C GLU A 346 -6.70 -12.82 0.77
N VAL A 347 -5.92 -11.75 0.98
CA VAL A 347 -4.48 -11.97 0.91
C VAL A 347 -4.02 -12.83 2.09
N PHE A 348 -4.61 -12.61 3.27
CA PHE A 348 -4.30 -13.46 4.41
C PHE A 348 -4.74 -14.90 4.17
N LEU A 349 -5.94 -15.08 3.59
CA LEU A 349 -6.44 -16.42 3.36
C LEU A 349 -5.59 -17.17 2.34
N HIS A 350 -5.17 -16.47 1.28
CA HIS A 350 -4.29 -17.07 0.29
C HIS A 350 -2.98 -17.51 0.92
N ARG A 351 -2.40 -16.64 1.76
CA ARG A 351 -1.14 -16.98 2.40
C ARG A 351 -1.29 -18.21 3.32
N PHE A 352 -2.35 -18.24 4.11
CA PHE A 352 -2.57 -19.33 5.05
C PHE A 352 -2.73 -20.66 4.32
N TRP A 353 -3.62 -20.68 3.31
CA TRP A 353 -3.87 -21.91 2.59
C TRP A 353 -2.63 -22.38 1.83
N GLU A 354 -1.89 -21.45 1.23
CA GLU A 354 -0.69 -21.83 0.50
C GLU A 354 0.36 -22.41 1.44
N MET A 355 0.49 -21.86 2.65
CA MET A 355 1.44 -22.41 3.61
C MET A 355 1.06 -23.83 4.00
N LEU A 356 -0.24 -24.07 4.23
CA LEU A 356 -0.66 -25.44 4.55
C LEU A 356 -0.34 -26.41 3.42
N ALA A 357 -0.59 -25.99 2.18
CA ALA A 357 -0.30 -26.87 1.05
C ALA A 357 1.18 -27.18 0.93
N TYR A 358 2.03 -26.17 1.11
CA TYR A 358 3.47 -26.39 1.03
C TYR A 358 3.93 -27.37 2.10
N LEU A 359 3.43 -27.22 3.32
CA LEU A 359 3.82 -28.13 4.40
C LEU A 359 3.40 -29.56 4.07
N ALA A 360 2.18 -29.75 3.58
CA ALA A 360 1.72 -31.10 3.24
C ALA A 360 2.55 -31.71 2.12
N ASN A 361 2.87 -30.91 1.11
CA ASN A 361 3.65 -31.40 -0.03
C ASN A 361 5.03 -31.87 0.41
N THR A 362 5.70 -31.05 1.23
CA THR A 362 7.04 -31.44 1.70
C THR A 362 6.97 -32.71 2.52
N LEU A 363 5.98 -32.81 3.41
CA LEU A 363 5.88 -34.00 4.26
C LEU A 363 5.66 -35.25 3.43
N ILE A 364 4.75 -35.19 2.45
CA ILE A 364 4.45 -36.41 1.71
C ILE A 364 5.61 -36.82 0.79
N PHE A 365 6.34 -35.83 0.24
CA PHE A 365 7.46 -36.21 -0.61
C PHE A 365 8.59 -36.85 0.20
N MET A 366 8.91 -36.29 1.36
CA MET A 366 9.90 -36.95 2.21
C MET A 366 9.41 -38.32 2.66
N MET A 367 8.09 -38.44 2.87
CA MET A 367 7.52 -39.71 3.32
C MET A 367 7.74 -40.80 2.27
N VAL A 368 7.40 -40.51 1.01
CA VAL A 368 7.59 -41.53 -0.02
C VAL A 368 9.07 -41.79 -0.23
N GLY A 369 9.91 -40.76 -0.10
CA GLY A 369 11.35 -40.96 -0.29
C GLY A 369 11.93 -41.91 0.74
N VAL A 370 11.47 -41.83 1.99
CA VAL A 370 12.00 -42.74 3.01
C VAL A 370 11.37 -44.13 2.87
N VAL A 371 10.10 -44.21 2.47
CA VAL A 371 9.48 -45.54 2.49
C VAL A 371 9.88 -46.38 1.27
N VAL A 372 10.10 -45.76 0.11
CA VAL A 372 10.32 -46.55 -1.10
C VAL A 372 11.68 -47.25 -1.06
N THR A 373 12.65 -46.68 -0.35
CA THR A 373 13.97 -47.28 -0.28
C THR A 373 13.93 -48.60 0.47
N GLN A 374 13.30 -48.61 1.64
CA GLN A 374 13.19 -49.84 2.40
C GLN A 374 12.16 -50.81 1.81
N LYS A 375 11.21 -50.31 1.02
CA LYS A 375 10.18 -51.22 0.52
C LYS A 375 10.56 -51.83 -0.83
N ALA A 376 11.00 -51.02 -1.79
CA ALA A 376 11.27 -51.48 -3.15
C ALA A 376 12.69 -52.00 -3.32
N LEU A 377 13.35 -52.41 -2.24
CA LEU A 377 14.70 -52.94 -2.36
C LEU A 377 14.72 -54.34 -2.95
N VAL A 378 13.65 -55.11 -2.75
CA VAL A 378 13.65 -56.53 -3.12
C VAL A 378 13.01 -56.80 -4.47
N ALA A 379 12.27 -55.84 -5.04
CA ALA A 379 11.58 -56.06 -6.30
C ALA A 379 12.29 -55.44 -7.49
N VAL A 380 13.55 -55.02 -7.32
CA VAL A 380 14.28 -54.37 -8.39
C VAL A 380 14.66 -55.39 -9.46
N ASP A 381 14.50 -55.01 -10.73
CA ASP A 381 14.85 -55.88 -11.84
C ASP A 381 15.11 -55.03 -13.07
N LYS A 382 15.94 -55.57 -13.97
CA LYS A 382 16.32 -54.83 -15.17
C LYS A 382 15.16 -54.71 -16.15
N MET A 383 14.35 -55.76 -16.25
CA MET A 383 13.16 -55.69 -17.09
C MET A 383 12.20 -54.62 -16.59
N ASP A 384 12.11 -54.47 -15.26
CA ASP A 384 11.32 -53.38 -14.69
C ASP A 384 11.89 -52.02 -15.08
N TRP A 385 13.22 -51.92 -15.16
CA TRP A 385 13.83 -50.67 -15.61
C TRP A 385 13.48 -50.38 -17.05
N PHE A 386 13.49 -51.41 -17.91
CA PHE A 386 13.07 -51.22 -19.30
C PHE A 386 11.62 -50.79 -19.37
N TYR A 387 10.77 -51.35 -18.49
CA TYR A 387 9.38 -50.92 -18.43
C TYR A 387 9.27 -49.45 -18.03
N LEU A 388 10.09 -49.04 -17.06
CA LEU A 388 10.11 -47.63 -16.66
C LEU A 388 10.49 -46.73 -17.82
N ILE A 389 11.46 -47.18 -18.63
CA ILE A 389 11.84 -46.41 -19.81
C ILE A 389 10.67 -46.30 -20.78
N ILE A 390 9.94 -47.39 -20.99
CA ILE A 390 8.95 -47.37 -22.07
C ILE A 390 7.60 -46.76 -21.67
N LEU A 391 7.23 -46.75 -20.38
CA LEU A 391 6.03 -46.03 -19.98
C LEU A 391 6.15 -44.53 -20.23
N TYR A 392 7.35 -43.97 -20.07
CA TYR A 392 7.52 -42.54 -20.35
C TYR A 392 7.25 -42.22 -21.81
N LEU A 393 7.85 -42.99 -22.72
CA LEU A 393 7.62 -42.76 -24.14
C LEU A 393 6.16 -43.03 -24.49
N ALA A 394 5.55 -44.02 -23.84
CA ALA A 394 4.14 -44.32 -24.08
C ALA A 394 3.25 -43.15 -23.70
N ILE A 395 3.41 -42.62 -22.48
CA ILE A 395 2.56 -41.52 -22.03
C ILE A 395 2.79 -40.28 -22.88
N THR A 396 4.04 -39.98 -23.23
CA THR A 396 4.31 -38.81 -24.04
C THR A 396 3.69 -38.94 -25.43
N ILE A 397 3.81 -40.11 -26.06
CA ILE A 397 3.30 -40.25 -27.41
C ILE A 397 1.78 -40.24 -27.41
N ILE A 398 1.14 -40.85 -26.41
CA ILE A 398 -0.33 -40.86 -26.42
C ILE A 398 -0.87 -39.47 -26.13
N ARG A 399 -0.23 -38.72 -25.23
CA ARG A 399 -0.70 -37.36 -24.95
C ARG A 399 -0.51 -36.45 -26.15
N GLY A 400 0.64 -36.56 -26.82
CA GLY A 400 0.85 -35.77 -28.03
C GLY A 400 -0.13 -36.13 -29.13
N MET A 401 -0.40 -37.43 -29.31
CA MET A 401 -1.33 -37.85 -30.34
C MET A 401 -2.74 -37.34 -30.06
N VAL A 402 -3.19 -37.42 -28.81
CA VAL A 402 -4.56 -37.03 -28.52
C VAL A 402 -4.73 -35.52 -28.63
N ILE A 403 -3.73 -34.74 -28.18
CA ILE A 403 -3.87 -33.29 -28.34
C ILE A 403 -3.77 -32.90 -29.80
N SER A 404 -2.95 -33.59 -30.59
CA SER A 404 -2.86 -33.30 -32.02
C SER A 404 -4.17 -33.61 -32.73
N LEU A 405 -4.82 -34.71 -32.36
CA LEU A 405 -6.02 -35.10 -33.10
C LEU A 405 -7.28 -34.37 -32.62
N PHE A 406 -7.29 -33.81 -31.41
CA PHE A 406 -8.37 -32.88 -31.05
C PHE A 406 -8.01 -31.42 -31.27
N SER A 407 -6.81 -31.12 -31.77
CA SER A 407 -6.53 -29.77 -32.25
C SER A 407 -7.48 -29.29 -33.36
N PRO A 408 -7.83 -30.09 -34.39
CA PRO A 408 -8.80 -29.57 -35.38
C PRO A 408 -10.16 -29.25 -34.80
N ILE A 409 -10.62 -29.99 -33.79
CA ILE A 409 -11.89 -29.67 -33.15
C ILE A 409 -11.79 -28.34 -32.43
N LEU A 410 -10.65 -28.07 -31.79
CA LEU A 410 -10.43 -26.77 -31.15
C LEU A 410 -10.39 -25.65 -32.19
N SER A 411 -9.81 -25.91 -33.35
CA SER A 411 -9.79 -24.91 -34.40
C SER A 411 -11.18 -24.67 -34.97
N ARG A 412 -12.02 -25.71 -35.03
CA ARG A 412 -13.35 -25.57 -35.63
C ARG A 412 -14.30 -24.79 -34.73
N ILE A 413 -14.10 -24.86 -33.40
CA ILE A 413 -15.00 -24.18 -32.48
C ILE A 413 -14.76 -22.67 -32.45
N GLY A 414 -13.66 -22.20 -33.03
CA GLY A 414 -13.34 -20.79 -33.04
C GLY A 414 -12.36 -20.35 -31.98
N TYR A 415 -11.85 -21.28 -31.18
CA TYR A 415 -10.87 -20.98 -30.13
C TYR A 415 -9.59 -21.76 -30.34
N GLY A 416 -9.19 -21.92 -31.60
CA GLY A 416 -8.00 -22.68 -31.91
C GLY A 416 -6.73 -21.97 -31.48
N LEU A 417 -5.68 -22.77 -31.31
CA LEU A 417 -4.38 -22.28 -30.89
C LEU A 417 -3.32 -22.61 -31.93
N THR A 418 -2.19 -21.93 -31.82
CA THR A 418 -1.11 -22.08 -32.80
C THR A 418 -0.39 -23.42 -32.59
N TRP A 419 0.45 -23.75 -33.57
CA TRP A 419 1.24 -24.97 -33.47
C TRP A 419 2.28 -24.89 -32.36
N ARG A 420 2.75 -23.69 -32.04
CA ARG A 420 3.63 -23.52 -30.89
C ARG A 420 2.88 -23.87 -29.60
N ASN A 421 1.62 -23.45 -29.51
CA ASN A 421 0.80 -23.83 -28.37
C ASN A 421 0.62 -25.34 -28.31
N ALA A 422 0.49 -25.98 -29.47
CA ALA A 422 0.40 -27.44 -29.50
C ALA A 422 1.68 -28.09 -29.01
N VAL A 423 2.84 -27.58 -29.44
CA VAL A 423 4.09 -28.25 -29.07
C VAL A 423 4.42 -27.99 -27.60
N ILE A 424 3.91 -26.92 -27.02
CA ILE A 424 4.10 -26.77 -25.57
C ILE A 424 3.00 -27.49 -24.80
N MET A 425 1.88 -27.81 -25.45
CA MET A 425 0.95 -28.80 -24.92
C MET A 425 1.57 -30.18 -24.86
N THR A 426 2.44 -30.50 -25.83
CA THR A 426 3.07 -31.84 -25.85
C THR A 426 3.93 -32.07 -24.62
N TRP A 427 4.66 -31.05 -24.19
CA TRP A 427 5.55 -31.17 -23.03
C TRP A 427 4.96 -30.55 -21.77
N GLY A 428 3.67 -30.21 -21.78
CA GLY A 428 3.07 -29.55 -20.63
C GLY A 428 2.74 -30.46 -19.47
N GLY A 429 2.74 -31.78 -19.69
CA GLY A 429 2.36 -32.69 -18.63
C GLY A 429 3.41 -32.74 -17.53
N LEU A 430 2.94 -32.91 -16.30
CA LEU A 430 3.83 -33.00 -15.14
C LEU A 430 3.07 -33.65 -14.00
N ARG A 431 3.61 -34.77 -13.50
CA ARG A 431 3.01 -35.44 -12.35
C ARG A 431 3.39 -34.71 -11.08
N GLY A 432 2.85 -35.15 -9.95
CA GLY A 432 3.14 -34.49 -8.69
C GLY A 432 2.69 -35.23 -7.45
N ALA A 433 2.28 -34.46 -6.43
CA ALA A 433 2.04 -35.04 -5.11
C ALA A 433 0.83 -35.97 -5.09
N VAL A 434 -0.19 -35.67 -5.90
CA VAL A 434 -1.43 -36.44 -5.81
C VAL A 434 -1.24 -37.88 -6.26
N GLY A 435 -0.47 -38.09 -7.33
CA GLY A 435 -0.17 -39.44 -7.76
C GLY A 435 0.57 -40.24 -6.70
N LEU A 436 1.52 -39.58 -6.03
CA LEU A 436 2.25 -40.24 -4.95
C LEU A 436 1.31 -40.59 -3.78
N ALA A 437 0.38 -39.69 -3.47
CA ALA A 437 -0.56 -39.96 -2.38
C ALA A 437 -1.43 -41.17 -2.70
N LEU A 438 -1.95 -41.22 -3.92
CA LEU A 438 -2.76 -42.36 -4.32
C LEU A 438 -1.92 -43.64 -4.33
N ALA A 439 -0.64 -43.53 -4.68
CA ALA A 439 0.24 -44.70 -4.64
C ALA A 439 0.42 -45.24 -3.23
N LEU A 440 0.69 -44.34 -2.27
CA LEU A 440 0.83 -44.80 -0.88
C LEU A 440 -0.45 -45.42 -0.35
N VAL A 441 -1.61 -44.81 -0.66
CA VAL A 441 -2.84 -45.36 -0.10
C VAL A 441 -3.17 -46.70 -0.74
N VAL A 442 -2.90 -46.88 -2.04
CA VAL A 442 -3.18 -48.18 -2.64
C VAL A 442 -2.19 -49.22 -2.13
N GLU A 443 -0.97 -48.82 -1.77
CA GLU A 443 -0.05 -49.76 -1.14
C GLU A 443 -0.59 -50.20 0.21
N ASN A 444 -1.03 -49.24 1.03
CA ASN A 444 -1.45 -49.60 2.38
C ASN A 444 -2.74 -50.41 2.38
N LEU A 445 -3.60 -50.20 1.39
CA LEU A 445 -4.73 -51.11 1.23
C LEU A 445 -4.27 -52.46 0.70
N ALA A 446 -3.20 -52.49 -0.12
CA ALA A 446 -2.72 -53.77 -0.65
C ALA A 446 -2.19 -54.66 0.46
N GLY A 447 -1.49 -54.09 1.43
CA GLY A 447 -1.00 -54.88 2.54
C GLY A 447 0.23 -55.70 2.19
N ASN A 448 0.32 -56.88 2.79
CA ASN A 448 1.48 -57.76 2.60
C ASN A 448 1.36 -58.42 1.23
N ASP A 449 1.84 -57.70 0.22
CA ASP A 449 1.87 -58.22 -1.14
C ASP A 449 2.95 -57.46 -1.91
N VAL A 450 3.54 -58.15 -2.90
CA VAL A 450 4.62 -57.56 -3.68
C VAL A 450 4.06 -56.64 -4.77
N ILE A 451 2.76 -56.75 -5.04
CA ILE A 451 2.15 -55.98 -6.11
C ILE A 451 2.15 -54.49 -5.78
N GLY A 452 1.87 -54.15 -4.52
CA GLY A 452 1.88 -52.75 -4.13
C GLY A 452 3.25 -52.12 -4.21
N SER A 453 4.28 -52.85 -3.75
CA SER A 453 5.65 -52.38 -3.91
C SER A 453 5.99 -52.21 -5.39
N LYS A 454 5.44 -53.07 -6.25
CA LYS A 454 5.64 -52.91 -7.69
C LYS A 454 5.04 -51.58 -8.17
N PHE A 455 3.78 -51.29 -7.78
CA PHE A 455 3.18 -50.00 -8.10
C PHE A 455 4.05 -48.83 -7.67
N LEU A 456 4.51 -48.84 -6.42
CA LEU A 456 5.32 -47.72 -5.92
C LEU A 456 6.63 -47.58 -6.69
N PHE A 457 7.27 -48.70 -7.02
CA PHE A 457 8.51 -48.61 -7.80
C PHE A 457 8.25 -47.94 -9.14
N HIS A 458 7.19 -48.37 -9.84
CA HIS A 458 6.90 -47.75 -11.14
C HIS A 458 6.60 -46.27 -10.98
N THR A 459 5.69 -45.91 -10.07
CA THR A 459 5.24 -44.53 -10.04
C THR A 459 6.34 -43.59 -9.56
N ALA A 460 7.15 -44.02 -8.59
CA ALA A 460 8.25 -43.19 -8.12
C ALA A 460 9.27 -42.97 -9.23
N GLY A 461 9.65 -44.05 -9.92
CA GLY A 461 10.61 -43.92 -11.00
C GLY A 461 10.11 -43.00 -12.10
N ILE A 462 8.85 -43.20 -12.52
CA ILE A 462 8.36 -42.43 -13.65
C ILE A 462 8.21 -40.96 -13.27
N VAL A 463 7.76 -40.68 -12.03
CA VAL A 463 7.56 -39.27 -11.68
C VAL A 463 8.90 -38.55 -11.57
N VAL A 464 9.91 -39.20 -10.98
CA VAL A 464 11.18 -38.49 -10.83
C VAL A 464 11.80 -38.25 -12.20
N LEU A 465 11.81 -39.26 -13.07
CA LEU A 465 12.45 -39.05 -14.37
C LEU A 465 11.68 -38.05 -15.21
N THR A 466 10.33 -38.12 -15.18
CA THR A 466 9.55 -37.24 -16.05
C THR A 466 9.72 -35.80 -15.64
N LEU A 467 9.79 -35.50 -14.33
CA LEU A 467 9.92 -34.08 -14.01
C LEU A 467 11.35 -33.60 -14.23
N VAL A 468 12.36 -34.43 -13.88
CA VAL A 468 13.73 -33.95 -13.95
C VAL A 468 14.14 -33.72 -15.40
N ILE A 469 13.57 -34.47 -16.33
CA ILE A 469 13.86 -34.19 -17.74
C ILE A 469 12.84 -33.25 -18.36
N ASN A 470 11.63 -33.14 -17.80
CA ASN A 470 10.60 -32.31 -18.40
C ASN A 470 10.93 -30.84 -18.19
N ALA A 471 11.43 -30.49 -17.01
CA ALA A 471 11.80 -29.10 -16.75
C ALA A 471 12.88 -28.63 -17.72
N THR A 472 13.93 -29.44 -17.88
CA THR A 472 15.02 -29.08 -18.79
C THR A 472 14.54 -29.03 -20.23
N THR A 473 13.70 -29.99 -20.64
CA THR A 473 13.25 -30.01 -22.03
C THR A 473 12.37 -28.82 -22.34
N ILE A 474 11.46 -28.43 -21.42
CA ILE A 474 10.63 -27.27 -21.72
C ILE A 474 11.45 -25.99 -21.71
N GLN A 475 12.44 -25.90 -20.81
CA GLN A 475 13.29 -24.71 -20.78
C GLN A 475 14.06 -24.58 -22.08
N THR A 476 14.67 -25.67 -22.55
CA THR A 476 15.41 -25.63 -23.80
C THR A 476 14.48 -25.40 -24.99
N LEU A 477 13.26 -25.94 -24.94
CA LEU A 477 12.32 -25.78 -26.03
C LEU A 477 11.87 -24.33 -26.18
N LEU A 478 11.54 -23.68 -25.07
CA LEU A 478 11.22 -22.27 -25.14
C LEU A 478 12.43 -21.43 -25.46
N ARG A 479 13.63 -21.90 -25.11
CA ARG A 479 14.84 -21.19 -25.51
C ARG A 479 15.02 -21.20 -27.03
N ILE A 480 14.87 -22.36 -27.66
CA ILE A 480 15.11 -22.44 -29.09
C ILE A 480 13.95 -21.84 -29.88
N LEU A 481 12.71 -22.11 -29.48
CA LEU A 481 11.57 -21.57 -30.21
C LEU A 481 11.36 -20.09 -29.93
N GLY A 482 11.67 -19.65 -28.71
CA GLY A 482 11.66 -18.24 -28.39
C GLY A 482 10.30 -17.56 -28.39
N MET A 483 9.26 -18.24 -27.93
CA MET A 483 8.00 -17.55 -27.69
C MET A 483 8.05 -16.74 -26.39
N SER A 484 8.99 -17.07 -25.50
CA SER A 484 9.15 -16.38 -24.23
C SER A 484 10.03 -15.14 -24.33
N ASP A 485 10.62 -14.88 -25.50
CA ASP A 485 11.39 -13.66 -25.68
C ASP A 485 10.47 -12.45 -25.68
N ILE A 486 10.89 -11.42 -24.95
CA ILE A 486 10.06 -10.22 -24.85
C ILE A 486 10.12 -9.44 -26.17
N SER A 487 9.10 -8.62 -26.38
CA SER A 487 9.00 -7.90 -27.64
C SER A 487 9.85 -6.64 -27.61
N ILE A 488 10.11 -6.10 -28.81
CA ILE A 488 10.89 -4.86 -28.93
C ILE A 488 10.22 -3.66 -28.26
N PRO A 489 8.90 -3.41 -28.45
CA PRO A 489 8.31 -2.22 -27.79
C PRO A 489 8.42 -2.22 -26.28
N LYS A 490 8.23 -3.37 -25.63
CA LYS A 490 8.22 -3.37 -24.17
C LYS A 490 9.61 -3.18 -23.60
N ARG A 491 10.63 -3.76 -24.24
CA ARG A 491 11.99 -3.51 -23.78
C ARG A 491 12.43 -2.08 -24.10
N LEU A 492 11.96 -1.51 -25.20
CA LEU A 492 12.23 -0.10 -25.48
C LEU A 492 11.63 0.80 -24.41
N ALA A 493 10.38 0.52 -24.02
CA ALA A 493 9.73 1.31 -22.97
C ALA A 493 10.43 1.13 -21.64
N MET A 494 10.87 -0.10 -21.33
CA MET A 494 11.61 -0.34 -20.09
C MET A 494 12.92 0.43 -20.08
N ALA A 495 13.63 0.44 -21.21
CA ALA A 495 14.88 1.20 -21.30
C ALA A 495 14.63 2.70 -21.14
N GLY A 496 13.57 3.21 -21.74
CA GLY A 496 13.23 4.61 -21.57
C GLY A 496 12.89 4.96 -20.13
N ALA A 497 12.17 4.08 -19.45
CA ALA A 497 11.89 4.28 -18.04
C ALA A 497 13.17 4.27 -17.20
N VAL A 498 14.09 3.36 -17.53
CA VAL A 498 15.35 3.29 -16.81
C VAL A 498 16.14 4.58 -16.98
N ARG A 499 16.19 5.10 -18.22
CA ARG A 499 16.92 6.34 -18.44
C ARG A 499 16.22 7.52 -17.76
N ARG A 500 14.89 7.49 -17.68
CA ARG A 500 14.15 8.54 -16.99
C ARG A 500 14.47 8.56 -15.51
N ILE A 501 14.46 7.38 -14.89
CA ILE A 501 14.87 7.25 -13.49
C ILE A 501 16.31 7.71 -13.32
N HIS A 502 17.15 7.42 -14.32
CA HIS A 502 18.55 7.78 -14.23
C HIS A 502 18.74 9.29 -14.17
N GLU A 503 18.13 10.05 -15.09
CA GLU A 503 18.37 11.49 -14.97
C GLU A 503 17.58 12.10 -13.83
N GLY A 504 16.48 11.48 -13.39
CA GLY A 504 15.80 11.96 -12.19
C GLY A 504 16.68 11.89 -10.96
N GLN A 505 17.31 10.72 -10.74
CA GLN A 505 18.23 10.61 -9.62
C GLN A 505 19.47 11.46 -9.84
N ASN A 506 19.85 11.70 -11.09
CA ASN A 506 20.99 12.57 -11.37
C ASN A 506 20.69 14.01 -10.93
N ARG A 507 19.53 14.54 -11.31
CA ARG A 507 19.20 15.91 -10.92
C ARG A 507 18.93 16.01 -9.42
N THR A 508 18.39 14.95 -8.81
CA THR A 508 18.24 14.95 -7.36
C THR A 508 19.60 14.98 -6.67
N LEU A 509 20.55 14.22 -7.18
CA LEU A 509 21.91 14.25 -6.64
C LEU A 509 22.53 15.62 -6.82
N ASN A 510 22.32 16.25 -7.98
CA ASN A 510 22.84 17.60 -8.20
C ASN A 510 22.24 18.60 -7.23
N MET A 511 20.96 18.44 -6.91
CA MET A 511 20.34 19.26 -5.88
C MET A 511 20.98 18.99 -4.53
N LEU A 512 21.27 17.72 -4.23
CA LEU A 512 21.90 17.37 -2.96
C LEU A 512 23.31 17.92 -2.82
N LYS A 513 24.01 18.14 -3.94
CA LYS A 513 25.35 18.74 -3.86
C LYS A 513 25.29 20.13 -3.24
N SER A 514 24.29 20.93 -3.64
CA SER A 514 24.21 22.31 -3.21
C SER A 514 23.83 22.48 -1.75
N ASP A 515 23.38 21.42 -1.09
CA ASP A 515 22.97 21.53 0.31
C ASP A 515 24.17 21.80 1.20
N ARG A 516 23.91 22.52 2.31
CA ARG A 516 24.98 23.01 3.17
C ARG A 516 25.18 22.15 4.41
N PHE A 517 24.58 20.97 4.47
CA PHE A 517 24.69 20.12 5.64
C PHE A 517 25.22 18.72 5.32
N LEU A 518 25.43 18.39 4.05
CA LEU A 518 25.85 17.05 3.67
C LEU A 518 27.15 17.07 2.87
N ALA A 519 27.94 18.14 2.99
CA ALA A 519 29.14 18.28 2.20
C ALA A 519 30.27 17.35 2.63
N ASP A 520 30.18 16.75 3.81
CA ASP A 520 31.25 15.91 4.32
C ASP A 520 31.09 14.44 3.95
N ALA A 521 30.08 14.09 3.16
CA ALA A 521 29.85 12.72 2.76
C ALA A 521 30.36 12.47 1.35
N ASP A 522 30.94 11.30 1.13
CA ASP A 522 31.44 10.95 -0.19
C ASP A 522 30.29 10.55 -1.10
N TRP A 523 30.61 10.27 -2.36
CA TRP A 523 29.59 10.03 -3.37
C TRP A 523 29.83 8.79 -4.21
N ASP A 524 31.05 8.23 -4.22
CA ASP A 524 31.31 7.03 -5.01
C ASP A 524 30.51 5.84 -4.50
N ILE A 525 30.47 5.65 -3.18
CA ILE A 525 29.66 4.58 -2.62
C ILE A 525 28.18 4.89 -2.78
N ALA A 526 27.81 6.18 -2.66
CA ALA A 526 26.41 6.56 -2.78
C ALA A 526 25.87 6.26 -4.17
N THR A 527 26.64 6.57 -5.21
CA THR A 527 26.22 6.24 -6.56
C THR A 527 26.34 4.75 -6.83
N ALA A 528 27.39 4.12 -6.31
CA ALA A 528 27.65 2.72 -6.63
C ALA A 528 26.69 1.78 -5.91
N ALA A 529 25.99 2.28 -4.88
CA ALA A 529 25.04 1.45 -4.16
C ALA A 529 23.61 1.63 -4.64
N CYS A 530 23.33 2.61 -5.50
CA CYS A 530 21.95 2.93 -5.87
C CYS A 530 21.75 2.96 -7.38
N GLU A 531 22.58 2.24 -8.13
CA GLU A 531 22.41 2.16 -9.57
C GLU A 531 21.19 1.31 -9.90
N ILE A 532 20.56 1.62 -11.04
CA ILE A 532 19.41 0.87 -11.52
C ILE A 532 19.68 0.45 -12.96
N SER A 533 19.34 -0.81 -13.27
CA SER A 533 19.51 -1.34 -14.61
C SER A 533 18.34 -2.26 -14.93
N ASP A 534 18.07 -2.42 -16.22
CA ASP A 534 17.02 -3.32 -16.64
C ASP A 534 17.46 -4.77 -16.40
N PRO A 535 16.55 -5.64 -15.95
CA PRO A 535 16.90 -7.05 -15.79
C PRO A 535 17.15 -7.76 -17.12
N TYR A 536 16.71 -7.18 -18.24
CA TYR A 536 16.86 -7.85 -19.53
C TYR A 536 18.33 -7.91 -19.95
N SER A 537 19.07 -6.83 -19.76
CA SER A 537 20.47 -6.79 -20.16
C SER A 537 21.25 -5.79 -19.30
N SER A 571 10.17 -1.62 -53.60
CA SER A 571 9.57 -2.95 -53.68
C SER A 571 8.31 -3.04 -52.83
N PRO A 572 7.29 -3.75 -53.32
CA PRO A 572 6.07 -3.93 -52.53
C PRO A 572 6.30 -4.62 -51.20
N ARG A 573 7.26 -5.55 -51.12
CA ARG A 573 7.57 -6.18 -49.85
C ARG A 573 8.19 -5.20 -48.86
N GLU A 574 8.96 -4.24 -49.35
CA GLU A 574 9.45 -3.17 -48.48
C GLU A 574 8.30 -2.33 -47.95
N PHE A 575 7.30 -2.06 -48.80
CA PHE A 575 6.12 -1.35 -48.36
C PHE A 575 5.36 -2.14 -47.30
N ALA A 576 5.26 -3.46 -47.48
CA ALA A 576 4.60 -4.31 -46.49
C ALA A 576 5.36 -4.27 -45.16
N ASP A 577 6.69 -4.33 -45.22
CA ASP A 577 7.49 -4.29 -44.00
C ASP A 577 7.32 -2.95 -43.28
N MET A 578 7.34 -1.84 -44.02
CA MET A 578 7.22 -0.55 -43.35
C MET A 578 5.82 -0.31 -42.82
N MET A 579 4.77 -0.80 -43.50
CA MET A 579 3.44 -0.65 -42.92
C MET A 579 3.26 -1.58 -41.72
N GLU A 580 3.96 -2.72 -41.71
CA GLU A 580 3.95 -3.55 -40.51
C GLU A 580 4.62 -2.84 -39.34
N GLU A 581 5.73 -2.17 -39.58
CA GLU A 581 6.36 -1.37 -38.51
C GLU A 581 5.44 -0.24 -38.07
N ALA A 582 4.75 0.39 -39.02
CA ALA A 582 3.82 1.46 -38.68
C ALA A 582 2.66 0.95 -37.84
N ARG A 583 2.13 -0.23 -38.18
CA ARG A 583 1.02 -0.77 -37.39
C ARG A 583 1.49 -1.20 -36.01
N LEU A 584 2.75 -1.64 -35.89
CA LEU A 584 3.30 -1.90 -34.56
C LEU A 584 3.38 -0.61 -33.73
N ARG A 585 3.82 0.48 -34.36
CA ARG A 585 3.86 1.76 -33.67
C ARG A 585 2.46 2.19 -33.25
N MET A 586 1.48 2.01 -34.14
CA MET A 586 0.11 2.39 -33.83
C MET A 586 -0.42 1.57 -32.66
N LEU A 587 -0.18 0.26 -32.66
CA LEU A 587 -0.74 -0.57 -31.60
C LEU A 587 -0.10 -0.29 -30.26
N LYS A 588 1.23 -0.10 -30.22
CA LYS A 588 1.84 0.21 -28.91
C LYS A 588 1.37 1.57 -28.40
N ALA A 589 1.28 2.56 -29.30
CA ALA A 589 0.79 3.87 -28.88
C ALA A 589 -0.63 3.78 -28.34
N GLU A 590 -1.47 2.99 -28.99
CA GLU A 590 -2.86 2.92 -28.55
C GLU A 590 -2.99 2.15 -27.24
N LYS A 591 -2.20 1.09 -27.03
CA LYS A 591 -2.39 0.39 -25.76
C LYS A 591 -1.83 1.20 -24.60
N ILE A 592 -0.75 1.95 -24.82
CA ILE A 592 -0.27 2.79 -23.72
C ILE A 592 -1.24 3.94 -23.47
N SER A 593 -1.90 4.44 -24.53
CA SER A 593 -2.96 5.41 -24.33
C SER A 593 -4.12 4.80 -23.57
N TYR A 594 -4.40 3.52 -23.81
CA TYR A 594 -5.49 2.84 -23.10
C TYR A 594 -5.17 2.73 -21.62
N TRP A 595 -3.91 2.40 -21.29
CA TRP A 595 -3.49 2.32 -19.90
C TRP A 595 -3.62 3.69 -19.23
N LYS A 596 -3.18 4.74 -19.91
CA LYS A 596 -3.31 6.09 -19.35
C LYS A 596 -4.78 6.48 -19.17
N GLN A 597 -5.61 6.11 -20.14
CA GLN A 597 -7.04 6.38 -20.07
C GLN A 597 -7.68 5.69 -18.88
N PHE A 598 -7.15 4.53 -18.52
CA PHE A 598 -7.72 3.80 -17.40
C PHE A 598 -7.08 4.16 -16.05
N GLU A 599 -5.95 4.86 -16.06
CA GLU A 599 -5.27 5.08 -14.79
C GLU A 599 -5.86 6.25 -14.00
N HIS A 600 -6.52 7.16 -14.69
CA HIS A 600 -7.22 8.25 -13.99
C HIS A 600 -8.56 7.81 -13.40
N GLY A 601 -8.79 6.51 -13.27
CA GLY A 601 -10.02 6.02 -12.71
C GLY A 601 -11.19 6.08 -13.67
N MET A 602 -10.94 6.24 -14.96
CA MET A 602 -12.03 6.43 -15.91
C MET A 602 -12.54 5.14 -16.53
N LEU A 603 -11.94 3.99 -16.23
CA LEU A 603 -12.43 2.71 -16.75
C LEU A 603 -12.55 1.70 -15.61
N ALA A 604 -12.93 0.48 -15.98
CA ALA A 604 -13.05 -0.64 -15.06
C ALA A 604 -12.04 -1.73 -15.44
N ARG A 605 -11.68 -2.53 -14.43
CA ARG A 605 -10.64 -3.54 -14.61
C ARG A 605 -11.03 -4.60 -15.63
N GLU A 606 -12.28 -5.09 -15.55
CA GLU A 606 -12.75 -6.09 -16.49
C GLU A 606 -12.77 -5.54 -17.91
N ALA A 607 -13.19 -4.28 -18.06
CA ALA A 607 -13.18 -3.63 -19.36
C ALA A 607 -11.77 -3.55 -19.91
N LEU A 608 -10.81 -3.18 -19.06
CA LEU A 608 -9.41 -3.12 -19.49
C LEU A 608 -8.93 -4.48 -19.96
N ARG A 609 -9.22 -5.53 -19.20
CA ARG A 609 -8.72 -6.85 -19.56
C ARG A 609 -9.33 -7.33 -20.87
N LEU A 610 -10.64 -7.16 -21.04
CA LEU A 610 -11.29 -7.56 -22.28
C LEU A 610 -10.74 -6.78 -23.47
N LEU A 611 -10.53 -5.48 -23.29
CA LEU A 611 -10.10 -4.65 -24.40
C LEU A 611 -8.65 -4.95 -24.79
N VAL A 612 -7.78 -5.17 -23.80
CA VAL A 612 -6.40 -5.50 -24.15
C VAL A 612 -6.32 -6.90 -24.73
N GLN A 613 -7.20 -7.82 -24.30
CA GLN A 613 -7.25 -9.12 -24.95
C GLN A 613 -7.64 -8.99 -26.41
N HIS A 614 -8.64 -8.15 -26.69
CA HIS A 614 -9.03 -7.90 -28.08
C HIS A 614 -7.90 -7.29 -28.88
N ALA A 615 -7.20 -6.31 -28.30
CA ALA A 615 -6.08 -5.68 -29.00
C ALA A 615 -4.96 -6.67 -29.26
N GLU A 616 -4.66 -7.52 -28.29
CA GLU A 616 -3.58 -8.49 -28.47
C GLU A 616 -3.93 -9.53 -29.52
N VAL A 617 -5.17 -10.04 -29.50
CA VAL A 617 -5.53 -11.03 -30.51
C VAL A 617 -5.67 -10.40 -31.89
N ALA A 618 -5.97 -9.09 -31.96
CA ALA A 618 -5.95 -8.42 -33.26
C ALA A 618 -4.53 -8.25 -33.76
N ALA A 619 -3.60 -7.93 -32.86
CA ALA A 619 -2.20 -7.73 -33.25
C ALA A 619 -1.48 -9.05 -33.52
N ASP A 620 -2.01 -10.17 -33.02
CA ASP A 620 -1.35 -11.45 -33.22
C ASP A 620 -1.38 -11.87 -34.68
N GLU A 621 -2.52 -11.72 -35.34
CA GLU A 621 -2.61 -12.04 -36.76
C GLU A 621 -1.84 -11.03 -37.59
N LYS A 622 -1.11 -11.51 -38.59
CA LYS A 622 -0.33 -10.64 -39.45
C LYS A 622 -1.23 -9.71 -40.24
N ASP A 623 -0.76 -8.46 -40.41
CA ASP A 623 -1.42 -7.37 -41.12
C ASP A 623 -2.90 -7.24 -40.80
N GLN A 624 -3.28 -7.55 -39.56
CA GLN A 624 -4.67 -7.48 -39.12
C GLN A 624 -4.79 -6.46 -38.02
N PHE A 625 -5.81 -5.60 -38.11
CA PHE A 625 -5.98 -4.48 -37.21
C PHE A 625 -7.08 -4.80 -36.21
N ILE A 626 -7.42 -3.82 -35.37
CA ILE A 626 -8.51 -4.00 -34.43
C ILE A 626 -9.84 -3.94 -35.18
N LEU A 627 -10.72 -4.90 -34.88
CA LEU A 627 -11.97 -5.06 -35.59
C LEU A 627 -13.11 -5.01 -34.57
N VAL A 628 -14.34 -4.92 -35.07
CA VAL A 628 -15.48 -4.58 -34.23
C VAL A 628 -16.49 -5.71 -34.10
N ASP A 629 -16.41 -6.76 -34.92
CA ASP A 629 -17.37 -7.84 -34.80
C ASP A 629 -17.23 -8.55 -33.46
N ASP A 630 -15.99 -8.72 -33.00
CA ASP A 630 -15.76 -9.21 -31.64
C ASP A 630 -16.36 -8.25 -30.61
N LEU A 631 -16.18 -6.94 -30.82
CA LEU A 631 -16.85 -5.97 -29.95
C LEU A 631 -18.35 -6.05 -30.10
N LYS A 632 -18.82 -6.26 -31.33
CA LYS A 632 -20.26 -6.37 -31.57
C LYS A 632 -20.88 -7.48 -30.74
N LYS A 633 -20.31 -8.68 -30.81
CA LYS A 633 -20.79 -9.77 -29.98
C LYS A 633 -20.46 -9.57 -28.50
N SER A 634 -19.47 -8.73 -28.19
CA SER A 634 -19.21 -8.39 -26.79
C SER A 634 -20.36 -7.62 -26.18
N TRP A 635 -20.94 -6.68 -26.93
CA TRP A 635 -22.13 -6.00 -26.42
C TRP A 635 -23.43 -6.65 -26.86
N GLN A 636 -23.39 -7.66 -27.71
CA GLN A 636 -24.62 -8.30 -28.18
C GLN A 636 -25.10 -9.33 -27.17
N ILE A 637 -26.42 -9.46 -27.06
CA ILE A 637 -27.02 -10.33 -26.05
C ILE A 637 -27.37 -11.63 -26.78
N LYS A 638 -26.47 -12.60 -26.70
CA LYS A 638 -26.61 -13.89 -27.37
C LYS A 638 -26.70 -15.01 -26.33
N GLY A 639 -26.75 -16.24 -26.84
CA GLY A 639 -26.81 -17.41 -25.98
C GLY A 639 -28.23 -17.79 -25.61
N ILE A 640 -28.33 -18.60 -24.54
CA ILE A 640 -29.63 -19.01 -24.01
C ILE A 640 -30.26 -17.93 -23.15
N TYR A 641 -29.50 -16.90 -22.80
CA TYR A 641 -30.04 -15.82 -21.96
C TYR A 641 -31.21 -15.08 -22.61
N PRO A 642 -31.17 -14.67 -23.88
CA PRO A 642 -32.39 -14.09 -24.48
C PRO A 642 -33.55 -15.06 -24.53
N TRP A 643 -33.29 -16.35 -24.74
CA TRP A 643 -34.37 -17.33 -24.76
C TRP A 643 -35.06 -17.42 -23.40
N LEU A 644 -34.29 -17.49 -22.32
CA LEU A 644 -34.90 -17.51 -21.00
C LEU A 644 -35.53 -16.17 -20.66
N LYS A 645 -35.00 -15.07 -21.20
CA LYS A 645 -35.64 -13.76 -21.02
C LYS A 645 -37.02 -13.75 -21.65
N ARG A 646 -37.13 -14.22 -22.89
CA ARG A 646 -38.42 -14.27 -23.56
C ARG A 646 -39.37 -15.19 -22.83
N LYS A 647 -38.87 -16.33 -22.34
CA LYS A 647 -39.71 -17.25 -21.60
C LYS A 647 -40.24 -16.62 -20.32
N LEU A 648 -39.36 -15.94 -19.55
CA LEU A 648 -39.79 -15.38 -18.28
C LEU A 648 -40.75 -14.21 -18.50
N GLU A 649 -40.53 -13.40 -19.53
CA GLU A 649 -41.44 -12.29 -19.76
C GLU A 649 -42.76 -12.78 -20.33
N ASP A 650 -42.77 -13.92 -21.02
CA ASP A 650 -44.03 -14.46 -21.52
C ASP A 650 -44.86 -15.11 -20.40
N LEU A 651 -44.22 -15.86 -19.50
CA LEU A 651 -44.99 -16.52 -18.46
C LEU A 651 -45.52 -15.55 -17.40
N ILE A 652 -44.82 -14.44 -17.16
CA ILE A 652 -45.31 -13.48 -16.17
C ILE A 652 -46.47 -12.65 -16.68
N THR A 814 -45.23 -19.85 -3.43
CA THR A 814 -46.26 -18.94 -3.89
C THR A 814 -45.72 -18.00 -4.97
N LYS A 815 -46.45 -16.92 -5.23
CA LYS A 815 -46.07 -16.00 -6.30
C LYS A 815 -44.87 -15.15 -5.91
N ALA A 816 -44.72 -14.86 -4.61
CA ALA A 816 -43.77 -13.85 -4.14
C ALA A 816 -42.33 -14.16 -4.50
N LEU A 817 -41.98 -15.42 -4.75
CA LEU A 817 -40.61 -15.75 -5.10
C LEU A 817 -40.29 -15.37 -6.55
N ILE A 818 -41.26 -15.42 -7.45
CA ILE A 818 -40.97 -15.24 -8.88
C ILE A 818 -40.45 -13.85 -9.25
N PRO A 819 -41.15 -12.75 -8.98
CA PRO A 819 -40.75 -11.49 -9.64
C PRO A 819 -39.42 -10.93 -9.17
N LYS A 820 -39.14 -11.03 -7.86
CA LYS A 820 -37.96 -10.38 -7.29
C LYS A 820 -36.69 -10.85 -7.97
N LEU A 821 -36.49 -12.17 -8.06
CA LEU A 821 -35.32 -12.72 -8.74
C LEU A 821 -35.26 -12.25 -10.18
N ILE A 822 -36.42 -12.18 -10.85
CA ILE A 822 -36.47 -11.71 -12.23
C ILE A 822 -35.81 -10.35 -12.34
N LEU A 823 -36.09 -9.47 -11.37
CA LEU A 823 -35.50 -8.15 -11.36
C LEU A 823 -33.97 -8.23 -11.43
N VAL A 824 -33.36 -8.98 -10.50
CA VAL A 824 -31.90 -9.02 -10.51
C VAL A 824 -31.43 -9.80 -11.72
N VAL A 825 -32.27 -10.71 -12.23
CA VAL A 825 -31.95 -11.40 -13.48
C VAL A 825 -31.76 -10.39 -14.60
N ASN A 826 -32.71 -9.45 -14.72
CA ASN A 826 -32.54 -8.37 -15.69
C ASN A 826 -31.27 -7.60 -15.41
N GLY A 827 -30.99 -7.36 -14.12
CA GLY A 827 -29.79 -6.62 -13.76
C GLY A 827 -28.53 -7.27 -14.29
N LYS A 828 -28.51 -8.61 -14.28
CA LYS A 828 -27.36 -9.32 -14.82
C LYS A 828 -27.11 -8.91 -16.26
N ILE A 829 -28.17 -8.97 -17.09
CA ILE A 829 -28.06 -8.53 -18.47
C ILE A 829 -27.63 -7.08 -18.52
N ASN A 830 -28.22 -6.24 -17.66
CA ASN A 830 -27.85 -4.83 -17.62
C ASN A 830 -26.36 -4.66 -17.37
N ASN A 831 -25.83 -5.44 -16.42
CA ASN A 831 -24.40 -5.37 -16.12
C ASN A 831 -23.58 -5.61 -17.37
N GLN A 832 -23.94 -6.64 -18.14
CA GLN A 832 -23.23 -6.95 -19.37
C GLN A 832 -23.23 -5.75 -20.30
N LEU A 833 -24.42 -5.16 -20.51
CA LEU A 833 -24.51 -4.02 -21.42
C LEU A 833 -23.63 -2.88 -20.94
N SER A 834 -23.60 -2.66 -19.62
CA SER A 834 -22.78 -1.60 -19.06
C SER A 834 -21.34 -1.76 -19.52
N LEU A 835 -20.79 -2.96 -19.36
CA LEU A 835 -19.42 -3.22 -19.79
C LEU A 835 -19.26 -2.86 -21.25
N GLY A 836 -20.16 -3.36 -22.10
CA GLY A 836 -20.06 -3.09 -23.52
C GLY A 836 -20.03 -1.61 -23.81
N TYR A 837 -20.92 -0.85 -23.16
CA TYR A 837 -20.98 0.58 -23.42
C TYR A 837 -19.62 1.21 -23.19
N ASP A 838 -19.05 0.96 -22.01
CA ASP A 838 -17.85 1.70 -21.69
C ASP A 838 -16.67 1.21 -22.51
N VAL A 839 -16.66 -0.06 -22.94
CA VAL A 839 -15.52 -0.46 -23.74
C VAL A 839 -15.58 0.23 -25.10
N GLY A 840 -16.80 0.39 -25.63
CA GLY A 840 -16.95 1.21 -26.82
C GLY A 840 -16.49 2.63 -26.56
N LYS A 841 -16.83 3.14 -25.37
CA LYS A 841 -16.41 4.48 -24.97
C LYS A 841 -14.90 4.58 -25.04
N GLY A 842 -14.20 3.56 -24.52
CA GLY A 842 -12.76 3.58 -24.55
C GLY A 842 -12.23 3.67 -25.97
N TYR A 843 -12.84 2.91 -26.89
CA TYR A 843 -12.36 2.92 -28.26
C TYR A 843 -12.49 4.30 -28.86
N ILE A 844 -13.55 5.03 -28.47
CA ILE A 844 -13.73 6.40 -28.96
C ILE A 844 -12.52 7.24 -28.58
N ILE A 845 -12.13 7.18 -27.30
CA ILE A 845 -10.95 7.92 -26.86
C ILE A 845 -9.73 7.43 -27.62
N GLY A 846 -9.65 6.11 -27.82
CA GLY A 846 -8.54 5.57 -28.59
C GLY A 846 -8.48 6.16 -29.99
N GLU A 847 -9.62 6.19 -30.67
CA GLU A 847 -9.59 6.74 -32.02
C GLU A 847 -9.37 8.24 -31.98
N GLU A 848 -9.77 8.88 -30.87
CA GLU A 848 -9.45 10.30 -30.70
C GLU A 848 -7.95 10.49 -30.67
N GLU A 849 -7.23 9.61 -29.97
CA GLU A 849 -5.78 9.71 -29.96
C GLU A 849 -5.20 9.45 -31.35
N VAL A 850 -5.89 8.62 -32.15
CA VAL A 850 -5.47 8.40 -33.52
C VAL A 850 -5.47 9.72 -34.28
N GLY A 851 -6.43 10.60 -33.97
CA GLY A 851 -6.49 11.88 -34.65
C GLY A 851 -5.41 12.86 -34.23
N LYS A 852 -4.68 12.58 -33.14
CA LYS A 852 -3.73 13.56 -32.62
C LYS A 852 -2.33 13.00 -32.38
N ILE A 853 -2.04 11.78 -32.85
CA ILE A 853 -0.74 11.15 -32.63
C ILE A 853 -0.10 10.73 -33.95
N ILE A 854 -0.85 10.04 -34.80
CA ILE A 854 -0.28 9.37 -35.96
C ILE A 854 0.32 10.30 -37.00
N ASP A 855 0.15 11.60 -36.84
CA ASP A 855 0.64 12.57 -37.82
C ASP A 855 2.09 12.96 -37.62
N ARG A 856 2.79 12.38 -36.64
CA ARG A 856 4.15 12.80 -36.34
C ARG A 856 5.22 11.77 -36.68
N MET A 857 5.02 10.50 -36.35
CA MET A 857 6.01 9.49 -36.66
C MET A 857 5.85 8.90 -38.06
N VAL A 858 4.82 9.29 -38.79
CA VAL A 858 4.59 8.76 -40.13
C VAL A 858 5.49 9.48 -41.12
N ASP A 859 5.87 8.78 -42.19
CA ASP A 859 6.75 9.33 -43.21
C ASP A 859 6.24 9.18 -44.63
N ASN A 860 5.25 8.30 -44.87
CA ASN A 860 4.72 8.09 -46.20
C ASN A 860 3.27 8.58 -46.27
N LYS A 861 2.87 9.02 -47.46
CA LYS A 861 1.58 9.67 -47.62
C LYS A 861 0.45 8.65 -47.78
N LYS A 862 0.65 7.65 -48.65
CA LYS A 862 -0.41 6.69 -48.92
C LYS A 862 -0.74 5.84 -47.69
N ILE A 863 0.29 5.40 -46.95
CA ILE A 863 0.04 4.62 -45.75
C ILE A 863 -0.65 5.46 -44.68
N LEU A 864 -0.22 6.72 -44.55
CA LEU A 864 -0.88 7.64 -43.62
C LEU A 864 -2.35 7.82 -43.96
N ARG A 865 -2.64 8.06 -45.24
CA ARG A 865 -4.03 8.34 -45.62
C ARG A 865 -4.89 7.09 -45.53
N GLU A 866 -4.32 5.90 -45.79
CA GLU A 866 -5.15 4.70 -45.65
C GLU A 866 -5.38 4.32 -44.20
N LEU A 867 -4.40 4.56 -43.33
CA LEU A 867 -4.61 4.37 -41.90
C LEU A 867 -5.66 5.35 -41.37
N LYS A 868 -5.58 6.61 -41.79
CA LYS A 868 -6.62 7.57 -41.46
C LYS A 868 -7.98 7.10 -41.97
N HIS A 869 -8.03 6.64 -43.22
CA HIS A 869 -9.29 6.22 -43.82
C HIS A 869 -9.95 5.07 -43.05
N ILE A 870 -9.18 4.04 -42.72
CA ILE A 870 -9.75 2.96 -41.93
C ILE A 870 -10.12 3.47 -40.55
N SER A 871 -9.44 4.50 -40.06
CA SER A 871 -9.82 5.09 -38.78
C SER A 871 -11.23 5.70 -38.85
N GLU A 872 -11.49 6.52 -39.85
CA GLU A 872 -12.80 7.14 -39.99
C GLU A 872 -13.86 6.07 -40.16
N THR A 873 -13.58 5.08 -40.99
CA THR A 873 -14.55 4.02 -41.25
C THR A 873 -14.93 3.31 -39.96
N GLY A 874 -13.93 2.99 -39.14
CA GLY A 874 -14.22 2.43 -37.82
C GLY A 874 -15.04 3.36 -36.95
N ARG A 875 -14.72 4.65 -36.97
CA ARG A 875 -15.43 5.63 -36.14
C ARG A 875 -16.90 5.76 -36.55
N LEU A 876 -17.16 5.92 -37.84
CA LEU A 876 -18.53 6.02 -38.33
C LEU A 876 -19.25 4.69 -38.19
N GLN A 877 -18.52 3.58 -38.17
CA GLN A 877 -19.16 2.30 -37.92
C GLN A 877 -19.55 2.14 -36.46
N VAL A 878 -18.78 2.74 -35.54
CA VAL A 878 -19.03 2.50 -34.12
C VAL A 878 -19.98 3.54 -33.51
N VAL A 879 -20.10 4.73 -34.11
CA VAL A 879 -20.96 5.74 -33.49
C VAL A 879 -22.44 5.34 -33.53
N LYS A 880 -22.88 4.66 -34.60
CA LYS A 880 -24.31 4.47 -34.84
C LYS A 880 -24.95 3.53 -33.84
N GLU A 881 -24.32 2.39 -33.58
CA GLU A 881 -24.93 1.43 -32.65
C GLU A 881 -24.86 1.92 -31.21
N LEU A 882 -23.83 2.70 -30.85
CA LEU A 882 -23.86 3.37 -29.55
C LEU A 882 -25.02 4.35 -29.47
N GLY A 883 -25.26 5.09 -30.54
CA GLY A 883 -26.41 5.99 -30.57
C GLY A 883 -27.73 5.27 -30.39
N LEU A 884 -27.89 4.12 -31.04
CA LEU A 884 -29.17 3.41 -30.91
C LEU A 884 -29.32 2.76 -29.53
N LEU A 885 -28.22 2.22 -28.97
CA LEU A 885 -28.34 1.60 -27.66
C LEU A 885 -28.59 2.62 -26.57
N GLN A 886 -28.06 3.84 -26.71
CA GLN A 886 -28.43 4.87 -25.75
C GLN A 886 -29.81 5.44 -26.03
N ARG A 887 -30.27 5.41 -27.29
CA ARG A 887 -31.58 5.94 -27.61
C ARG A 887 -32.70 5.02 -27.15
N GLU A 888 -32.42 3.72 -27.00
CA GLU A 888 -33.44 2.82 -26.47
C GLU A 888 -33.25 2.55 -24.97
N HIS A 889 -32.03 2.62 -24.48
CA HIS A 889 -31.72 2.28 -23.08
C HIS A 889 -30.94 3.43 -22.46
N PRO A 890 -31.63 4.49 -22.02
CA PRO A 890 -30.93 5.66 -21.49
C PRO A 890 -30.54 5.54 -20.03
N GLY A 891 -31.30 4.76 -19.25
CA GLY A 891 -31.01 4.64 -17.83
C GLY A 891 -29.67 3.95 -17.56
N ILE A 892 -29.31 2.98 -18.39
CA ILE A 892 -27.99 2.38 -18.32
C ILE A 892 -26.92 3.43 -18.56
N ALA A 893 -27.13 4.29 -19.55
CA ALA A 893 -26.15 5.33 -19.87
C ALA A 893 -25.97 6.29 -18.71
N VAL A 894 -27.08 6.74 -18.11
CA VAL A 894 -26.95 7.69 -17.01
C VAL A 894 -26.35 7.01 -15.79
N SER A 895 -26.67 5.73 -15.55
CA SER A 895 -26.11 5.02 -14.41
C SER A 895 -24.60 4.86 -14.54
N VAL A 896 -24.13 4.44 -15.72
CA VAL A 896 -22.70 4.27 -15.89
C VAL A 896 -21.98 5.62 -15.90
N LYS A 897 -22.65 6.68 -16.35
CA LYS A 897 -22.04 8.00 -16.28
C LYS A 897 -21.90 8.48 -14.85
N THR A 898 -22.90 8.21 -14.01
CA THR A 898 -22.79 8.54 -12.60
C THR A 898 -21.68 7.75 -11.93
N ARG A 899 -21.58 6.45 -12.25
CA ARG A 899 -20.49 5.64 -11.72
C ARG A 899 -19.14 6.21 -12.14
N GLN A 900 -19.03 6.62 -13.41
CA GLN A 900 -17.84 7.27 -13.91
C GLN A 900 -17.47 8.51 -13.09
N ALA A 901 -18.45 9.40 -12.89
CA ALA A 901 -18.18 10.64 -12.20
C ALA A 901 -17.74 10.40 -10.76
N ILE A 902 -18.44 9.49 -10.07
CA ILE A 902 -18.10 9.20 -8.69
C ILE A 902 -16.70 8.61 -8.59
N ARG A 903 -16.37 7.67 -9.50
CA ARG A 903 -15.06 7.06 -9.48
C ARG A 903 -13.95 8.09 -9.65
N THR A 904 -14.09 8.97 -10.64
CA THR A 904 -12.99 9.88 -10.92
C THR A 904 -12.85 10.94 -9.82
N ILE A 905 -13.98 11.44 -9.28
CA ILE A 905 -13.83 12.48 -8.26
C ILE A 905 -13.27 11.90 -6.97
N LEU A 906 -13.69 10.69 -6.59
CA LEU A 906 -13.12 10.10 -5.39
C LEU A 906 -11.66 9.70 -5.58
N ASN A 907 -11.28 9.26 -6.78
CA ASN A 907 -9.87 8.97 -7.03
C ASN A 907 -9.01 10.21 -6.91
N HIS A 908 -9.49 11.33 -7.45
CA HIS A 908 -8.71 12.57 -7.32
C HIS A 908 -8.70 13.06 -5.88
N SER A 909 -9.77 12.83 -5.12
CA SER A 909 -9.76 13.18 -3.70
C SER A 909 -8.72 12.37 -2.94
N ARG A 910 -8.63 11.07 -3.24
CA ARG A 910 -7.60 10.25 -2.61
C ARG A 910 -6.20 10.74 -2.98
N GLU A 911 -6.01 11.09 -4.26
CA GLU A 911 -4.70 11.58 -4.68
C GLU A 911 -4.33 12.87 -3.97
N THR A 912 -5.28 13.79 -3.83
CA THR A 912 -4.94 15.06 -3.20
C THR A 912 -4.79 14.93 -1.68
N ILE A 913 -5.48 13.97 -1.04
CA ILE A 913 -5.23 13.80 0.39
C ILE A 913 -3.88 13.14 0.61
N HIS A 914 -3.45 12.25 -0.29
CA HIS A 914 -2.09 11.73 -0.22
C HIS A 914 -1.07 12.84 -0.45
N GLU A 915 -1.38 13.78 -1.36
CA GLU A 915 -0.48 14.90 -1.58
C GLU A 915 -0.39 15.79 -0.34
N LEU A 916 -1.52 16.06 0.30
CA LEU A 916 -1.52 16.89 1.51
C LEU A 916 -0.77 16.20 2.65
N GLN A 917 -0.87 14.87 2.72
CA GLN A 917 -0.03 14.14 3.65
C GLN A 917 1.44 14.31 3.30
N GLY A 918 1.77 14.20 2.01
CA GLY A 918 3.15 14.38 1.59
C GLY A 918 3.60 15.82 1.69
N ALA A 919 2.67 16.77 1.64
CA ALA A 919 3.02 18.17 1.84
C ALA A 919 3.38 18.48 3.28
N GLY A 920 3.13 17.57 4.20
CA GLY A 920 3.45 17.80 5.59
C GLY A 920 2.55 18.78 6.28
N LEU A 921 1.30 18.87 5.86
CA LEU A 921 0.31 19.72 6.53
C LEU A 921 -0.48 18.99 7.59
N LEU A 922 -0.31 17.69 7.72
CA LEU A 922 -1.00 16.91 8.75
C LEU A 922 -0.24 15.60 8.94
N ASP A 923 -0.37 15.04 10.13
CA ASP A 923 0.25 13.76 10.43
C ASP A 923 -0.55 12.62 9.80
N GLU A 924 0.06 11.44 9.75
CA GLU A 924 -0.55 10.32 9.07
C GLU A 924 -1.53 9.53 9.92
N MET A 925 -1.62 9.81 11.23
CA MET A 925 -2.57 9.08 12.06
C MET A 925 -4.01 9.35 11.65
N GLU A 926 -4.36 10.62 11.39
CA GLU A 926 -5.71 10.90 10.89
C GLU A 926 -5.86 10.46 9.45
N ALA A 927 -4.76 10.46 8.68
CA ALA A 927 -4.83 9.96 7.31
C ALA A 927 -5.20 8.48 7.28
N HIS A 928 -4.78 7.73 8.31
CA HIS A 928 -5.14 6.32 8.37
C HIS A 928 -6.64 6.10 8.58
N LYS A 929 -7.36 7.08 9.14
CA LYS A 929 -8.81 6.98 9.17
C LYS A 929 -9.48 7.60 7.95
N LEU A 930 -8.87 8.64 7.37
CA LEU A 930 -9.42 9.20 6.13
C LEU A 930 -9.40 8.19 5.01
N GLU A 931 -8.34 7.37 4.94
CA GLU A 931 -8.31 6.32 3.94
C GLU A 931 -9.36 5.25 4.22
N LEU A 932 -9.65 4.98 5.49
CA LEU A 932 -10.76 4.07 5.80
C LEU A 932 -12.09 4.64 5.35
N THR A 933 -12.29 5.94 5.55
CA THR A 933 -13.54 6.58 5.13
C THR A 933 -13.71 6.50 3.62
N VAL A 934 -12.66 6.84 2.87
CA VAL A 934 -12.78 6.74 1.42
C VAL A 934 -12.86 5.27 0.98
N GLU A 935 -12.33 4.33 1.78
CA GLU A 935 -12.44 2.92 1.42
C GLU A 935 -13.86 2.41 1.59
N ILE A 936 -14.53 2.80 2.67
CA ILE A 936 -15.91 2.39 2.82
C ILE A 936 -16.77 3.08 1.76
N LYS A 937 -16.38 4.28 1.32
CA LYS A 937 -17.04 4.89 0.17
C LYS A 937 -16.81 4.07 -1.09
N MET A 938 -15.59 3.56 -1.29
CA MET A 938 -15.29 2.69 -2.42
C MET A 938 -16.19 1.45 -2.43
N LYS A 939 -16.25 0.75 -1.30
CA LYS A 939 -17.02 -0.48 -1.28
C LYS A 939 -18.53 -0.21 -1.26
N ARG A 940 -18.96 0.97 -0.84
CA ARG A 940 -20.35 1.35 -1.06
C ARG A 940 -20.63 1.57 -2.53
N LEU A 941 -19.69 2.20 -3.24
CA LEU A 941 -19.83 2.37 -4.68
C LEU A 941 -19.84 1.04 -5.42
N MET A 942 -18.99 0.11 -4.99
CA MET A 942 -18.81 -1.13 -5.73
C MET A 942 -20.10 -1.96 -5.71
N ASN A 943 -20.82 -1.93 -4.60
CA ASN A 943 -22.17 -2.49 -4.55
C ASN A 943 -23.17 -1.41 -4.96
N ALA A 944 -22.99 -0.95 -6.21
CA ALA A 944 -23.85 0.08 -6.77
C ALA A 944 -25.25 -0.47 -7.01
N PRO A 945 -26.25 0.40 -7.10
CA PRO A 945 -27.57 -0.05 -7.57
C PRO A 945 -27.51 -0.39 -9.04
N SER A 946 -27.01 -1.60 -9.34
CA SER A 946 -26.91 -2.04 -10.73
C SER A 946 -28.28 -2.16 -11.39
N SER A 947 -29.34 -2.33 -10.59
CA SER A 947 -30.69 -2.14 -11.10
C SER A 947 -30.81 -0.73 -11.65
N ILE A 948 -31.28 -0.61 -12.88
CA ILE A 948 -31.15 0.62 -13.65
C ILE A 948 -32.12 1.68 -13.12
N PRO A 949 -31.61 2.83 -12.68
CA PRO A 949 -32.49 3.92 -12.29
C PRO A 949 -33.13 4.56 -13.50
N PRO A 950 -34.42 4.87 -13.45
CA PRO A 950 -35.08 5.55 -14.56
C PRO A 950 -34.50 6.94 -14.75
N PRO A 951 -34.36 7.39 -15.99
CA PRO A 951 -33.93 8.78 -16.23
C PRO A 951 -34.96 9.75 -15.69
N PRO A 952 -34.51 10.89 -15.14
CA PRO A 952 -35.46 11.86 -14.60
C PRO A 952 -36.28 12.47 -15.72
N PRO A 953 -37.53 12.84 -15.43
CA PRO A 953 -38.36 13.48 -16.45
C PRO A 953 -37.78 14.82 -16.90
N GLU A 954 -37.94 15.11 -18.19
CA GLU A 954 -37.37 16.33 -18.75
C GLU A 954 -38.00 17.57 -18.16
N ASN A 955 -39.33 17.57 -18.03
CA ASN A 955 -40.02 18.72 -17.43
C ASN A 955 -39.67 18.87 -15.95
N LEU A 956 -39.52 17.74 -15.24
CA LEU A 956 -39.09 17.79 -13.86
C LEU A 956 -37.69 18.37 -13.73
N LEU A 957 -36.79 17.97 -14.62
CA LEU A 957 -35.44 18.53 -14.62
C LEU A 957 -35.46 20.02 -14.93
N LYS A 958 -36.33 20.44 -15.85
CA LYS A 958 -36.45 21.86 -16.16
C LYS A 958 -36.96 22.65 -14.96
N ASN A 959 -37.91 22.06 -14.21
CA ASN A 959 -38.40 22.71 -13.00
C ASN A 959 -37.31 22.80 -11.93
N VAL A 960 -36.53 21.74 -11.76
CA VAL A 960 -35.49 21.72 -10.74
C VAL A 960 -34.35 22.66 -11.07
N SER A 961 -34.01 22.79 -12.36
CA SER A 961 -32.78 23.48 -12.75
C SER A 961 -32.80 24.96 -12.36
N TRP A 962 -33.92 25.64 -12.55
CA TRP A 962 -34.03 27.05 -12.22
C TRP A 962 -35.22 27.26 -11.30
N LEU A 963 -35.13 28.32 -10.48
CA LEU A 963 -36.16 28.65 -9.49
C LEU A 963 -37.38 29.21 -10.21
N ALA A 964 -38.16 28.31 -10.81
CA ALA A 964 -39.37 28.68 -11.55
C ALA A 964 -40.56 28.74 -10.59
N GLY A 965 -40.51 29.74 -9.71
CA GLY A 965 -41.59 29.95 -8.77
C GLY A 965 -42.86 30.48 -9.40
N ASP A 966 -42.75 31.08 -10.58
CA ASP A 966 -43.92 31.61 -11.27
C ASP A 966 -44.74 30.46 -11.85
N MET A 967 -46.05 30.48 -11.59
CA MET A 967 -46.93 29.46 -12.14
C MET A 967 -47.18 29.64 -13.63
N LYS A 968 -47.01 30.86 -14.15
CA LYS A 968 -47.11 31.06 -15.58
C LYS A 968 -45.93 30.42 -16.33
N LEU A 969 -44.83 30.12 -15.62
CA LEU A 969 -43.77 29.33 -16.22
C LEU A 969 -44.20 27.89 -16.41
N ILE A 970 -45.02 27.36 -15.49
CA ILE A 970 -45.68 26.09 -15.74
C ILE A 970 -46.68 26.25 -16.88
N ASP A 971 -47.36 27.39 -16.94
CA ASP A 971 -48.18 27.70 -18.10
C ASP A 971 -47.35 27.99 -19.34
N PHE A 972 -46.08 28.37 -19.17
CA PHE A 972 -45.19 28.56 -20.31
C PHE A 972 -44.76 27.25 -20.95
N ILE A 973 -45.03 26.11 -20.29
CA ILE A 973 -44.82 24.82 -20.94
C ILE A 973 -45.76 24.67 -22.13
N LYS A 974 -46.97 25.22 -22.02
CA LYS A 974 -47.88 25.29 -23.16
C LYS A 974 -47.40 26.26 -24.24
N ALA A 975 -46.47 27.15 -23.91
CA ALA A 975 -45.90 28.06 -24.88
C ALA A 975 -44.49 27.68 -25.33
N ARG A 976 -43.79 26.83 -24.56
CA ARG A 976 -42.43 26.40 -24.88
C ARG A 976 -42.38 24.87 -24.78
N ALA A 977 -42.79 24.20 -25.85
CA ALA A 977 -42.74 22.74 -25.90
C ALA A 977 -42.48 22.34 -27.35
N SER A 978 -41.21 22.09 -27.67
CA SER A 978 -40.82 21.72 -29.02
C SER A 978 -40.15 20.36 -29.10
N LEU A 979 -39.22 20.07 -28.17
CA LEU A 979 -38.46 18.82 -28.14
C LEU A 979 -37.72 18.60 -29.47
N LEU A 980 -37.19 19.67 -30.03
CA LEU A 980 -36.50 19.60 -31.30
C LEU A 980 -35.12 18.96 -31.12
N HIS A 981 -34.73 18.14 -32.09
CA HIS A 981 -33.47 17.42 -32.06
C HIS A 981 -32.52 17.99 -33.11
N PHE A 982 -31.28 18.24 -32.70
CA PHE A 982 -30.22 18.66 -33.61
C PHE A 982 -29.07 17.67 -33.51
N ASP A 983 -28.63 17.17 -34.66
CA ASP A 983 -27.63 16.12 -34.69
C ASP A 983 -26.23 16.72 -34.58
N TYR A 984 -25.21 15.87 -34.70
CA TYR A 984 -23.84 16.29 -34.50
C TYR A 984 -23.39 17.30 -35.55
N GLY A 985 -22.70 18.35 -35.08
CA GLY A 985 -22.13 19.35 -35.95
C GLY A 985 -23.10 20.37 -36.49
N GLU A 986 -24.36 20.34 -36.06
CA GLU A 986 -25.38 21.24 -36.59
C GLU A 986 -25.29 22.58 -35.88
N VAL A 987 -24.96 23.63 -36.63
CA VAL A 987 -24.94 24.97 -36.08
C VAL A 987 -26.37 25.47 -35.93
N ILE A 988 -26.71 25.92 -34.71
CA ILE A 988 -28.09 26.33 -34.44
C ILE A 988 -28.37 27.71 -35.03
N VAL A 989 -27.56 28.69 -34.66
CA VAL A 989 -27.70 30.05 -35.17
C VAL A 989 -26.34 30.55 -35.64
N ARG A 990 -26.37 31.49 -36.57
CA ARG A 990 -25.17 32.13 -37.09
C ARG A 990 -25.19 33.60 -36.71
N GLU A 991 -24.00 34.17 -36.54
CA GLU A 991 -23.88 35.56 -36.12
C GLU A 991 -24.42 36.50 -37.19
N GLY A 992 -25.04 37.59 -36.75
CA GLY A 992 -25.65 38.54 -37.64
C GLY A 992 -27.10 38.27 -37.98
N ASP A 993 -27.62 37.10 -37.61
CA ASP A 993 -29.02 36.80 -37.87
C ASP A 993 -29.93 37.59 -36.92
N GLU A 994 -31.12 37.91 -37.42
CA GLU A 994 -32.08 38.68 -36.62
C GLU A 994 -32.58 37.84 -35.44
N SER A 995 -32.66 38.48 -34.28
CA SER A 995 -33.11 37.80 -33.07
C SER A 995 -34.61 37.57 -33.12
N ASP A 996 -35.02 36.38 -33.59
CA ASP A 996 -36.43 36.03 -33.70
C ASP A 996 -36.85 35.00 -32.68
N GLY A 997 -36.05 33.95 -32.46
CA GLY A 997 -36.39 32.88 -31.56
C GLY A 997 -35.57 32.89 -30.28
N LEU A 998 -35.83 31.88 -29.45
CA LEU A 998 -35.16 31.71 -28.18
C LEU A 998 -35.20 30.22 -27.83
N PHE A 999 -34.22 29.77 -27.06
CA PHE A 999 -34.07 28.35 -26.81
C PHE A 999 -33.75 28.08 -25.35
N LEU A 1000 -34.34 27.01 -24.82
CA LEU A 1000 -33.97 26.44 -23.52
C LEU A 1000 -33.51 25.02 -23.75
N ILE A 1001 -32.27 24.74 -23.37
CA ILE A 1001 -31.69 23.41 -23.57
C ILE A 1001 -32.27 22.45 -22.53
N VAL A 1002 -32.64 21.26 -23.00
CA VAL A 1002 -33.14 20.22 -22.11
C VAL A 1002 -32.31 18.93 -22.19
N SER A 1003 -31.52 18.72 -23.24
CA SER A 1003 -30.68 17.53 -23.31
C SER A 1003 -29.48 17.83 -24.19
N GLY A 1004 -28.29 17.79 -23.63
CA GLY A 1004 -27.05 17.87 -24.40
C GLY A 1004 -26.16 19.01 -23.93
N LEU A 1005 -24.97 19.04 -24.54
CA LEU A 1005 -23.95 20.04 -24.28
C LEU A 1005 -23.55 20.71 -25.58
N VAL A 1006 -23.37 22.04 -25.54
CA VAL A 1006 -23.01 22.81 -26.72
C VAL A 1006 -21.77 23.65 -26.41
N LYS A 1007 -21.08 24.06 -27.48
CA LYS A 1007 -19.93 24.94 -27.39
C LYS A 1007 -20.24 26.23 -28.11
N LEU A 1008 -20.01 27.36 -27.43
CA LEU A 1008 -20.28 28.68 -27.96
C LEU A 1008 -18.97 29.43 -28.17
N TYR A 1009 -18.79 29.98 -29.36
CA TYR A 1009 -17.64 30.81 -29.69
C TYR A 1009 -18.12 32.24 -29.89
N GLY A 1010 -17.54 33.18 -29.15
CA GLY A 1010 -17.95 34.57 -29.21
C GLY A 1010 -16.76 35.50 -29.26
N LYS A 1011 -17.05 36.78 -29.41
CA LYS A 1011 -16.02 37.81 -29.46
C LYS A 1011 -16.28 38.89 -28.42
N GLU A 1030 -11.02 40.71 -28.38
CA GLU A 1030 -10.66 39.33 -28.05
C GLU A 1030 -11.82 38.39 -28.31
N VAL A 1031 -11.57 37.09 -28.20
CA VAL A 1031 -12.57 36.05 -28.43
C VAL A 1031 -12.58 35.11 -27.24
N PHE A 1032 -13.71 34.44 -27.06
CA PHE A 1032 -13.89 33.52 -25.94
C PHE A 1032 -14.62 32.27 -26.41
N GLU A 1033 -14.36 31.18 -25.70
CA GLU A 1033 -15.04 29.91 -25.93
C GLU A 1033 -15.65 29.43 -24.62
N ASP A 1034 -16.93 29.06 -24.67
CA ASP A 1034 -17.66 28.62 -23.49
C ASP A 1034 -18.34 27.30 -23.79
N TYR A 1035 -18.64 26.55 -22.73
CA TYR A 1035 -19.38 25.30 -22.84
C TYR A 1035 -20.67 25.44 -22.05
N LEU A 1036 -21.80 25.26 -22.71
CA LEU A 1036 -23.11 25.42 -22.11
C LEU A 1036 -23.77 24.05 -22.00
N THR A 1037 -24.19 23.71 -20.79
CA THR A 1037 -24.80 22.42 -20.49
C THR A 1037 -26.30 22.59 -20.30
N VAL A 1038 -26.97 21.50 -19.90
CA VAL A 1038 -28.41 21.53 -19.69
C VAL A 1038 -28.74 22.45 -18.52
N GLY A 1039 -29.74 23.29 -18.71
CA GLY A 1039 -30.21 24.18 -17.68
C GLY A 1039 -29.88 25.65 -17.86
N ASN A 1040 -29.70 26.12 -19.09
CA ASN A 1040 -29.33 27.49 -19.36
C ASN A 1040 -30.21 28.06 -20.46
N VAL A 1041 -30.29 29.38 -20.50
CA VAL A 1041 -31.11 30.12 -21.46
C VAL A 1041 -30.19 30.80 -22.46
N ILE A 1042 -30.58 30.75 -23.73
CA ILE A 1042 -29.84 31.39 -24.80
C ILE A 1042 -30.70 32.52 -25.38
N GLY A 1043 -30.07 33.35 -26.20
CA GLY A 1043 -30.76 34.48 -26.81
C GLY A 1043 -31.22 35.55 -25.83
N GLU A 1044 -30.36 35.91 -24.87
CA GLU A 1044 -30.74 36.90 -23.88
C GLU A 1044 -30.56 38.32 -24.41
N MET A 1045 -29.40 38.60 -25.02
CA MET A 1045 -29.11 39.95 -25.50
C MET A 1045 -29.99 40.31 -26.70
N GLY A 1046 -30.41 39.33 -27.48
CA GLY A 1046 -31.25 39.60 -28.63
C GLY A 1046 -32.66 40.05 -28.29
N VAL A 1047 -33.12 39.74 -27.09
CA VAL A 1047 -34.42 40.23 -26.62
C VAL A 1047 -34.26 41.52 -25.82
N LEU A 1048 -33.21 41.61 -25.01
CA LEU A 1048 -32.98 42.80 -24.19
C LEU A 1048 -32.61 43.99 -25.07
N THR A 1049 -31.48 43.89 -25.78
CA THR A 1049 -30.97 44.99 -26.59
C THR A 1049 -31.51 45.00 -28.01
N LYS A 1050 -32.33 44.01 -28.38
CA LYS A 1050 -32.87 43.86 -29.73
C LYS A 1050 -31.76 43.85 -30.77
N LYS A 1051 -30.67 43.16 -30.46
CA LYS A 1051 -29.49 43.10 -31.30
C LYS A 1051 -29.42 41.76 -32.03
N PRO A 1052 -28.81 41.72 -33.22
CA PRO A 1052 -28.67 40.44 -33.93
C PRO A 1052 -27.69 39.50 -33.26
N ARG A 1053 -27.52 38.30 -33.83
CA ARG A 1053 -26.63 37.31 -33.25
C ARG A 1053 -25.18 37.74 -33.38
N ASN A 1054 -24.39 37.50 -32.33
CA ASN A 1054 -22.98 37.86 -32.31
C ASN A 1054 -22.06 36.69 -32.02
N ALA A 1055 -22.58 35.55 -31.54
CA ALA A 1055 -21.78 34.39 -31.21
C ALA A 1055 -22.38 33.16 -31.87
N THR A 1056 -21.51 32.20 -32.19
CA THR A 1056 -21.90 31.00 -32.92
C THR A 1056 -21.88 29.80 -31.98
N VAL A 1057 -22.98 29.05 -31.96
CA VAL A 1057 -23.13 27.89 -31.11
C VAL A 1057 -23.14 26.63 -31.96
N THR A 1058 -22.38 25.62 -31.54
CA THR A 1058 -22.36 24.32 -32.19
C THR A 1058 -22.66 23.24 -31.16
N CYS A 1059 -23.23 22.14 -31.63
CA CYS A 1059 -23.54 21.00 -30.77
C CYS A 1059 -22.70 19.82 -31.21
N GLU A 1060 -22.06 19.17 -30.23
CA GLU A 1060 -21.14 18.07 -30.48
C GLU A 1060 -21.79 16.70 -30.32
N THR A 1061 -23.12 16.67 -30.22
CA THR A 1061 -23.87 15.42 -30.12
C THR A 1061 -25.30 15.70 -30.53
N THR A 1062 -26.13 14.66 -30.51
CA THR A 1062 -27.56 14.88 -30.65
C THR A 1062 -28.07 15.60 -29.41
N VAL A 1063 -28.88 16.64 -29.62
CA VAL A 1063 -29.32 17.51 -28.55
C VAL A 1063 -30.81 17.76 -28.70
N GLN A 1064 -31.52 17.78 -27.57
CA GLN A 1064 -32.93 18.11 -27.51
C GLN A 1064 -33.10 19.47 -26.87
N VAL A 1065 -33.91 20.33 -27.50
CA VAL A 1065 -34.06 21.71 -27.06
C VAL A 1065 -35.53 22.11 -27.21
N TYR A 1066 -35.94 23.11 -26.43
CA TYR A 1066 -37.25 23.73 -26.56
C TYR A 1066 -37.14 25.02 -27.36
N PHE A 1067 -38.15 25.26 -28.20
CA PHE A 1067 -38.20 26.46 -29.03
C PHE A 1067 -39.09 27.49 -28.36
N ILE A 1068 -38.57 28.71 -28.24
CA ILE A 1068 -39.27 29.82 -27.59
C ILE A 1068 -39.31 30.99 -28.55
N THR A 1069 -40.50 31.52 -28.80
CA THR A 1069 -40.69 32.64 -29.71
C THR A 1069 -40.52 33.97 -28.99
N ALA A 1070 -40.41 35.03 -29.78
CA ALA A 1070 -40.44 36.38 -29.21
C ALA A 1070 -41.82 36.70 -28.65
N GLU A 1071 -42.87 36.10 -29.23
CA GLU A 1071 -44.21 36.22 -28.65
C GLU A 1071 -44.27 35.57 -27.27
N ASP A 1072 -43.54 34.45 -27.11
CA ASP A 1072 -43.41 33.85 -25.78
C ASP A 1072 -42.65 34.76 -24.84
N MET A 1073 -41.66 35.51 -25.34
CA MET A 1073 -40.96 36.49 -24.52
C MET A 1073 -41.90 37.60 -24.07
N ASN A 1074 -42.76 38.08 -24.98
CA ASN A 1074 -43.76 39.08 -24.61
C ASN A 1074 -44.76 38.54 -23.59
N ILE A 1075 -45.16 37.28 -23.76
CA ILE A 1075 -46.08 36.65 -22.80
C ILE A 1075 -45.42 36.53 -21.43
N ALA A 1076 -44.14 36.18 -21.40
CA ALA A 1076 -43.40 36.12 -20.13
C ALA A 1076 -43.28 37.49 -19.50
N ILE A 1077 -43.03 38.52 -20.31
CA ILE A 1077 -42.92 39.88 -19.79
C ILE A 1077 -44.25 40.34 -19.20
N ASP A 1078 -45.35 39.95 -19.84
CA ASP A 1078 -46.67 40.22 -19.27
C ASP A 1078 -46.87 39.44 -17.97
N THR A 1079 -46.37 38.20 -17.92
CA THR A 1079 -46.55 37.36 -16.73
C THR A 1079 -45.74 37.87 -15.55
N PHE A 1080 -44.60 38.54 -15.80
CA PHE A 1080 -43.79 39.06 -14.70
C PHE A 1080 -44.53 40.16 -13.94
N THR A 1081 -45.24 41.03 -14.66
CA THR A 1081 -46.05 42.11 -14.10
C THR A 1081 -45.27 43.01 -13.15
N LEU A 1082 -45.68 43.03 -11.88
CA LEU A 1082 -45.04 43.90 -10.91
C LEU A 1082 -43.63 43.44 -10.57
N TYR A 1083 -43.44 42.12 -10.43
CA TYR A 1083 -42.15 41.58 -10.00
C TYR A 1083 -41.50 40.80 -11.13
N PRO A 1084 -40.51 41.36 -11.82
CA PRO A 1084 -39.79 40.63 -12.88
C PRO A 1084 -38.75 39.66 -12.33
N SER A 1085 -39.23 38.47 -11.95
CA SER A 1085 -38.36 37.45 -11.37
C SER A 1085 -37.33 36.96 -12.37
N LEU A 1086 -37.79 36.39 -13.49
CA LEU A 1086 -36.88 35.85 -14.49
C LEU A 1086 -36.07 36.96 -15.17
N GLU A 1087 -36.66 38.15 -15.34
CA GLU A 1087 -35.91 39.26 -15.93
C GLU A 1087 -34.74 39.67 -15.04
N TYR A 1088 -34.98 39.80 -13.73
CA TYR A 1088 -33.90 40.14 -12.82
C TYR A 1088 -32.87 39.01 -12.74
N ARG A 1089 -33.33 37.76 -12.77
CA ARG A 1089 -32.40 36.63 -12.74
C ARG A 1089 -31.50 36.61 -13.98
N LEU A 1090 -32.08 36.84 -15.16
CA LEU A 1090 -31.28 36.84 -16.38
C LEU A 1090 -30.38 38.07 -16.45
N TRP A 1091 -30.82 39.21 -15.89
CA TRP A 1091 -29.96 40.36 -15.81
C TRP A 1091 -28.74 40.09 -14.94
N ARG A 1092 -28.96 39.43 -13.79
CA ARG A 1092 -27.83 39.02 -12.95
C ARG A 1092 -26.93 38.03 -13.68
N VAL A 1093 -27.54 37.10 -14.42
CA VAL A 1093 -26.75 36.10 -15.14
C VAL A 1093 -25.87 36.75 -16.19
N VAL A 1094 -26.44 37.61 -17.02
CA VAL A 1094 -25.67 38.26 -18.07
C VAL A 1094 -24.63 39.21 -17.46
N ALA A 1095 -24.94 39.80 -16.29
CA ALA A 1095 -23.93 40.57 -15.57
C ALA A 1095 -22.75 39.69 -15.19
N ILE A 1096 -23.02 38.46 -14.76
CA ILE A 1096 -21.93 37.54 -14.42
C ILE A 1096 -21.11 37.21 -15.67
N ARG A 1097 -21.79 36.88 -16.77
CA ARG A 1097 -21.06 36.48 -17.99
C ARG A 1097 -20.25 37.64 -18.57
N ILE A 1098 -20.67 38.88 -18.33
CA ILE A 1098 -19.87 40.01 -18.77
C ILE A 1098 -18.74 40.29 -17.79
N ALA A 1099 -19.02 40.20 -16.48
CA ALA A 1099 -18.06 40.64 -15.48
C ALA A 1099 -16.90 39.68 -15.34
N THR A 1100 -17.16 38.36 -15.42
CA THR A 1100 -16.10 37.38 -15.16
C THR A 1100 -14.89 37.50 -16.09
N PRO A 1101 -15.03 37.64 -17.43
CA PRO A 1101 -13.83 37.87 -18.24
C PRO A 1101 -13.10 39.15 -17.92
N LEU A 1102 -13.83 40.25 -17.66
CA LEU A 1102 -13.15 41.49 -17.32
C LEU A 1102 -12.60 41.47 -15.89
N ILE A 1103 -13.22 40.69 -15.00
CA ILE A 1103 -12.65 40.49 -13.68
C ILE A 1103 -11.33 39.75 -13.79
N MET A 1104 -11.29 38.69 -14.59
CA MET A 1104 -10.06 37.92 -14.76
C MET A 1104 -9.04 38.64 -15.62
N GLU A 1105 -9.46 39.66 -16.37
CA GLU A 1105 -8.55 40.40 -17.25
C GLU A 1105 -7.99 41.66 -16.61
N GLN A 1106 -8.80 42.41 -15.87
CA GLN A 1106 -8.33 43.64 -15.26
C GLN A 1106 -7.43 43.34 -14.07
N MET A 1107 -6.56 44.29 -13.76
CA MET A 1107 -5.64 44.16 -12.64
C MET A 1107 -6.29 44.45 -11.30
N ALA A 1108 -7.52 44.95 -11.28
CA ALA A 1108 -8.22 45.21 -10.03
C ALA A 1108 -8.69 43.93 -9.36
N PHE A 1109 -8.72 42.81 -10.08
CA PHE A 1109 -9.13 41.52 -9.50
C PHE A 1109 -8.19 40.45 -10.03
N GLN A 1110 -7.17 40.11 -9.25
CA GLN A 1110 -6.22 39.08 -9.60
C GLN A 1110 -6.18 38.02 -8.51
N GLY A 1111 -6.16 36.76 -8.92
CA GLY A 1111 -6.29 35.65 -8.01
C GLY A 1111 -7.70 35.17 -7.78
N TRP A 1112 -8.70 35.83 -8.38
CA TRP A 1112 -10.08 35.40 -8.26
C TRP A 1112 -10.30 34.11 -9.05
N THR A 1113 -10.93 33.12 -8.41
CA THR A 1113 -11.24 31.86 -9.06
C THR A 1113 -12.64 31.91 -9.66
N GLN A 1114 -12.93 30.91 -10.50
CA GLN A 1114 -14.24 30.84 -11.14
C GLN A 1114 -15.35 30.60 -10.11
N GLU A 1115 -15.10 29.74 -9.12
CA GLU A 1115 -16.10 29.48 -8.09
C GLU A 1115 -16.35 30.70 -7.23
N LYS A 1116 -15.30 31.47 -6.93
CA LYS A 1116 -15.45 32.67 -6.11
C LYS A 1116 -16.27 33.73 -6.83
N VAL A 1117 -15.98 33.96 -8.11
CA VAL A 1117 -16.73 34.96 -8.86
C VAL A 1117 -18.12 34.46 -9.23
N LYS A 1118 -18.34 33.16 -9.23
CA LYS A 1118 -19.66 32.61 -9.49
C LYS A 1118 -20.50 32.41 -8.23
N LEU A 1119 -19.89 32.58 -7.05
CA LEU A 1119 -20.61 32.38 -5.79
C LEU A 1119 -20.79 33.67 -5.00
N HIS A 1120 -19.70 34.43 -4.77
CA HIS A 1120 -19.81 35.64 -3.97
C HIS A 1120 -20.51 36.77 -4.72
N LEU A 1121 -20.56 36.71 -6.04
CA LEU A 1121 -21.25 37.73 -6.82
C LEU A 1121 -22.74 37.50 -6.92
N GLU A 1122 -23.24 36.35 -6.47
CA GLU A 1122 -24.67 36.06 -6.55
C GLU A 1122 -25.47 36.91 -5.58
N ARG A 1123 -24.88 37.28 -4.44
CA ARG A 1123 -25.56 38.10 -3.44
C ARG A 1123 -25.58 39.54 -3.94
N GLY A 1124 -26.60 39.88 -4.71
CA GLY A 1124 -26.74 41.21 -5.25
C GLY A 1124 -28.15 41.47 -5.69
N TYR A 1125 -28.38 42.69 -6.17
CA TYR A 1125 -29.71 43.12 -6.56
C TYR A 1125 -29.59 44.30 -7.52
N LEU A 1126 -30.72 44.90 -7.88
CA LEU A 1126 -30.77 46.03 -8.79
C LEU A 1126 -31.55 47.18 -8.14
N VAL A 1127 -31.24 48.40 -8.56
CA VAL A 1127 -31.90 49.60 -8.05
C VAL A 1127 -32.63 50.27 -9.20
N ASP A 1128 -33.92 50.55 -9.00
CA ASP A 1128 -34.72 51.22 -10.02
C ASP A 1128 -34.41 52.70 -10.03
N LEU A 1129 -34.09 53.23 -11.21
CA LEU A 1129 -33.74 54.64 -11.36
C LEU A 1129 -34.95 55.54 -11.50
N ALA A 1130 -36.14 54.98 -11.71
CA ALA A 1130 -37.35 55.81 -11.82
C ALA A 1130 -37.68 56.47 -10.49
N GLU A 1131 -37.55 55.74 -9.39
CA GLU A 1131 -37.82 56.32 -8.08
C GLU A 1131 -36.73 57.29 -7.65
N SER A 1132 -35.51 57.11 -8.16
CA SER A 1132 -34.40 57.99 -7.86
C SER A 1132 -34.23 59.11 -8.88
N HIS A 1133 -35.16 59.23 -9.83
CA HIS A 1133 -35.13 60.23 -10.90
C HIS A 1133 -33.83 60.15 -11.70
N PHE A 1134 -33.39 58.91 -11.97
CA PHE A 1134 -32.16 58.63 -12.73
C PHE A 1134 -30.94 59.29 -12.08
N GLN A 1135 -30.90 59.26 -10.75
CA GLN A 1135 -29.79 59.85 -9.99
C GLN A 1135 -29.58 58.97 -8.76
N PHE A 1136 -28.53 58.16 -8.79
CA PHE A 1136 -28.19 57.26 -7.70
C PHE A 1136 -26.92 57.73 -7.01
N ASN A 1137 -26.96 57.77 -5.68
CA ASN A 1137 -25.81 58.20 -4.88
C ASN A 1137 -25.11 56.97 -4.32
N ILE A 1138 -23.82 56.86 -4.59
CA ILE A 1138 -23.02 55.72 -4.15
C ILE A 1138 -22.49 56.00 -2.75
N ASP A 1139 -22.66 55.05 -1.85
CA ASP A 1139 -22.25 55.18 -0.46
C ASP A 1139 -21.31 54.03 -0.09
N ALA A 1140 -20.98 53.95 1.20
CA ALA A 1140 -20.07 52.92 1.68
C ALA A 1140 -20.71 51.54 1.72
N THR A 1141 -22.04 51.47 1.73
CA THR A 1141 -22.72 50.17 1.73
C THR A 1141 -22.48 49.43 0.41
N LEU A 1142 -22.47 50.15 -0.71
CA LEU A 1142 -22.22 49.52 -2.00
C LEU A 1142 -20.76 49.09 -2.09
N GLU A 1143 -20.55 47.92 -2.70
CA GLU A 1143 -19.21 47.36 -2.86
C GLU A 1143 -18.84 47.10 -4.31
N ASP A 1144 -19.77 46.58 -5.12
CA ASP A 1144 -19.51 46.28 -6.52
C ASP A 1144 -20.61 46.89 -7.37
N VAL A 1145 -20.22 47.70 -8.35
CA VAL A 1145 -21.15 48.32 -9.29
C VAL A 1145 -20.65 48.05 -10.69
N ILE A 1146 -21.49 47.44 -11.53
CA ILE A 1146 -21.16 47.12 -12.91
C ILE A 1146 -22.29 47.64 -13.79
N LEU A 1147 -21.93 48.39 -14.82
CA LEU A 1147 -22.90 48.93 -15.78
C LEU A 1147 -23.12 47.89 -16.87
N ILE A 1148 -24.33 47.33 -16.93
CA ILE A 1148 -24.64 46.31 -17.92
C ILE A 1148 -25.00 46.94 -19.26
N ASN A 1149 -25.85 47.96 -19.25
CA ASN A 1149 -26.33 48.59 -20.47
C ASN A 1149 -26.59 50.05 -20.20
N GLY A 1150 -26.62 50.84 -21.27
CA GLY A 1150 -26.88 52.26 -21.18
C GLY A 1150 -25.60 53.08 -21.04
N THR A 1151 -25.78 54.40 -21.14
CA THR A 1151 -24.68 55.35 -21.04
C THR A 1151 -24.91 56.26 -19.84
N ALA A 1152 -23.86 56.48 -19.06
CA ALA A 1152 -23.94 57.31 -17.87
C ALA A 1152 -22.95 58.47 -17.98
N TYR A 1153 -23.13 59.46 -17.12
CA TYR A 1153 -22.24 60.61 -17.07
C TYR A 1153 -21.84 60.90 -15.63
N ASN A 1154 -20.59 61.31 -15.44
CA ASN A 1154 -20.11 61.63 -14.10
C ASN A 1154 -20.75 62.93 -13.62
N ALA A 1155 -21.02 63.00 -12.32
CA ALA A 1155 -21.66 64.18 -11.74
C ALA A 1155 -20.69 65.33 -11.52
N HIS A 1156 -19.39 65.10 -11.60
CA HIS A 1156 -18.39 66.15 -11.38
C HIS A 1156 -17.56 66.42 -12.63
N THR A 1157 -16.96 65.39 -13.22
CA THR A 1157 -16.11 65.55 -14.39
C THR A 1157 -16.86 65.42 -15.70
N ARG A 1158 -18.17 65.09 -15.65
CA ARG A 1158 -19.00 64.89 -16.84
C ARG A 1158 -18.40 63.86 -17.78
N GLU A 1159 -17.88 62.78 -17.21
CA GLU A 1159 -17.24 61.72 -17.99
C GLU A 1159 -18.32 60.81 -18.56
N GLU A 1160 -18.47 60.81 -19.88
CA GLU A 1160 -19.46 59.97 -20.55
C GLU A 1160 -18.92 58.56 -20.65
N ILE A 1161 -19.48 57.65 -19.86
CA ILE A 1161 -19.06 56.26 -19.85
C ILE A 1161 -20.18 55.40 -20.43
N ARG A 1162 -19.78 54.28 -21.03
CA ARG A 1162 -20.70 53.39 -21.72
C ARG A 1162 -20.40 51.95 -21.32
N SER A 1163 -21.41 51.09 -21.52
CA SER A 1163 -21.28 49.68 -21.21
C SER A 1163 -20.31 49.02 -22.20
N PRO A 1164 -19.61 47.95 -21.78
CA PRO A 1164 -19.61 47.32 -20.46
C PRO A 1164 -18.37 47.63 -19.63
N CYS A 1165 -17.93 48.89 -19.60
CA CYS A 1165 -16.76 49.25 -18.83
C CYS A 1165 -17.06 49.20 -17.34
N LEU A 1166 -16.10 48.67 -16.57
CA LEU A 1166 -16.25 48.61 -15.13
C LEU A 1166 -16.11 50.00 -14.50
N ILE A 1167 -17.01 50.33 -13.58
CA ILE A 1167 -17.03 51.63 -12.93
C ILE A 1167 -16.12 51.59 -11.72
N SER A 1168 -15.20 52.54 -11.64
CA SER A 1168 -14.29 52.63 -10.51
C SER A 1168 -15.01 53.21 -9.29
N ARG A 1169 -14.38 53.05 -8.12
CA ARG A 1169 -14.96 53.53 -6.88
C ARG A 1169 -14.76 55.03 -6.67
N THR A 1170 -13.99 55.70 -7.53
CA THR A 1170 -13.77 57.13 -7.39
C THR A 1170 -15.07 57.91 -7.60
N VAL A 1171 -15.87 57.52 -8.58
CA VAL A 1171 -17.15 58.18 -8.84
C VAL A 1171 -18.15 57.75 -7.79
N HIS A 1172 -18.82 58.73 -7.18
CA HIS A 1172 -19.83 58.47 -6.17
C HIS A 1172 -21.22 58.93 -6.57
N LYS A 1173 -21.37 59.61 -7.70
CA LYS A 1173 -22.67 60.04 -8.18
C LYS A 1173 -22.65 60.03 -9.70
N LEU A 1174 -23.75 59.59 -10.30
CA LEU A 1174 -23.85 59.48 -11.74
C LEU A 1174 -25.19 60.02 -12.21
N THR A 1175 -25.23 60.46 -13.47
CA THR A 1175 -26.43 60.96 -14.11
C THR A 1175 -26.75 60.07 -15.31
N PHE A 1176 -28.02 59.72 -15.45
CA PHE A 1176 -28.49 58.85 -16.52
C PHE A 1176 -29.60 59.55 -17.30
N GLN A 1177 -29.57 59.40 -18.62
CA GLN A 1177 -30.57 59.96 -19.50
C GLN A 1177 -31.62 58.91 -19.83
N TYR A 1178 -32.89 59.26 -19.65
CA TYR A 1178 -33.99 58.34 -19.90
C TYR A 1178 -34.14 58.15 -21.41
N THR A 1179 -33.61 57.06 -21.93
CA THR A 1179 -33.66 56.75 -23.36
C THR A 1179 -34.46 55.47 -23.56
N ALA A 1180 -35.48 55.54 -24.42
CA ALA A 1180 -36.28 54.36 -24.72
C ALA A 1180 -35.53 53.39 -25.60
N THR A 1181 -34.61 53.88 -26.44
CA THR A 1181 -33.85 53.00 -27.31
C THR A 1181 -32.86 52.15 -26.52
N GLU A 1182 -32.22 52.74 -25.50
CA GLU A 1182 -31.22 52.04 -24.68
C GLU A 1182 -31.44 52.46 -23.23
N GLU A 1183 -32.23 51.68 -22.51
CA GLU A 1183 -32.46 51.95 -21.09
C GLU A 1183 -31.21 51.59 -20.29
N PRO A 1184 -30.74 52.48 -19.41
CA PRO A 1184 -29.57 52.16 -18.59
C PRO A 1184 -29.85 51.02 -17.63
N ARG A 1185 -28.83 50.20 -17.40
CA ARG A 1185 -28.93 49.05 -16.51
C ARG A 1185 -27.70 49.00 -15.63
N LEU A 1186 -27.91 48.86 -14.32
CA LEU A 1186 -26.83 48.84 -13.36
C LEU A 1186 -27.07 47.73 -12.34
N PHE A 1187 -25.98 47.15 -11.85
CA PHE A 1187 -26.01 46.14 -10.79
C PHE A 1187 -25.33 46.71 -9.56
N VAL A 1188 -25.95 46.52 -8.40
CA VAL A 1188 -25.41 46.98 -7.12
C VAL A 1188 -25.27 45.80 -6.19
N VAL A 1189 -24.17 45.79 -5.43
CA VAL A 1189 -23.90 44.75 -4.45
C VAL A 1189 -23.76 45.42 -3.09
N ARG A 1190 -24.49 44.92 -2.10
CA ARG A 1190 -24.44 45.47 -0.76
C ARG A 1190 -23.32 44.82 0.05
N ASN A 1191 -22.92 45.50 1.12
CA ASN A 1191 -21.86 45.01 1.99
C ASN A 1191 -22.41 43.95 2.96
N LYS B 76 -19.59 -36.67 19.92
CA LYS B 76 -19.62 -35.62 18.91
C LYS B 76 -19.58 -34.24 19.56
N VAL B 77 -18.66 -33.40 19.09
CA VAL B 77 -18.50 -32.05 19.61
C VAL B 77 -18.50 -30.99 18.52
N ILE B 78 -18.74 -31.37 17.26
CA ILE B 78 -18.68 -30.42 16.15
C ILE B 78 -19.74 -29.34 16.30
N VAL B 79 -20.95 -29.74 16.71
CA VAL B 79 -22.07 -28.81 16.76
C VAL B 79 -21.82 -27.73 17.80
N PHE B 80 -21.22 -28.09 18.93
CA PHE B 80 -21.01 -27.13 20.01
C PHE B 80 -20.02 -26.05 19.60
N ILE B 81 -18.88 -26.45 19.04
CA ILE B 81 -17.84 -25.50 18.67
C ILE B 81 -18.29 -24.64 17.49
N SER B 82 -18.97 -25.27 16.52
CA SER B 82 -19.50 -24.50 15.39
C SER B 82 -20.52 -23.48 15.85
N GLY B 83 -21.44 -23.88 16.74
CA GLY B 83 -22.38 -22.94 17.30
C GLY B 83 -21.70 -21.84 18.10
N SER B 84 -20.60 -22.18 18.77
CA SER B 84 -19.84 -21.16 19.48
C SER B 84 -19.28 -20.12 18.52
N CYS B 85 -18.74 -20.57 17.38
CA CYS B 85 -18.21 -19.63 16.39
C CYS B 85 -19.31 -18.74 15.82
N LEU B 86 -20.45 -19.34 15.46
CA LEU B 86 -21.57 -18.56 14.94
C LEU B 86 -22.09 -17.55 15.96
N PHE B 87 -22.25 -17.97 17.22
CA PHE B 87 -22.79 -17.08 18.25
C PHE B 87 -21.83 -15.96 18.56
N GLY B 88 -20.53 -16.25 18.62
CA GLY B 88 -19.56 -15.20 18.83
C GLY B 88 -19.55 -14.19 17.69
N ALA B 89 -19.63 -14.68 16.44
CA ALA B 89 -19.64 -13.79 15.30
C ALA B 89 -20.87 -12.90 15.29
N ILE B 90 -22.05 -13.48 15.54
CA ILE B 90 -23.27 -12.69 15.50
C ILE B 90 -23.33 -11.70 16.67
N SER B 91 -22.79 -12.09 17.83
CA SER B 91 -22.77 -11.17 18.97
C SER B 91 -21.84 -10.00 18.71
N ARG B 92 -20.64 -10.27 18.17
CA ARG B 92 -19.72 -9.20 17.86
C ARG B 92 -20.29 -8.28 16.79
N SER B 93 -20.99 -8.83 15.82
CA SER B 93 -21.62 -8.00 14.80
C SER B 93 -22.73 -7.14 15.38
N LEU B 94 -23.57 -7.72 16.24
CA LEU B 94 -24.75 -7.00 16.73
C LEU B 94 -24.61 -6.11 17.94
N PHE B 95 -23.55 -6.26 18.74
CA PHE B 95 -23.51 -5.48 19.96
C PHE B 95 -22.38 -4.44 19.96
N LYS B 96 -21.63 -4.34 18.85
CA LYS B 96 -20.45 -3.49 18.79
C LYS B 96 -20.76 -2.00 18.86
N LYS B 97 -22.03 -1.60 18.73
CA LYS B 97 -22.39 -0.19 18.87
C LYS B 97 -22.27 0.28 20.31
N LEU B 98 -22.73 -0.54 21.26
CA LEU B 98 -22.71 -0.16 22.65
C LEU B 98 -21.27 -0.19 23.20
N PRO B 99 -20.95 0.68 24.17
CA PRO B 99 -19.59 0.70 24.73
C PRO B 99 -19.27 -0.50 25.60
N ILE B 100 -20.25 -1.29 25.99
CA ILE B 100 -19.99 -2.50 26.79
C ILE B 100 -19.32 -3.55 25.91
N PRO B 101 -18.38 -4.33 26.44
CA PRO B 101 -17.88 -5.47 25.66
C PRO B 101 -18.97 -6.51 25.44
N TYR B 102 -18.85 -7.20 24.31
CA TYR B 102 -19.80 -8.24 23.91
C TYR B 102 -19.74 -9.47 24.79
N THR B 103 -18.71 -9.59 25.63
CA THR B 103 -18.41 -10.85 26.30
C THR B 103 -19.54 -11.29 27.23
N VAL B 104 -20.11 -10.35 27.99
CA VAL B 104 -21.22 -10.67 28.88
C VAL B 104 -22.39 -11.26 28.10
N VAL B 105 -22.61 -10.77 26.87
CA VAL B 105 -23.63 -11.35 26.01
C VAL B 105 -23.39 -12.84 25.85
N LEU B 106 -22.13 -13.20 25.54
CA LEU B 106 -21.75 -14.61 25.48
C LEU B 106 -22.07 -15.30 26.80
N LEU B 107 -21.69 -14.66 27.92
CA LEU B 107 -21.98 -15.19 29.24
C LEU B 107 -23.47 -15.43 29.39
N ILE B 108 -24.28 -14.47 28.93
CA ILE B 108 -25.73 -14.60 29.02
C ILE B 108 -26.19 -15.80 28.18
N LEU B 109 -25.65 -15.95 26.96
CA LEU B 109 -25.99 -17.12 26.16
C LEU B 109 -25.61 -18.41 26.88
N GLY B 110 -24.50 -18.40 27.62
CA GLY B 110 -24.17 -19.56 28.43
C GLY B 110 -25.26 -19.89 29.42
N ALA B 111 -25.74 -18.85 30.13
CA ALA B 111 -26.86 -19.04 31.05
C ALA B 111 -28.10 -19.51 30.31
N ILE B 112 -28.28 -19.10 29.05
CA ILE B 112 -29.41 -19.58 28.27
C ILE B 112 -29.32 -21.09 28.12
N LEU B 113 -28.13 -21.59 27.76
CA LEU B 113 -27.95 -23.03 27.65
C LEU B 113 -28.24 -23.71 28.97
N GLY B 114 -28.00 -23.00 30.08
CA GLY B 114 -28.25 -23.56 31.39
C GLY B 114 -29.67 -24.06 31.55
N VAL B 115 -30.65 -23.33 31.02
CA VAL B 115 -32.03 -23.76 31.23
C VAL B 115 -32.28 -25.08 30.49
N VAL B 116 -31.78 -25.20 29.26
CA VAL B 116 -31.98 -26.48 28.59
C VAL B 116 -31.04 -27.50 29.18
N ALA B 117 -29.94 -27.04 29.79
CA ALA B 117 -29.05 -27.93 30.53
C ALA B 117 -29.72 -28.54 31.74
N SER B 118 -30.94 -28.12 32.08
CA SER B 118 -31.69 -28.78 33.13
C SER B 118 -32.81 -29.68 32.61
N ASN B 119 -33.28 -29.49 31.38
CA ASN B 119 -34.56 -30.10 31.00
C ASN B 119 -34.44 -31.15 29.90
N VAL B 120 -33.92 -30.81 28.74
CA VAL B 120 -34.04 -31.65 27.54
C VAL B 120 -32.76 -32.45 27.39
N PRO B 121 -32.82 -33.78 27.41
CA PRO B 121 -31.57 -34.58 27.39
C PRO B 121 -30.78 -34.47 26.10
N LEU B 122 -31.37 -33.95 25.02
CA LEU B 122 -30.65 -33.89 23.74
C LEU B 122 -29.46 -32.94 23.79
N VAL B 123 -29.45 -31.98 24.72
CA VAL B 123 -28.36 -31.01 24.73
C VAL B 123 -27.18 -31.52 25.54
N GLU B 124 -27.43 -32.24 26.64
CA GLU B 124 -26.31 -32.78 27.41
C GLU B 124 -25.52 -33.79 26.60
N GLU B 125 -26.22 -34.70 25.92
CA GLU B 125 -25.55 -35.67 25.06
C GLU B 125 -24.82 -35.01 23.90
N HIS B 126 -25.15 -33.77 23.58
CA HIS B 126 -24.39 -32.98 22.63
C HIS B 126 -23.42 -32.02 23.30
N THR B 127 -23.41 -31.96 24.64
CA THR B 127 -22.49 -31.07 25.34
C THR B 127 -21.78 -31.70 26.54
N ARG B 128 -22.05 -32.95 26.90
CA ARG B 128 -21.34 -33.53 28.04
C ARG B 128 -19.89 -33.81 27.71
N ASP B 129 -19.58 -34.11 26.45
CA ASP B 129 -18.20 -34.38 26.06
C ASP B 129 -17.35 -33.13 26.12
N VAL B 130 -17.98 -31.95 25.95
CA VAL B 130 -17.28 -30.68 26.04
C VAL B 130 -17.55 -29.98 27.36
N ALA B 131 -18.38 -30.58 28.22
CA ALA B 131 -18.59 -29.99 29.54
C ALA B 131 -17.45 -30.29 30.50
N HIS B 132 -16.62 -31.28 30.21
CA HIS B 132 -15.68 -31.82 31.19
C HIS B 132 -14.32 -32.10 30.55
N MET B 133 -13.73 -31.11 29.89
CA MET B 133 -12.34 -31.26 29.45
C MET B 133 -11.43 -31.51 30.63
N ASP B 134 -10.41 -32.34 30.41
CA ASP B 134 -9.39 -32.55 31.42
C ASP B 134 -8.70 -31.23 31.72
N PRO B 135 -8.41 -30.94 33.00
CA PRO B 135 -7.77 -29.66 33.32
C PRO B 135 -6.41 -29.49 32.69
N HIS B 136 -5.72 -30.59 32.40
CA HIS B 136 -4.37 -30.51 31.83
C HIS B 136 -4.38 -29.81 30.48
N VAL B 137 -5.34 -30.15 29.61
CA VAL B 137 -5.36 -29.53 28.29
C VAL B 137 -5.69 -28.05 28.41
N LEU B 138 -6.53 -27.66 29.37
CA LEU B 138 -6.85 -26.25 29.56
C LEU B 138 -5.60 -25.49 29.98
N LEU B 139 -4.94 -25.95 31.04
CA LEU B 139 -3.79 -25.24 31.57
C LEU B 139 -2.58 -25.34 30.64
N GLN B 140 -2.58 -26.26 29.70
CA GLN B 140 -1.45 -26.39 28.79
C GLN B 140 -1.68 -25.74 27.43
N ILE B 141 -2.93 -25.46 27.06
CA ILE B 141 -3.24 -24.89 25.75
C ILE B 141 -3.75 -23.47 25.87
N PHE B 142 -4.80 -23.24 26.68
CA PHE B 142 -5.48 -21.95 26.64
C PHE B 142 -4.65 -20.85 27.29
N LEU B 143 -3.98 -21.16 28.40
CA LEU B 143 -3.13 -20.16 29.04
C LEU B 143 -1.96 -19.71 28.18
N PRO B 144 -1.16 -20.60 27.56
CA PRO B 144 -0.02 -20.10 26.78
C PRO B 144 -0.42 -19.21 25.62
N VAL B 145 -1.47 -19.56 24.87
CA VAL B 145 -1.83 -18.76 23.71
C VAL B 145 -2.37 -17.39 24.14
N LEU B 146 -3.14 -17.36 25.23
CA LEU B 146 -3.69 -16.09 25.71
C LEU B 146 -2.59 -15.17 26.22
N ILE B 147 -1.69 -15.71 27.04
CA ILE B 147 -0.61 -14.89 27.58
C ILE B 147 0.33 -14.45 26.46
N PHE B 148 0.56 -15.32 25.48
CA PHE B 148 1.41 -14.97 24.35
C PHE B 148 0.78 -13.84 23.52
N GLU B 149 -0.54 -13.89 23.33
CA GLU B 149 -1.18 -12.82 22.56
C GLU B 149 -1.17 -11.51 23.32
N SER B 150 -1.33 -11.57 24.64
CA SER B 150 -1.17 -10.36 25.43
C SER B 150 0.24 -9.78 25.32
N ALA B 151 1.21 -10.61 24.98
CA ALA B 151 2.60 -10.18 24.85
C ALA B 151 3.02 -9.90 23.41
N PHE B 152 2.13 -10.07 22.44
CA PHE B 152 2.55 -9.98 21.04
C PHE B 152 2.20 -8.67 20.37
N ALA B 153 1.13 -8.00 20.81
CA ALA B 153 0.70 -6.74 20.21
C ALA B 153 1.32 -5.53 20.90
N MET B 154 2.48 -5.70 21.53
CA MET B 154 3.10 -4.65 22.32
C MET B 154 3.89 -3.69 21.44
N ASP B 155 4.08 -2.47 21.93
CA ASP B 155 5.00 -1.52 21.32
C ASP B 155 6.28 -1.52 22.14
N VAL B 156 7.34 -2.13 21.59
CA VAL B 156 8.50 -2.49 22.40
C VAL B 156 9.28 -1.25 22.84
N HIS B 157 9.35 -0.22 22.00
CA HIS B 157 10.19 0.93 22.32
C HIS B 157 9.62 1.72 23.49
N THR B 158 8.33 2.03 23.44
CA THR B 158 7.67 2.66 24.58
C THR B 158 7.65 1.74 25.79
N PHE B 159 7.62 0.43 25.55
CA PHE B 159 7.67 -0.55 26.63
C PHE B 159 9.00 -0.48 27.39
N MET B 160 10.10 -0.38 26.65
CA MET B 160 11.42 -0.29 27.27
C MET B 160 11.78 1.14 27.66
N ARG B 161 10.96 2.12 27.31
CA ARG B 161 11.18 3.47 27.78
C ARG B 161 11.11 3.55 29.30
N SER B 162 10.17 2.82 29.90
CA SER B 162 9.98 2.86 31.35
C SER B 162 9.74 1.45 31.88
N PHE B 163 10.59 0.49 31.45
CA PHE B 163 10.41 -0.89 31.89
C PHE B 163 10.56 -1.05 33.40
N SER B 164 11.63 -0.47 33.96
CA SER B 164 11.94 -0.70 35.36
C SER B 164 10.82 -0.21 36.27
N GLN B 165 10.30 0.98 35.98
CA GLN B 165 9.23 1.55 36.78
C GLN B 165 7.98 0.68 36.72
N VAL B 166 7.56 0.30 35.52
CA VAL B 166 6.31 -0.43 35.39
C VAL B 166 6.44 -1.82 35.98
N CYS B 167 7.60 -2.47 35.86
CA CYS B 167 7.72 -3.81 36.39
C CYS B 167 7.79 -3.80 37.91
N ILE B 168 8.49 -2.82 38.50
CA ILE B 168 8.57 -2.80 39.96
C ILE B 168 7.21 -2.43 40.56
N LEU B 169 6.49 -1.50 39.94
CA LEU B 169 5.14 -1.19 40.42
C LEU B 169 4.19 -2.36 40.24
N ALA B 170 4.30 -3.08 39.12
CA ALA B 170 3.46 -4.26 38.92
C ALA B 170 3.75 -5.32 39.98
N LEU B 171 5.04 -5.53 40.28
CA LEU B 171 5.43 -6.50 41.29
C LEU B 171 4.89 -6.13 42.66
N PHE B 172 5.04 -4.87 43.05
CA PHE B 172 4.53 -4.42 44.34
C PHE B 172 3.01 -4.55 44.40
N GLY B 173 2.32 -4.17 43.33
CA GLY B 173 0.88 -4.27 43.30
C GLY B 173 0.39 -5.70 43.41
N LEU B 174 1.04 -6.63 42.71
CA LEU B 174 0.60 -8.01 42.77
C LEU B 174 0.89 -8.64 44.12
N VAL B 175 2.04 -8.32 44.73
CA VAL B 175 2.33 -8.93 46.03
C VAL B 175 1.39 -8.39 47.10
N VAL B 176 1.06 -7.09 47.04
CA VAL B 176 0.15 -6.57 48.06
C VAL B 176 -1.29 -7.00 47.78
N ALA B 177 -1.64 -7.24 46.51
CA ALA B 177 -2.96 -7.79 46.22
C ALA B 177 -3.06 -9.23 46.72
N SER B 178 -1.95 -9.98 46.63
CA SER B 178 -1.96 -11.35 47.13
C SER B 178 -2.07 -11.39 48.64
N VAL B 179 -1.26 -10.61 49.35
CA VAL B 179 -1.17 -10.77 50.80
C VAL B 179 -2.38 -10.20 51.54
N LEU B 180 -3.09 -9.24 50.95
CA LEU B 180 -4.27 -8.68 51.61
C LEU B 180 -5.54 -9.48 51.37
N THR B 181 -5.44 -10.66 50.76
CA THR B 181 -6.62 -11.49 50.57
C THR B 181 -6.88 -12.43 51.75
N ALA B 182 -5.83 -12.80 52.49
CA ALA B 182 -5.99 -13.72 53.61
C ALA B 182 -6.79 -13.11 54.74
N VAL B 183 -6.57 -11.82 55.02
CA VAL B 183 -7.26 -11.17 56.12
C VAL B 183 -8.76 -11.09 55.85
N LEU B 184 -9.14 -10.73 54.63
CA LEU B 184 -10.55 -10.70 54.28
C LEU B 184 -11.14 -12.10 54.17
N ALA B 185 -10.34 -13.07 53.75
CA ALA B 185 -10.83 -14.46 53.71
C ALA B 185 -11.15 -14.96 55.10
N MET B 186 -10.29 -14.65 56.08
CA MET B 186 -10.55 -15.10 57.45
C MET B 186 -11.62 -14.28 58.15
N ASN B 187 -11.71 -12.99 57.85
CA ASN B 187 -12.71 -12.15 58.50
C ASN B 187 -14.09 -12.27 57.85
N LEU B 188 -14.17 -12.87 56.67
CA LEU B 188 -15.42 -12.96 55.94
C LEU B 188 -16.00 -14.36 55.95
N PHE B 189 -15.24 -15.36 55.50
CA PHE B 189 -15.77 -16.71 55.38
C PHE B 189 -15.93 -17.37 56.74
N ASN B 190 -14.90 -17.26 57.59
CA ASN B 190 -14.84 -17.95 58.89
C ASN B 190 -15.05 -19.44 58.74
N TYR B 191 -14.50 -20.00 57.67
CA TYR B 191 -14.62 -21.42 57.35
C TYR B 191 -13.30 -22.12 57.63
N ASN B 192 -13.26 -23.43 57.34
CA ASN B 192 -12.06 -24.23 57.51
C ASN B 192 -11.17 -24.10 56.28
N TRP B 193 -10.78 -22.87 55.98
CA TRP B 193 -9.94 -22.53 54.85
C TRP B 193 -8.56 -22.15 55.37
N ASN B 194 -7.54 -22.85 54.92
CA ASN B 194 -6.17 -22.58 55.34
C ASN B 194 -5.67 -21.30 54.67
N PHE B 195 -4.41 -20.94 54.97
CA PHE B 195 -3.75 -19.87 54.25
C PHE B 195 -3.58 -20.23 52.78
N SER B 196 -3.50 -21.53 52.47
CA SER B 196 -3.40 -21.98 51.09
C SER B 196 -4.65 -21.63 50.29
N GLU B 197 -5.83 -21.79 50.88
CA GLU B 197 -7.05 -21.38 50.21
C GLU B 197 -7.07 -19.88 49.97
N ALA B 198 -6.54 -19.11 50.91
CA ALA B 198 -6.43 -17.67 50.73
C ALA B 198 -5.53 -17.33 49.56
N MET B 199 -4.41 -18.04 49.43
CA MET B 199 -3.52 -17.81 48.29
C MET B 199 -4.16 -18.24 46.97
N MET B 200 -4.94 -19.34 47.01
CA MET B 200 -5.75 -19.72 45.85
C MET B 200 -6.65 -18.57 45.42
N PHE B 201 -7.42 -18.04 46.37
CA PHE B 201 -8.35 -16.96 46.04
C PHE B 201 -7.61 -15.74 45.52
N GLY B 202 -6.50 -15.38 46.17
CA GLY B 202 -5.75 -14.21 45.75
C GLY B 202 -5.14 -14.37 44.37
N ALA B 203 -4.69 -15.59 44.03
CA ALA B 203 -4.20 -15.84 42.70
C ALA B 203 -5.31 -15.73 41.66
N ILE B 204 -6.51 -16.19 41.99
CA ILE B 204 -7.63 -16.07 41.05
C ILE B 204 -7.98 -14.60 40.83
N MET B 205 -8.15 -13.85 41.91
CA MET B 205 -8.74 -12.52 41.84
C MET B 205 -7.79 -11.44 41.34
N SER B 206 -6.48 -11.72 41.30
CA SER B 206 -5.53 -10.69 40.90
C SER B 206 -5.30 -10.62 39.39
N ALA B 207 -5.99 -11.45 38.61
CA ALA B 207 -5.80 -11.45 37.16
C ALA B 207 -6.32 -10.16 36.53
N THR B 208 -5.71 -9.76 35.43
CA THR B 208 -6.05 -8.52 34.75
C THR B 208 -6.17 -8.77 33.25
N ASP B 209 -6.97 -7.93 32.60
CA ASP B 209 -7.16 -7.97 31.15
C ASP B 209 -7.35 -6.57 30.59
N PRO B 210 -6.41 -6.06 29.80
CA PRO B 210 -6.48 -4.67 29.32
C PRO B 210 -7.09 -4.49 27.93
N VAL B 211 -7.63 -5.54 27.32
CA VAL B 211 -7.98 -5.49 25.90
C VAL B 211 -9.09 -4.48 25.64
N ALA B 212 -10.18 -4.56 26.42
CA ALA B 212 -11.32 -3.67 26.17
C ALA B 212 -10.96 -2.22 26.47
N VAL B 213 -10.26 -1.97 27.56
CA VAL B 213 -9.95 -0.59 27.93
C VAL B 213 -8.96 0.03 26.96
N VAL B 214 -7.97 -0.75 26.51
CA VAL B 214 -7.02 -0.20 25.54
C VAL B 214 -7.70 0.01 24.20
N ALA B 215 -8.67 -0.86 23.85
CA ALA B 215 -9.41 -0.69 22.61
C ALA B 215 -10.23 0.60 22.64
N LEU B 216 -10.93 0.86 23.75
CA LEU B 216 -11.76 2.05 23.81
C LEU B 216 -10.91 3.32 23.88
N LEU B 217 -9.79 3.29 24.60
CA LEU B 217 -8.98 4.50 24.66
C LEU B 217 -8.26 4.75 23.34
N LYS B 218 -7.93 3.69 22.59
CA LYS B 218 -7.36 3.90 21.26
C LYS B 218 -8.43 4.36 20.27
N ASP B 219 -9.69 4.00 20.52
CA ASP B 219 -10.78 4.63 19.76
C ASP B 219 -10.86 6.11 20.09
N LEU B 220 -10.70 6.47 21.36
CA LEU B 220 -10.72 7.87 21.76
C LEU B 220 -9.40 8.57 21.43
N GLY B 221 -8.28 7.86 21.47
CA GLY B 221 -6.99 8.46 21.18
C GLY B 221 -6.54 9.49 22.21
N ALA B 222 -6.59 9.10 23.49
CA ALA B 222 -6.20 10.04 24.54
C ALA B 222 -4.68 10.21 24.61
N SER B 223 -3.96 9.11 24.88
CA SER B 223 -2.51 9.17 25.01
C SER B 223 -1.93 7.80 24.69
N LYS B 224 -0.85 7.79 23.90
CA LYS B 224 -0.24 6.53 23.51
C LYS B 224 0.54 5.89 24.65
N GLN B 225 1.32 6.70 25.39
CA GLN B 225 2.16 6.16 26.44
C GLN B 225 1.32 5.57 27.57
N LEU B 226 0.17 6.19 27.87
CA LEU B 226 -0.74 5.66 28.86
C LEU B 226 -1.25 4.28 28.46
N GLY B 227 -1.77 4.17 27.23
CA GLY B 227 -2.30 2.91 26.77
C GLY B 227 -1.25 1.81 26.74
N THR B 228 -0.03 2.15 26.29
CA THR B 228 0.97 1.10 26.21
C THR B 228 1.48 0.67 27.58
N ILE B 229 1.56 1.58 28.56
CA ILE B 229 1.99 1.11 29.87
C ILE B 229 0.90 0.31 30.55
N ILE B 230 -0.38 0.67 30.33
CA ILE B 230 -1.48 -0.08 30.93
C ILE B 230 -1.57 -1.47 30.31
N GLU B 231 -1.36 -1.58 29.00
CA GLU B 231 -1.15 -2.90 28.42
C GLU B 231 0.10 -3.56 28.96
N GLY B 232 1.06 -2.76 29.43
CA GLY B 232 2.31 -3.33 29.91
C GLY B 232 2.16 -4.15 31.18
N GLU B 233 1.56 -3.55 32.23
CA GLU B 233 1.76 -4.23 33.53
C GLU B 233 0.95 -5.52 33.63
N SER B 234 -0.07 -5.68 32.78
CA SER B 234 -0.94 -6.85 32.87
C SER B 234 -0.18 -8.14 32.57
N LEU B 235 0.82 -8.07 31.68
CA LEU B 235 1.65 -9.25 31.40
C LEU B 235 2.35 -9.74 32.66
N LEU B 236 3.03 -8.82 33.36
CA LEU B 236 3.75 -9.20 34.56
C LEU B 236 2.79 -9.67 35.65
N ASN B 237 1.64 -8.99 35.78
CA ASN B 237 0.63 -9.42 36.74
C ASN B 237 0.17 -10.85 36.48
N ASP B 238 -0.15 -11.15 35.22
CA ASP B 238 -0.66 -12.47 34.88
C ASP B 238 0.41 -13.54 35.03
N GLY B 239 1.65 -13.23 34.63
CA GLY B 239 2.73 -14.20 34.77
C GLY B 239 3.03 -14.54 36.21
N CYS B 240 3.14 -13.51 37.06
CA CYS B 240 3.40 -13.79 38.48
C CYS B 240 2.20 -14.48 39.12
N ALA B 241 0.98 -14.12 38.71
CA ALA B 241 -0.20 -14.76 39.26
C ALA B 241 -0.23 -16.25 38.92
N ILE B 242 0.07 -16.60 37.66
CA ILE B 242 0.03 -18.01 37.30
C ILE B 242 1.19 -18.76 37.95
N VAL B 243 2.34 -18.11 38.13
CA VAL B 243 3.46 -18.76 38.82
C VAL B 243 3.08 -19.10 40.26
N ILE B 244 2.55 -18.11 40.98
CA ILE B 244 2.18 -18.31 42.37
C ILE B 244 1.06 -19.32 42.50
N PHE B 245 0.07 -19.24 41.60
CA PHE B 245 -1.02 -20.22 41.61
C PHE B 245 -0.47 -21.62 41.43
N ASN B 246 0.45 -21.79 40.48
CA ASN B 246 0.85 -23.14 40.13
C ASN B 246 1.71 -23.75 41.24
N VAL B 247 2.60 -22.95 41.86
CA VAL B 247 3.39 -23.50 42.95
C VAL B 247 2.50 -23.82 44.14
N PHE B 248 1.53 -22.95 44.46
CA PHE B 248 0.66 -23.23 45.59
C PHE B 248 -0.27 -24.40 45.31
N MET B 249 -0.73 -24.56 44.07
CA MET B 249 -1.58 -25.69 43.72
C MET B 249 -0.82 -27.00 43.81
N LYS B 250 0.44 -27.00 43.35
CA LYS B 250 1.26 -28.19 43.53
C LYS B 250 1.50 -28.47 45.00
N MET B 251 1.53 -27.42 45.84
CA MET B 251 1.66 -27.64 47.28
C MET B 251 0.39 -28.24 47.86
N VAL B 252 -0.78 -27.84 47.38
CA VAL B 252 -2.04 -28.18 48.06
C VAL B 252 -2.54 -29.56 47.64
N PHE B 253 -2.89 -29.71 46.36
CA PHE B 253 -3.61 -30.89 45.93
C PHE B 253 -2.73 -32.12 45.80
N PHE B 254 -1.42 -31.96 45.89
CA PHE B 254 -0.47 -33.08 45.92
C PHE B 254 0.43 -32.89 47.13
N PRO B 255 -0.08 -33.17 48.34
CA PRO B 255 0.72 -32.92 49.55
C PRO B 255 1.92 -33.83 49.70
N GLN B 256 1.99 -34.93 48.94
CA GLN B 256 3.11 -35.86 49.04
C GLN B 256 4.41 -35.29 48.52
N LEU B 257 4.37 -34.18 47.78
CA LEU B 257 5.58 -33.58 47.25
C LEU B 257 6.39 -32.90 48.35
N THR B 258 7.68 -32.74 48.07
CA THR B 258 8.59 -32.13 49.03
C THR B 258 8.36 -30.63 49.11
N SER B 259 8.19 -30.12 50.33
CA SER B 259 7.92 -28.70 50.57
C SER B 259 9.00 -28.05 51.43
N THR B 260 10.23 -28.55 51.35
CA THR B 260 11.32 -27.94 52.10
C THR B 260 11.73 -26.62 51.48
N VAL B 261 12.37 -25.77 52.29
CA VAL B 261 12.76 -24.44 51.83
C VAL B 261 13.86 -24.51 50.78
N GLY B 262 14.78 -25.48 50.90
CA GLY B 262 15.86 -25.58 49.92
C GLY B 262 15.36 -25.92 48.54
N GLN B 263 14.47 -26.92 48.45
CA GLN B 263 13.89 -27.29 47.16
C GLN B 263 13.06 -26.15 46.59
N ASN B 264 12.32 -25.45 47.45
CA ASN B 264 11.50 -24.32 47.00
C ASN B 264 12.36 -23.20 46.44
N VAL B 265 13.48 -22.88 47.11
CA VAL B 265 14.31 -21.79 46.62
C VAL B 265 15.07 -22.21 45.36
N LEU B 266 15.43 -23.50 45.25
CA LEU B 266 16.04 -23.98 44.00
C LEU B 266 15.05 -23.87 42.85
N TYR B 267 13.79 -24.25 43.08
CA TYR B 267 12.77 -24.11 42.06
C TYR B 267 12.55 -22.64 41.69
N PHE B 268 12.55 -21.75 42.70
CA PHE B 268 12.37 -20.34 42.43
C PHE B 268 13.51 -19.77 41.61
N LEU B 269 14.74 -20.20 41.90
CA LEU B 269 15.88 -19.70 41.14
C LEU B 269 15.86 -20.26 39.71
N GLN B 270 15.48 -21.53 39.55
CA GLN B 270 15.48 -22.11 38.22
C GLN B 270 14.30 -21.63 37.38
N VAL B 271 13.26 -21.07 38.00
CA VAL B 271 12.19 -20.46 37.23
C VAL B 271 12.42 -18.96 37.04
N ALA B 272 13.21 -18.32 37.88
CA ALA B 272 13.37 -16.87 37.82
C ALA B 272 14.36 -16.46 36.73
N VAL B 273 15.58 -17.00 36.79
CA VAL B 273 16.64 -16.57 35.91
C VAL B 273 16.97 -17.60 34.83
N ALA B 274 16.86 -18.90 35.13
CA ALA B 274 17.18 -19.92 34.13
C ALA B 274 16.16 -19.96 33.00
N GLY B 275 14.95 -19.47 33.23
CA GLY B 275 13.92 -19.47 32.22
C GLY B 275 14.16 -18.50 31.08
N PRO B 276 14.11 -17.19 31.36
CA PRO B 276 14.16 -16.21 30.26
C PRO B 276 15.43 -16.24 29.42
N LEU B 277 16.56 -16.66 29.98
CA LEU B 277 17.78 -16.70 29.17
C LEU B 277 17.71 -17.75 28.08
N TRP B 278 17.02 -18.86 28.33
CA TRP B 278 16.83 -19.86 27.29
C TRP B 278 16.02 -19.31 26.12
N GLY B 279 14.95 -18.57 26.43
CA GLY B 279 14.19 -17.92 25.38
C GLY B 279 14.99 -16.84 24.67
N TYR B 280 15.83 -16.13 25.41
CA TYR B 280 16.68 -15.12 24.80
C TYR B 280 17.63 -15.76 23.79
N ALA B 281 18.25 -16.89 24.18
CA ALA B 281 19.17 -17.58 23.29
C ALA B 281 18.46 -18.11 22.06
N VAL B 282 17.28 -18.72 22.24
CA VAL B 282 16.60 -19.27 21.07
C VAL B 282 16.12 -18.15 20.15
N ALA B 283 15.70 -17.01 20.71
CA ALA B 283 15.29 -15.90 19.87
C ALA B 283 16.47 -15.33 19.09
N LYS B 284 17.62 -15.20 19.75
CA LYS B 284 18.80 -14.69 19.06
C LYS B 284 19.23 -15.61 17.93
N VAL B 285 19.24 -16.94 18.18
CA VAL B 285 19.70 -17.84 17.13
C VAL B 285 18.69 -17.90 15.99
N THR B 286 17.39 -17.82 16.30
CA THR B 286 16.43 -17.90 15.21
C THR B 286 16.38 -16.61 14.40
N VAL B 287 16.66 -15.46 15.02
CA VAL B 287 16.69 -14.24 14.21
C VAL B 287 17.98 -14.16 13.41
N PHE B 288 19.08 -14.72 13.93
CA PHE B 288 20.30 -14.81 13.13
C PHE B 288 20.09 -15.73 11.94
N PHE B 289 19.37 -16.84 12.13
CA PHE B 289 19.04 -17.71 11.01
C PHE B 289 18.13 -17.00 10.01
N LEU B 290 17.17 -16.23 10.52
CA LEU B 290 16.24 -15.53 9.64
C LEU B 290 16.92 -14.44 8.83
N SER B 291 17.99 -13.86 9.37
CA SER B 291 18.67 -12.76 8.68
C SER B 291 19.37 -13.18 7.40
N HIS B 292 19.51 -14.48 7.13
CA HIS B 292 20.26 -14.96 5.98
C HIS B 292 19.38 -15.18 4.76
N ILE B 293 18.09 -14.84 4.81
CA ILE B 293 17.16 -15.13 3.74
C ILE B 293 16.67 -13.82 3.16
N PHE B 294 16.83 -13.66 1.84
CA PHE B 294 16.36 -12.48 1.13
C PHE B 294 15.37 -12.90 0.05
N ASN B 295 14.23 -12.22 0.00
CA ASN B 295 13.22 -12.37 -1.04
C ASN B 295 12.71 -13.82 -1.09
N ASP B 296 12.04 -14.20 -0.01
CA ASP B 296 11.33 -15.46 0.07
C ASP B 296 10.23 -15.31 1.10
N ALA B 297 8.98 -15.49 0.68
CA ALA B 297 7.83 -15.11 1.50
C ALA B 297 7.15 -16.29 2.18
N LEU B 298 7.79 -17.45 2.25
CA LEU B 298 7.12 -18.62 2.80
C LEU B 298 7.91 -19.31 3.90
N VAL B 299 9.23 -19.43 3.74
CA VAL B 299 10.03 -20.24 4.66
C VAL B 299 10.01 -19.67 6.07
N GLU B 300 10.02 -18.34 6.18
CA GLU B 300 10.16 -17.72 7.49
C GLU B 300 8.93 -17.94 8.36
N ILE B 301 7.73 -18.02 7.79
CA ILE B 301 6.54 -18.31 8.59
C ILE B 301 6.63 -19.72 9.16
N THR B 302 6.92 -20.71 8.29
CA THR B 302 6.95 -22.10 8.72
C THR B 302 8.17 -22.41 9.56
N ILE B 303 9.14 -21.50 9.65
CA ILE B 303 10.22 -21.71 10.61
C ILE B 303 9.95 -20.95 11.91
N THR B 304 9.27 -19.80 11.86
CA THR B 304 8.97 -19.05 13.08
C THR B 304 7.97 -19.79 13.95
N LEU B 305 6.92 -20.33 13.33
CA LEU B 305 5.93 -21.08 14.11
C LEU B 305 6.54 -22.30 14.75
N ALA B 306 7.39 -23.02 14.00
CA ALA B 306 8.08 -24.18 14.56
C ALA B 306 9.00 -23.79 15.70
N ALA B 307 9.71 -22.67 15.57
CA ALA B 307 10.58 -22.21 16.64
C ALA B 307 9.79 -21.90 17.90
N THR B 308 8.64 -21.23 17.76
CA THR B 308 7.80 -20.94 18.92
C THR B 308 7.30 -22.22 19.57
N TYR B 309 6.86 -23.19 18.77
CA TYR B 309 6.33 -24.41 19.36
C TYR B 309 7.40 -25.20 20.08
N LEU B 310 8.59 -25.36 19.47
CA LEU B 310 9.66 -26.07 20.15
C LEU B 310 10.11 -25.34 21.40
N THR B 311 10.13 -24.01 21.37
CA THR B 311 10.48 -23.26 22.58
C THR B 311 9.50 -23.55 23.69
N TYR B 312 8.19 -23.53 23.38
CA TYR B 312 7.19 -23.81 24.40
C TYR B 312 7.32 -25.24 24.92
N TYR B 313 7.58 -26.19 24.03
CA TYR B 313 7.66 -27.58 24.45
C TYR B 313 8.85 -27.84 25.35
N ILE B 314 10.02 -27.33 24.98
CA ILE B 314 11.21 -27.50 25.83
C ILE B 314 11.01 -26.77 27.15
N GLY B 315 10.43 -25.58 27.13
CA GLY B 315 10.17 -24.86 28.36
C GLY B 315 9.24 -25.62 29.28
N ASP B 316 8.19 -26.24 28.72
CA ASP B 316 7.25 -26.98 29.56
C ASP B 316 7.89 -28.25 30.11
N ILE B 317 8.64 -28.98 29.29
CA ILE B 317 9.20 -30.24 29.76
C ILE B 317 10.32 -29.98 30.77
N TRP B 318 10.99 -28.84 30.67
CA TRP B 318 12.02 -28.51 31.66
C TRP B 318 11.37 -28.13 32.98
N LEU B 319 10.24 -27.45 32.93
CA LEU B 319 9.51 -27.04 34.13
C LEU B 319 8.09 -26.69 33.71
N GLU B 320 7.11 -27.18 34.47
CA GLU B 320 5.71 -27.04 34.08
C GLU B 320 5.25 -25.58 34.09
N VAL B 321 5.93 -24.71 34.81
CA VAL B 321 5.50 -23.33 34.99
C VAL B 321 6.22 -22.38 34.03
N SER B 322 7.53 -22.59 33.83
CA SER B 322 8.38 -21.61 33.17
C SER B 322 8.11 -21.46 31.68
N GLY B 323 7.33 -22.36 31.08
CA GLY B 323 7.06 -22.26 29.66
C GLY B 323 6.36 -20.97 29.28
N VAL B 324 5.45 -20.50 30.13
CA VAL B 324 4.75 -19.25 29.85
C VAL B 324 5.72 -18.07 29.87
N LEU B 325 6.66 -18.06 30.82
CA LEU B 325 7.63 -16.97 30.87
C LEU B 325 8.56 -17.01 29.67
N ALA B 326 8.96 -18.22 29.26
CA ALA B 326 9.82 -18.36 28.09
C ALA B 326 9.13 -17.88 26.82
N VAL B 327 7.85 -18.22 26.64
CA VAL B 327 7.19 -17.77 25.43
C VAL B 327 6.92 -16.27 25.49
N VAL B 328 6.72 -15.71 26.69
CA VAL B 328 6.56 -14.26 26.81
C VAL B 328 7.84 -13.55 26.38
N VAL B 329 8.99 -14.02 26.87
CA VAL B 329 10.23 -13.33 26.51
C VAL B 329 10.53 -13.52 25.03
N LEU B 330 10.21 -14.70 24.46
CA LEU B 330 10.39 -14.89 23.03
C LEU B 330 9.51 -13.94 22.23
N GLY B 331 8.26 -13.76 22.65
CA GLY B 331 7.37 -12.86 21.95
C GLY B 331 7.85 -11.43 22.00
N LEU B 332 8.32 -10.99 23.17
CA LEU B 332 8.75 -9.59 23.27
C LEU B 332 10.05 -9.36 22.52
N ILE B 333 10.91 -10.36 22.41
CA ILE B 333 12.10 -10.20 21.57
C ILE B 333 11.75 -10.18 20.10
N VAL B 334 10.90 -11.10 19.64
CA VAL B 334 10.64 -11.17 18.20
C VAL B 334 9.81 -9.97 17.76
N ASN B 335 8.94 -9.45 18.63
CA ASN B 335 8.24 -8.21 18.32
C ASN B 335 9.16 -7.01 18.35
N ALA B 336 10.32 -7.13 19.00
CA ALA B 336 11.28 -6.03 19.07
C ALA B 336 12.10 -5.90 17.79
N GLU B 337 12.01 -6.84 16.88
CA GLU B 337 12.72 -6.78 15.60
C GLU B 337 11.72 -6.66 14.47
N LYS B 338 11.91 -5.65 13.62
CA LYS B 338 11.03 -5.42 12.48
C LYS B 338 11.84 -5.27 11.20
N THR B 339 13.10 -4.84 11.35
CA THR B 339 13.90 -4.44 10.18
C THR B 339 14.32 -5.63 9.33
N SER B 340 14.64 -6.76 9.93
CA SER B 340 15.14 -7.90 9.19
C SER B 340 14.04 -8.80 8.66
N ILE B 341 12.78 -8.42 8.81
CA ILE B 341 11.65 -9.24 8.39
C ILE B 341 10.74 -8.39 7.51
N SER B 342 10.21 -8.99 6.45
CA SER B 342 9.35 -8.28 5.52
C SER B 342 8.02 -7.94 6.20
N PRO B 343 7.43 -6.79 5.88
CA PRO B 343 6.20 -6.36 6.58
C PRO B 343 5.02 -7.32 6.44
N GLU B 344 4.89 -7.97 5.28
CA GLU B 344 3.79 -8.92 5.09
C GLU B 344 3.86 -10.06 6.09
N VAL B 345 5.08 -10.47 6.45
CA VAL B 345 5.24 -11.58 7.39
C VAL B 345 4.65 -11.22 8.74
N GLU B 346 5.00 -10.05 9.28
CA GLU B 346 4.48 -9.75 10.61
C GLU B 346 3.02 -9.37 10.59
N VAL B 347 2.52 -8.78 9.49
CA VAL B 347 1.08 -8.49 9.50
C VAL B 347 0.29 -9.79 9.44
N PHE B 348 0.76 -10.77 8.65
CA PHE B 348 0.09 -12.06 8.60
C PHE B 348 0.18 -12.77 9.95
N LEU B 349 1.35 -12.72 10.59
CA LEU B 349 1.52 -13.40 11.86
C LEU B 349 0.66 -12.78 12.96
N HIS B 350 0.58 -11.45 12.97
CA HIS B 350 -0.29 -10.76 13.92
C HIS B 350 -1.74 -11.17 13.72
N ARG B 351 -2.18 -11.20 12.46
CA ARG B 351 -3.56 -11.58 12.18
C ARG B 351 -3.85 -13.00 12.64
N PHE B 352 -2.94 -13.93 12.34
CA PHE B 352 -3.16 -15.34 12.67
C PHE B 352 -3.22 -15.54 14.19
N TRP B 353 -2.23 -15.01 14.91
CA TRP B 353 -2.21 -15.21 16.35
C TRP B 353 -3.39 -14.53 17.02
N GLU B 354 -3.76 -13.33 16.56
CA GLU B 354 -4.89 -12.62 17.14
C GLU B 354 -6.19 -13.38 16.91
N MET B 355 -6.35 -13.99 15.73
CA MET B 355 -7.54 -14.79 15.48
C MET B 355 -7.61 -15.98 16.42
N LEU B 356 -6.47 -16.65 16.63
CA LEU B 356 -6.46 -17.77 17.56
C LEU B 356 -6.86 -17.35 18.96
N ALA B 357 -6.34 -16.21 19.43
CA ALA B 357 -6.67 -15.75 20.77
C ALA B 357 -8.13 -15.38 20.90
N TYR B 358 -8.69 -14.71 19.89
CA TYR B 358 -10.11 -14.39 19.91
C TYR B 358 -10.97 -15.64 19.99
N LEU B 359 -10.61 -16.66 19.23
CA LEU B 359 -11.39 -17.89 19.23
C LEU B 359 -11.35 -18.54 20.61
N ALA B 360 -10.16 -18.59 21.22
CA ALA B 360 -10.04 -19.18 22.55
C ALA B 360 -10.85 -18.41 23.59
N ASN B 361 -10.81 -17.08 23.52
CA ASN B 361 -11.55 -16.25 24.47
C ASN B 361 -13.05 -16.52 24.38
N THR B 362 -13.58 -16.53 23.14
CA THR B 362 -15.00 -16.80 22.96
C THR B 362 -15.38 -18.18 23.49
N LEU B 363 -14.56 -19.19 23.18
CA LEU B 363 -14.87 -20.55 23.60
C LEU B 363 -14.90 -20.66 25.12
N ILE B 364 -13.90 -20.09 25.80
CA ILE B 364 -13.84 -20.26 27.24
C ILE B 364 -14.96 -19.47 27.93
N PHE B 365 -15.35 -18.32 27.38
CA PHE B 365 -16.43 -17.58 28.02
C PHE B 365 -17.76 -18.31 27.87
N MET B 366 -18.03 -18.87 26.68
CA MET B 366 -19.23 -19.68 26.53
C MET B 366 -19.20 -20.90 27.44
N MET B 367 -18.01 -21.50 27.59
CA MET B 367 -17.83 -22.63 28.49
C MET B 367 -18.23 -22.31 29.92
N VAL B 368 -17.68 -21.22 30.46
CA VAL B 368 -17.99 -20.90 31.85
C VAL B 368 -19.45 -20.50 32.01
N GLY B 369 -20.01 -19.81 31.00
CA GLY B 369 -21.41 -19.45 31.07
C GLY B 369 -22.33 -20.65 31.11
N VAL B 370 -21.98 -21.71 30.38
CA VAL B 370 -22.78 -22.93 30.43
C VAL B 370 -22.60 -23.63 31.77
N VAL B 371 -21.35 -23.75 32.23
CA VAL B 371 -21.11 -24.64 33.37
C VAL B 371 -21.56 -24.01 34.70
N VAL B 372 -21.49 -22.68 34.83
CA VAL B 372 -21.76 -22.08 36.14
C VAL B 372 -23.24 -22.17 36.49
N THR B 373 -24.12 -22.21 35.47
CA THR B 373 -25.55 -22.28 35.74
C THR B 373 -25.92 -23.62 36.38
N GLN B 374 -25.45 -24.72 35.79
CA GLN B 374 -25.74 -26.03 36.37
C GLN B 374 -24.94 -26.29 37.63
N LYS B 375 -23.79 -25.65 37.81
CA LYS B 375 -22.97 -25.96 38.97
C LYS B 375 -23.35 -25.14 40.20
N ALA B 376 -23.49 -23.82 40.04
CA ALA B 376 -23.73 -22.93 41.17
C ALA B 376 -25.22 -22.75 41.47
N LEU B 377 -26.06 -23.69 41.03
CA LEU B 377 -27.49 -23.60 41.32
C LEU B 377 -27.80 -23.96 42.77
N VAL B 378 -27.01 -24.83 43.38
CA VAL B 378 -27.33 -25.36 44.71
C VAL B 378 -26.63 -24.61 45.84
N ALA B 379 -25.58 -23.84 45.55
CA ALA B 379 -24.83 -23.13 46.57
C ALA B 379 -25.19 -21.66 46.65
N VAL B 380 -26.27 -21.24 45.99
CA VAL B 380 -26.65 -19.82 45.96
C VAL B 380 -27.21 -19.42 47.31
N ASP B 381 -26.81 -18.24 47.79
CA ASP B 381 -27.32 -17.70 49.04
C ASP B 381 -27.19 -16.18 49.01
N LYS B 382 -28.06 -15.51 49.78
CA LYS B 382 -28.08 -14.05 49.77
C LYS B 382 -26.86 -13.46 50.48
N MET B 383 -26.45 -14.07 51.59
CA MET B 383 -25.25 -13.63 52.30
C MET B 383 -24.00 -13.78 51.43
N ASP B 384 -24.00 -14.79 50.54
CA ASP B 384 -23.00 -14.83 49.49
C ASP B 384 -23.09 -13.62 48.57
N TRP B 385 -24.31 -13.17 48.25
CA TRP B 385 -24.43 -11.99 47.39
C TRP B 385 -23.87 -10.76 48.07
N PHE B 386 -24.09 -10.62 49.39
CA PHE B 386 -23.47 -9.53 50.13
C PHE B 386 -21.95 -9.64 50.10
N TYR B 387 -21.43 -10.87 50.15
CA TYR B 387 -19.98 -11.06 50.02
C TYR B 387 -19.47 -10.57 48.67
N LEU B 388 -20.16 -10.93 47.59
CA LEU B 388 -19.73 -10.42 46.27
C LEU B 388 -19.87 -8.91 46.16
N ILE B 389 -20.81 -8.31 46.89
CA ILE B 389 -20.84 -6.86 46.95
C ILE B 389 -19.58 -6.32 47.64
N ILE B 390 -19.17 -6.95 48.74
CA ILE B 390 -18.12 -6.32 49.54
C ILE B 390 -16.72 -6.58 48.96
N LEU B 391 -16.49 -7.70 48.28
CA LEU B 391 -15.18 -7.93 47.65
C LEU B 391 -14.88 -6.89 46.57
N TYR B 392 -15.90 -6.45 45.84
CA TYR B 392 -15.71 -5.42 44.83
C TYR B 392 -15.14 -4.16 45.47
N LEU B 393 -15.78 -3.71 46.55
CA LEU B 393 -15.31 -2.53 47.25
C LEU B 393 -13.91 -2.75 47.83
N ALA B 394 -13.65 -3.97 48.30
CA ALA B 394 -12.35 -4.28 48.86
C ALA B 394 -11.24 -4.12 47.83
N ILE B 395 -11.41 -4.72 46.65
CA ILE B 395 -10.39 -4.61 45.61
C ILE B 395 -10.24 -3.18 45.13
N THR B 396 -11.35 -2.45 44.96
CA THR B 396 -11.22 -1.06 44.52
C THR B 396 -10.46 -0.22 45.53
N ILE B 397 -10.77 -0.37 46.82
CA ILE B 397 -10.13 0.48 47.80
C ILE B 397 -8.66 0.11 47.95
N ILE B 398 -8.32 -1.18 47.93
CA ILE B 398 -6.92 -1.54 48.12
C ILE B 398 -6.09 -1.16 46.91
N ARG B 399 -6.64 -1.32 45.70
CA ARG B 399 -5.89 -0.96 44.50
C ARG B 399 -5.67 0.54 44.43
N GLY B 400 -6.71 1.33 44.71
CA GLY B 400 -6.55 2.77 44.74
C GLY B 400 -5.56 3.21 45.80
N MET B 401 -5.61 2.60 46.98
CA MET B 401 -4.71 2.97 48.06
C MET B 401 -3.26 2.67 47.69
N VAL B 402 -3.00 1.49 47.11
CA VAL B 402 -1.61 1.13 46.83
C VAL B 402 -1.05 1.99 45.70
N ILE B 403 -1.85 2.27 44.67
CA ILE B 403 -1.32 3.11 43.60
C ILE B 403 -1.14 4.54 44.09
N SER B 404 -2.03 5.02 44.98
CA SER B 404 -1.86 6.37 45.51
C SER B 404 -0.63 6.47 46.39
N LEU B 405 -0.33 5.42 47.17
CA LEU B 405 0.80 5.51 48.09
C LEU B 405 2.14 5.23 47.42
N PHE B 406 2.16 4.54 46.27
CA PHE B 406 3.39 4.48 45.47
C PHE B 406 3.45 5.52 44.37
N SER B 407 2.45 6.38 44.23
CA SER B 407 2.61 7.58 43.41
C SER B 407 3.78 8.48 43.83
N PRO B 408 4.02 8.76 45.13
CA PRO B 408 5.18 9.61 45.46
C PRO B 408 6.52 9.05 45.04
N ILE B 409 6.69 7.72 45.02
CA ILE B 409 7.92 7.14 44.52
C ILE B 409 8.08 7.43 43.02
N LEU B 410 6.97 7.35 42.28
CA LEU B 410 7.01 7.72 40.86
C LEU B 410 7.36 9.19 40.68
N SER B 411 6.83 10.06 41.55
CA SER B 411 7.17 11.47 41.47
C SER B 411 8.65 11.70 41.78
N ARG B 412 9.19 10.96 42.75
CA ARG B 412 10.59 11.13 43.15
C ARG B 412 11.54 10.57 42.11
N ILE B 413 11.17 9.50 41.42
CA ILE B 413 12.06 8.87 40.45
C ILE B 413 12.21 9.69 39.17
N GLY B 414 11.39 10.72 38.99
CA GLY B 414 11.44 11.53 37.78
C GLY B 414 10.45 11.12 36.71
N TYR B 415 9.64 10.09 36.96
CA TYR B 415 8.62 9.63 36.03
C TYR B 415 7.24 9.71 36.68
N GLY B 416 6.98 10.82 37.38
CA GLY B 416 5.69 11.01 38.00
C GLY B 416 4.59 11.27 36.99
N LEU B 417 3.36 11.00 37.42
CA LEU B 417 2.17 11.19 36.61
C LEU B 417 1.21 12.12 37.32
N THR B 418 0.32 12.74 36.52
CA THR B 418 -0.64 13.68 37.06
C THR B 418 -1.70 12.95 37.88
N TRP B 419 -2.45 13.74 38.65
CA TRP B 419 -3.55 13.18 39.44
C TRP B 419 -4.65 12.60 38.55
N ARG B 420 -4.81 13.14 37.34
CA ARG B 420 -5.75 12.55 36.39
C ARG B 420 -5.30 11.15 35.99
N ASN B 421 -4.00 10.98 35.76
CA ASN B 421 -3.46 9.66 35.47
C ASN B 421 -3.68 8.72 36.65
N ALA B 422 -3.54 9.22 37.87
CA ALA B 422 -3.77 8.40 39.05
C ALA B 422 -5.22 7.95 39.15
N VAL B 423 -6.16 8.88 38.92
CA VAL B 423 -7.56 8.53 39.12
C VAL B 423 -8.08 7.66 37.98
N ILE B 424 -7.49 7.74 36.79
CA ILE B 424 -7.85 6.76 35.76
C ILE B 424 -7.09 5.45 35.94
N MET B 425 -5.98 5.46 36.67
CA MET B 425 -5.33 4.23 37.07
C MET B 425 -6.14 3.51 38.14
N THR B 426 -6.91 4.24 38.95
CA THR B 426 -7.78 3.61 39.94
C THR B 426 -8.81 2.72 39.27
N TRP B 427 -9.42 3.21 38.20
CA TRP B 427 -10.49 2.49 37.51
C TRP B 427 -9.98 1.67 36.33
N GLY B 428 -8.66 1.59 36.14
CA GLY B 428 -8.12 0.85 35.02
C GLY B 428 -8.14 -0.66 35.17
N GLY B 429 -8.48 -1.16 36.35
CA GLY B 429 -8.50 -2.60 36.55
C GLY B 429 -9.64 -3.26 35.78
N LEU B 430 -9.35 -4.44 35.23
CA LEU B 430 -10.32 -5.14 34.40
C LEU B 430 -9.93 -6.61 34.35
N ARG B 431 -10.80 -7.49 34.83
CA ARG B 431 -10.54 -8.92 34.77
C ARG B 431 -10.80 -9.44 33.36
N GLY B 432 -10.53 -10.73 33.16
CA GLY B 432 -10.70 -11.31 31.85
C GLY B 432 -10.68 -12.82 31.79
N ALA B 433 -10.20 -13.37 30.67
CA ALA B 433 -10.31 -14.80 30.45
C ALA B 433 -9.37 -15.60 31.35
N VAL B 434 -8.24 -15.02 31.75
CA VAL B 434 -7.25 -15.80 32.49
C VAL B 434 -7.76 -16.17 33.88
N GLY B 435 -8.43 -15.24 34.57
CA GLY B 435 -9.00 -15.57 35.87
C GLY B 435 -10.04 -16.66 35.77
N LEU B 436 -10.87 -16.62 34.73
CA LEU B 436 -11.86 -17.65 34.51
C LEU B 436 -11.21 -19.00 34.24
N ALA B 437 -10.13 -19.01 33.45
CA ALA B 437 -9.42 -20.25 33.17
C ALA B 437 -8.86 -20.88 34.43
N LEU B 438 -8.23 -20.05 35.27
CA LEU B 438 -7.71 -20.56 36.53
C LEU B 438 -8.83 -21.04 37.44
N ALA B 439 -9.99 -20.37 37.38
CA ALA B 439 -11.13 -20.83 38.17
C ALA B 439 -11.60 -22.21 37.73
N LEU B 440 -11.76 -22.44 36.43
CA LEU B 440 -12.19 -23.74 35.96
C LEU B 440 -11.19 -24.83 36.31
N VAL B 441 -9.89 -24.54 36.16
CA VAL B 441 -8.91 -25.59 36.44
C VAL B 441 -8.86 -25.91 37.94
N VAL B 442 -8.99 -24.89 38.81
CA VAL B 442 -8.96 -25.21 40.23
C VAL B 442 -10.24 -25.94 40.63
N GLU B 443 -11.36 -25.66 39.97
CA GLU B 443 -12.57 -26.45 40.23
C GLU B 443 -12.37 -27.91 39.83
N ASN B 444 -11.79 -28.14 38.65
CA ASN B 444 -11.66 -29.51 38.18
C ASN B 444 -10.65 -30.30 39.01
N LEU B 445 -9.60 -29.63 39.51
CA LEU B 445 -8.75 -30.31 40.48
C LEU B 445 -9.47 -30.52 41.81
N ALA B 446 -10.36 -29.61 42.19
CA ALA B 446 -11.09 -29.76 43.44
C ALA B 446 -12.01 -30.98 43.40
N GLY B 447 -12.65 -31.23 42.27
CA GLY B 447 -13.49 -32.39 42.12
C GLY B 447 -14.83 -32.27 42.85
N ASN B 448 -15.29 -33.39 43.43
CA ASN B 448 -16.59 -33.44 44.09
C ASN B 448 -16.48 -32.74 45.45
N ASP B 449 -16.62 -31.41 45.41
CA ASP B 449 -16.62 -30.60 46.61
C ASP B 449 -17.35 -29.30 46.33
N VAL B 450 -17.86 -28.68 47.40
CA VAL B 450 -18.61 -27.45 47.26
C VAL B 450 -17.69 -26.23 47.21
N ILE B 451 -16.44 -26.39 47.64
CA ILE B 451 -15.52 -25.25 47.71
C ILE B 451 -15.19 -24.73 46.31
N GLY B 452 -15.04 -25.64 45.34
CA GLY B 452 -14.79 -25.21 43.97
C GLY B 452 -15.96 -24.46 43.37
N SER B 453 -17.18 -24.94 43.61
CA SER B 453 -18.36 -24.20 43.15
C SER B 453 -18.45 -22.84 43.82
N LYS B 454 -18.04 -22.76 45.08
CA LYS B 454 -17.99 -21.48 45.77
C LYS B 454 -17.03 -20.53 45.07
N PHE B 455 -15.82 -21.01 44.77
CA PHE B 455 -14.84 -20.22 44.01
C PHE B 455 -15.43 -19.71 42.71
N LEU B 456 -16.04 -20.61 41.94
CA LEU B 456 -16.57 -20.23 40.63
C LEU B 456 -17.68 -19.21 40.75
N PHE B 457 -18.56 -19.36 41.74
CA PHE B 457 -19.64 -18.40 41.90
C PHE B 457 -19.09 -17.02 42.23
N HIS B 458 -18.12 -16.95 43.15
CA HIS B 458 -17.50 -15.65 43.46
C HIS B 458 -16.86 -15.03 42.22
N THR B 459 -16.02 -15.79 41.51
CA THR B 459 -15.24 -15.17 40.43
C THR B 459 -16.15 -14.79 39.27
N ALA B 460 -17.16 -15.60 38.97
CA ALA B 460 -18.09 -15.28 37.89
C ALA B 460 -18.86 -14.01 38.21
N GLY B 461 -19.41 -13.92 39.44
CA GLY B 461 -20.14 -12.73 39.81
C GLY B 461 -19.29 -11.48 39.80
N ILE B 462 -18.07 -11.57 40.34
CA ILE B 462 -17.25 -10.37 40.42
C ILE B 462 -16.83 -9.91 39.03
N VAL B 463 -16.46 -10.85 38.14
CA VAL B 463 -16.04 -10.41 36.82
C VAL B 463 -17.22 -9.81 36.05
N VAL B 464 -18.41 -10.42 36.17
CA VAL B 464 -19.54 -9.93 35.37
C VAL B 464 -19.99 -8.56 35.86
N LEU B 465 -19.93 -8.30 37.17
CA LEU B 465 -20.30 -6.95 37.59
C LEU B 465 -19.21 -5.94 37.26
N THR B 466 -17.95 -6.29 37.54
CA THR B 466 -16.85 -5.33 37.41
C THR B 466 -16.68 -4.85 35.99
N LEU B 467 -16.70 -5.75 35.00
CA LEU B 467 -16.36 -5.26 33.67
C LEU B 467 -17.48 -4.37 33.11
N VAL B 468 -18.74 -4.77 33.32
CA VAL B 468 -19.85 -4.03 32.73
C VAL B 468 -20.00 -2.67 33.38
N ILE B 469 -19.70 -2.54 34.67
CA ILE B 469 -19.83 -1.21 35.25
C ILE B 469 -18.52 -0.43 35.20
N ASN B 470 -17.39 -1.10 35.07
CA ASN B 470 -16.12 -0.41 34.90
C ASN B 470 -16.06 0.31 33.56
N ALA B 471 -16.57 -0.32 32.50
CA ALA B 471 -16.58 0.34 31.20
C ALA B 471 -17.40 1.63 31.25
N THR B 472 -18.60 1.56 31.83
CA THR B 472 -19.44 2.74 31.93
C THR B 472 -18.81 3.81 32.81
N THR B 473 -18.20 3.41 33.94
CA THR B 473 -17.62 4.40 34.84
C THR B 473 -16.42 5.09 34.20
N ILE B 474 -15.56 4.34 33.50
CA ILE B 474 -14.41 4.99 32.88
C ILE B 474 -14.87 5.89 31.73
N GLN B 475 -15.89 5.46 30.98
CA GLN B 475 -16.41 6.29 29.89
C GLN B 475 -16.97 7.61 30.43
N THR B 476 -17.77 7.52 31.50
CA THR B 476 -18.34 8.74 32.08
C THR B 476 -17.25 9.60 32.72
N LEU B 477 -16.23 8.96 33.31
CA LEU B 477 -15.15 9.71 33.94
C LEU B 477 -14.34 10.49 32.91
N LEU B 478 -14.03 9.86 31.78
CA LEU B 478 -13.33 10.60 30.72
C LEU B 478 -14.25 11.63 30.07
N ARG B 479 -15.56 11.38 30.10
CA ARG B 479 -16.50 12.38 29.61
C ARG B 479 -16.50 13.64 30.47
N ILE B 480 -16.46 13.47 31.79
CA ILE B 480 -16.57 14.64 32.66
C ILE B 480 -15.21 15.32 32.85
N LEU B 481 -14.14 14.55 33.04
CA LEU B 481 -12.83 15.16 33.23
C LEU B 481 -12.26 15.67 31.91
N GLY B 482 -12.60 15.02 30.81
CA GLY B 482 -12.24 15.52 29.49
C GLY B 482 -10.76 15.53 29.16
N MET B 483 -10.01 14.50 29.59
CA MET B 483 -8.64 14.37 29.11
C MET B 483 -8.59 13.81 27.70
N SER B 484 -9.67 13.18 27.24
CA SER B 484 -9.76 12.61 25.91
C SER B 484 -10.30 13.59 24.87
N ASP B 485 -10.65 14.81 25.27
CA ASP B 485 -11.07 15.81 24.31
C ASP B 485 -9.90 16.24 23.45
N ILE B 486 -10.10 16.26 22.13
CA ILE B 486 -9.04 16.63 21.21
C ILE B 486 -8.74 18.12 21.35
N SER B 487 -7.52 18.49 21.00
CA SER B 487 -7.08 19.87 21.17
C SER B 487 -7.64 20.76 20.06
N ILE B 488 -7.61 22.07 20.32
CA ILE B 488 -8.05 23.04 19.31
C ILE B 488 -7.18 23.03 18.06
N PRO B 489 -5.84 23.05 18.14
CA PRO B 489 -5.06 23.07 16.89
C PRO B 489 -5.29 21.88 15.96
N LYS B 490 -5.45 20.68 16.51
CA LYS B 490 -5.58 19.51 15.65
C LYS B 490 -6.94 19.48 14.95
N ARG B 491 -8.00 19.88 15.65
CA ARG B 491 -9.30 19.97 14.98
C ARG B 491 -9.33 21.13 13.99
N LEU B 492 -8.59 22.22 14.27
CA LEU B 492 -8.48 23.29 13.30
C LEU B 492 -7.79 22.81 12.02
N ALA B 493 -6.71 22.03 12.18
CA ALA B 493 -6.00 21.48 11.03
C ALA B 493 -6.89 20.49 10.27
N MET B 494 -7.67 19.70 11.00
CA MET B 494 -8.61 18.78 10.35
C MET B 494 -9.65 19.55 9.54
N ALA B 495 -10.17 20.65 10.09
CA ALA B 495 -11.13 21.46 9.36
C ALA B 495 -10.51 22.09 8.12
N GLY B 496 -9.28 22.57 8.24
CA GLY B 496 -8.60 23.12 7.07
C GLY B 496 -8.37 22.08 5.98
N ALA B 497 -7.99 20.86 6.39
CA ALA B 497 -7.85 19.78 5.42
C ALA B 497 -9.18 19.44 4.79
N VAL B 498 -10.26 19.48 5.56
CA VAL B 498 -11.60 19.21 5.01
C VAL B 498 -11.96 20.25 3.97
N ARG B 499 -11.69 21.52 4.25
CA ARG B 499 -11.98 22.55 3.26
C ARG B 499 -11.09 22.44 2.03
N ARG B 500 -9.84 21.98 2.22
CA ARG B 500 -8.97 21.75 1.07
C ARG B 500 -9.51 20.64 0.18
N ILE B 501 -9.95 19.54 0.80
CA ILE B 501 -10.56 18.44 0.06
C ILE B 501 -11.81 18.93 -0.66
N HIS B 502 -12.61 19.77 0.02
CA HIS B 502 -13.84 20.26 -0.58
C HIS B 502 -13.58 21.12 -1.80
N GLU B 503 -12.60 22.04 -1.72
CA GLU B 503 -12.32 22.85 -2.90
C GLU B 503 -11.68 22.04 -4.01
N GLY B 504 -10.89 21.02 -3.66
CA GLY B 504 -10.35 20.14 -4.68
C GLY B 504 -11.42 19.39 -5.43
N GLN B 505 -12.37 18.80 -4.71
CA GLN B 505 -13.44 18.09 -5.38
C GLN B 505 -14.36 19.05 -6.13
N ASN B 506 -14.51 20.29 -5.63
CA ASN B 506 -15.30 21.28 -6.35
C ASN B 506 -14.67 21.62 -7.69
N ARG B 507 -13.37 21.87 -7.71
CA ARG B 507 -12.72 22.20 -8.98
C ARG B 507 -12.66 21.01 -9.91
N THR B 508 -12.52 19.80 -9.37
CA THR B 508 -12.58 18.61 -10.22
C THR B 508 -13.96 18.43 -10.83
N LEU B 509 -15.01 18.69 -10.06
CA LEU B 509 -16.36 18.64 -10.59
C LEU B 509 -16.57 19.69 -11.67
N ASN B 510 -16.04 20.90 -11.46
CA ASN B 510 -16.15 21.95 -12.46
C ASN B 510 -15.44 21.57 -13.74
N MET B 511 -14.27 20.93 -13.63
CA MET B 511 -13.57 20.45 -14.82
C MET B 511 -14.37 19.37 -15.51
N LEU B 512 -14.97 18.47 -14.74
CA LEU B 512 -15.71 17.35 -15.34
C LEU B 512 -17.01 17.82 -15.99
N LYS B 513 -17.56 18.94 -15.53
CA LYS B 513 -18.76 19.50 -16.15
C LYS B 513 -18.54 19.82 -17.62
N SER B 514 -17.33 20.27 -17.97
CA SER B 514 -17.05 20.73 -19.32
C SER B 514 -16.81 19.60 -20.31
N ASP B 515 -16.75 18.35 -19.86
CA ASP B 515 -16.49 17.24 -20.76
C ASP B 515 -17.65 17.04 -21.71
N ARG B 516 -17.34 16.63 -22.94
CA ARG B 516 -18.35 16.44 -23.98
C ARG B 516 -18.87 15.01 -24.04
N PHE B 517 -18.49 14.16 -23.09
CA PHE B 517 -18.90 12.78 -23.09
C PHE B 517 -19.78 12.40 -21.91
N LEU B 518 -19.93 13.26 -20.91
CA LEU B 518 -20.68 12.95 -19.70
C LEU B 518 -21.80 13.97 -19.46
N ALA B 519 -22.32 14.54 -20.54
CA ALA B 519 -23.32 15.60 -20.41
C ALA B 519 -24.68 15.07 -19.95
N ASP B 520 -24.93 13.77 -20.05
CA ASP B 520 -26.21 13.20 -19.69
C ASP B 520 -26.25 12.69 -18.26
N ALA B 521 -25.29 13.07 -17.42
CA ALA B 521 -25.22 12.62 -16.04
C ALA B 521 -25.74 13.72 -15.12
N ASP B 522 -26.61 13.34 -14.19
CA ASP B 522 -27.07 14.28 -13.18
C ASP B 522 -25.99 14.48 -12.13
N TRP B 523 -26.27 15.34 -11.16
CA TRP B 523 -25.28 15.70 -10.16
C TRP B 523 -25.79 15.66 -8.73
N ASP B 524 -27.10 15.70 -8.49
CA ASP B 524 -27.61 15.70 -7.13
C ASP B 524 -27.35 14.39 -6.39
N ILE B 525 -27.57 13.24 -7.03
CA ILE B 525 -27.05 12.01 -6.43
C ILE B 525 -25.53 12.00 -6.45
N ALA B 526 -24.93 12.52 -7.53
CA ALA B 526 -23.47 12.53 -7.64
C ALA B 526 -22.83 13.36 -6.54
N THR B 527 -23.38 14.54 -6.26
CA THR B 527 -22.90 15.29 -5.11
C THR B 527 -23.30 14.63 -3.80
N ALA B 528 -24.47 13.98 -3.76
CA ALA B 528 -24.95 13.32 -2.55
C ALA B 528 -24.27 11.99 -2.29
N ALA B 529 -23.40 11.53 -3.18
CA ALA B 529 -22.64 10.30 -2.98
C ALA B 529 -21.17 10.55 -2.71
N CYS B 530 -20.77 11.81 -2.50
CA CYS B 530 -19.36 12.12 -2.34
C CYS B 530 -19.11 13.11 -1.20
N GLU B 531 -20.06 13.29 -0.30
CA GLU B 531 -19.88 14.23 0.81
C GLU B 531 -18.84 13.69 1.78
N ILE B 532 -18.07 14.60 2.36
CA ILE B 532 -17.06 14.26 3.36
C ILE B 532 -17.11 15.31 4.47
N SER B 533 -16.95 14.85 5.71
CA SER B 533 -16.98 15.74 6.86
C SER B 533 -16.09 15.18 7.95
N ASP B 534 -15.69 16.05 8.86
CA ASP B 534 -14.88 15.60 9.99
C ASP B 534 -15.71 14.72 10.92
N PRO B 535 -15.12 13.66 11.48
CA PRO B 535 -15.87 12.84 12.45
C PRO B 535 -16.18 13.57 13.75
N TYR B 536 -15.49 14.67 14.04
CA TYR B 536 -15.69 15.37 15.31
C TYR B 536 -17.06 16.04 15.36
N SER B 537 -17.47 16.66 14.26
CA SER B 537 -18.76 17.35 14.22
C SER B 537 -19.33 17.37 12.80
N SER B 571 -3.72 44.27 31.19
CA SER B 571 -3.49 43.49 32.40
C SER B 571 -2.41 42.43 32.16
N PRO B 572 -1.57 42.19 33.17
CA PRO B 572 -0.53 41.16 33.04
C PRO B 572 -1.09 39.76 32.77
N ARG B 573 -2.26 39.44 33.32
CA ARG B 573 -2.86 38.13 33.04
C ARG B 573 -3.28 38.01 31.58
N GLU B 574 -3.72 39.10 30.96
CA GLU B 574 -3.98 39.09 29.53
C GLU B 574 -2.70 38.87 28.75
N PHE B 575 -1.59 39.45 29.21
CA PHE B 575 -0.30 39.22 28.57
C PHE B 575 0.11 37.74 28.69
N ALA B 576 -0.12 37.15 29.87
CA ALA B 576 0.17 35.73 30.06
C ALA B 576 -0.68 34.86 29.13
N ASP B 577 -1.96 35.19 29.01
CA ASP B 577 -2.85 34.44 28.12
C ASP B 577 -2.41 34.55 26.67
N MET B 578 -2.04 35.76 26.23
CA MET B 578 -1.66 35.91 24.82
C MET B 578 -0.31 35.29 24.53
N MET B 579 0.63 35.31 25.47
CA MET B 579 1.89 34.60 25.22
C MET B 579 1.68 33.09 25.28
N GLU B 580 0.72 32.61 26.07
CA GLU B 580 0.34 31.21 26.04
C GLU B 580 -0.22 30.83 24.66
N GLU B 581 -1.09 31.68 24.11
CA GLU B 581 -1.59 31.43 22.76
C GLU B 581 -0.47 31.47 21.73
N ALA B 582 0.47 32.41 21.89
CA ALA B 582 1.60 32.53 20.97
C ALA B 582 2.48 31.29 21.02
N ARG B 583 2.75 30.78 22.23
CA ARG B 583 3.58 29.58 22.32
C ARG B 583 2.86 28.35 21.80
N LEU B 584 1.53 28.31 21.90
CA LEU B 584 0.78 27.22 21.26
C LEU B 584 0.88 27.30 19.74
N ARG B 585 0.76 28.51 19.19
CA ARG B 585 0.98 28.68 17.75
C ARG B 585 2.38 28.24 17.36
N MET B 586 3.36 28.62 18.17
CA MET B 586 4.75 28.24 17.92
C MET B 586 4.90 26.73 17.90
N LEU B 587 4.35 26.05 18.91
CA LEU B 587 4.61 24.63 19.05
C LEU B 587 3.94 23.83 17.93
N LYS B 588 2.71 24.20 17.56
CA LYS B 588 2.15 23.52 16.40
C LYS B 588 2.94 23.84 15.14
N ALA B 589 3.42 25.07 15.03
CA ALA B 589 4.17 25.47 13.85
C ALA B 589 5.40 24.60 13.68
N GLU B 590 6.10 24.33 14.78
CA GLU B 590 7.32 23.55 14.71
C GLU B 590 7.05 22.07 14.48
N LYS B 591 6.06 21.51 15.19
CA LYS B 591 5.81 20.08 15.06
C LYS B 591 5.29 19.73 13.68
N ILE B 592 4.48 20.61 13.07
CA ILE B 592 4.09 20.34 11.69
C ILE B 592 5.30 20.49 10.77
N SER B 593 6.23 21.40 11.09
CA SER B 593 7.46 21.48 10.32
C SER B 593 8.28 20.21 10.47
N TYR B 594 8.25 19.60 11.65
CA TYR B 594 9.02 18.39 11.90
C TYR B 594 8.45 17.23 11.10
N TRP B 595 7.12 17.16 11.04
CA TRP B 595 6.47 16.15 10.21
C TRP B 595 6.85 16.33 8.74
N LYS B 596 6.82 17.57 8.25
CA LYS B 596 7.22 17.82 6.88
C LYS B 596 8.69 17.45 6.65
N GLN B 597 9.54 17.79 7.60
CA GLN B 597 10.97 17.52 7.48
C GLN B 597 11.26 16.03 7.46
N PHE B 598 10.48 15.24 8.19
CA PHE B 598 10.59 13.80 8.08
C PHE B 598 10.04 13.29 6.75
N GLU B 599 9.00 13.94 6.23
CA GLU B 599 8.23 13.37 5.12
C GLU B 599 9.07 13.20 3.86
N HIS B 600 10.09 14.04 3.66
CA HIS B 600 10.98 13.88 2.52
C HIS B 600 12.03 12.80 2.74
N GLY B 601 11.85 11.93 3.72
CA GLY B 601 12.79 10.84 3.94
C GLY B 601 14.10 11.27 4.54
N MET B 602 14.14 12.42 5.21
CA MET B 602 15.38 12.97 5.75
C MET B 602 15.53 12.72 7.24
N LEU B 603 14.68 11.88 7.83
CA LEU B 603 14.81 11.54 9.25
C LEU B 603 14.74 10.05 9.48
N ALA B 604 14.68 9.65 10.75
CA ALA B 604 14.49 8.26 11.15
C ALA B 604 13.31 8.18 12.11
N ARG B 605 12.66 7.01 12.12
CA ARG B 605 11.45 6.83 12.91
C ARG B 605 11.71 6.98 14.40
N GLU B 606 12.81 6.41 14.90
CA GLU B 606 13.12 6.50 16.31
C GLU B 606 13.43 7.94 16.72
N ALA B 607 14.20 8.65 15.89
CA ALA B 607 14.50 10.04 16.19
C ALA B 607 13.23 10.88 16.18
N LEU B 608 12.34 10.62 15.23
CA LEU B 608 11.06 11.32 15.19
C LEU B 608 10.23 11.07 16.45
N ARG B 609 10.15 9.81 16.88
CA ARG B 609 9.37 9.48 18.06
C ARG B 609 9.95 10.16 19.31
N LEU B 610 11.27 10.09 19.48
CA LEU B 610 11.90 10.73 20.63
C LEU B 610 11.69 12.23 20.62
N LEU B 611 11.80 12.83 19.43
CA LEU B 611 11.68 14.28 19.31
C LEU B 611 10.26 14.74 19.60
N VAL B 612 9.26 14.03 19.06
CA VAL B 612 7.89 14.45 19.33
C VAL B 612 7.52 14.18 20.78
N GLN B 613 8.09 13.14 21.40
CA GLN B 613 7.88 12.94 22.82
C GLN B 613 8.44 14.10 23.63
N HIS B 614 9.64 14.56 23.27
CA HIS B 614 10.24 15.70 23.94
C HIS B 614 9.40 16.95 23.76
N ALA B 615 8.91 17.18 22.53
CA ALA B 615 8.08 18.35 22.26
C ALA B 615 6.78 18.30 23.05
N GLU B 616 6.16 17.12 23.12
CA GLU B 616 4.90 16.99 23.86
C GLU B 616 5.10 17.20 25.35
N VAL B 617 6.17 16.64 25.93
CA VAL B 617 6.37 16.82 27.36
C VAL B 617 6.82 18.24 27.66
N ALA B 618 7.45 18.93 26.70
CA ALA B 618 7.76 20.33 26.90
C ALA B 618 6.50 21.19 26.86
N ALA B 619 5.58 20.86 25.95
CA ALA B 619 4.32 21.58 25.85
C ALA B 619 3.33 21.21 26.97
N ASP B 620 3.59 20.12 27.69
CA ASP B 620 2.68 19.71 28.76
C ASP B 620 2.68 20.71 29.91
N GLU B 621 3.87 21.09 30.37
CA GLU B 621 3.97 22.06 31.45
C GLU B 621 3.58 23.45 30.95
N LYS B 622 2.83 24.17 31.78
CA LYS B 622 2.40 25.51 31.42
C LYS B 622 3.60 26.45 31.32
N ASP B 623 3.51 27.39 30.37
CA ASP B 623 4.53 28.39 30.02
C ASP B 623 5.95 27.83 29.99
N GLN B 624 6.09 26.59 29.53
CA GLN B 624 7.37 25.92 29.46
C GLN B 624 7.67 25.57 28.01
N PHE B 625 8.89 25.85 27.58
CA PHE B 625 9.31 25.69 26.20
C PHE B 625 10.18 24.45 26.06
N ILE B 626 10.64 24.20 24.84
CA ILE B 626 11.52 23.07 24.59
C ILE B 626 12.88 23.35 25.19
N LEU B 627 13.47 22.35 25.83
CA LEU B 627 14.72 22.48 26.54
C LEU B 627 15.81 21.66 25.84
N VAL B 628 17.04 21.80 26.35
CA VAL B 628 18.18 21.11 25.77
C VAL B 628 18.85 20.14 26.73
N ASP B 629 18.65 20.29 28.04
CA ASP B 629 19.22 19.34 28.99
C ASP B 629 18.64 17.95 28.78
N ASP B 630 17.35 17.87 28.49
CA ASP B 630 16.76 16.61 28.06
C ASP B 630 17.39 16.12 26.77
N LEU B 631 17.60 17.01 25.80
CA LEU B 631 18.32 16.63 24.59
C LEU B 631 19.77 16.27 24.90
N LYS B 632 20.38 17.00 25.83
CA LYS B 632 21.77 16.73 26.21
C LYS B 632 21.92 15.30 26.73
N LYS B 633 21.08 14.91 27.69
CA LYS B 633 21.11 13.54 28.17
C LYS B 633 20.59 12.55 27.14
N SER B 634 19.83 13.02 26.15
CA SER B 634 19.44 12.14 25.06
C SER B 634 20.64 11.72 24.22
N TRP B 635 21.54 12.65 23.93
CA TRP B 635 22.77 12.25 23.22
C TRP B 635 23.91 11.91 24.16
N GLN B 636 23.74 12.07 25.48
CA GLN B 636 24.82 11.76 26.40
C GLN B 636 24.85 10.27 26.72
N ILE B 637 26.05 9.75 26.96
CA ILE B 637 26.28 8.34 27.16
C ILE B 637 26.40 8.13 28.67
N LYS B 638 25.30 7.76 29.31
CA LYS B 638 25.22 7.58 30.75
C LYS B 638 24.85 6.14 31.09
N GLY B 639 24.71 5.87 32.38
CA GLY B 639 24.35 4.56 32.86
C GLY B 639 25.54 3.71 33.24
N ILE B 640 25.28 2.41 33.39
CA ILE B 640 26.34 1.44 33.63
C ILE B 640 27.07 1.06 32.35
N TYR B 641 26.52 1.41 31.20
CA TYR B 641 27.18 1.12 29.93
C TYR B 641 28.55 1.76 29.80
N PRO B 642 28.76 3.06 30.08
CA PRO B 642 30.13 3.59 30.05
C PRO B 642 31.06 2.94 31.06
N TRP B 643 30.54 2.54 32.22
CA TRP B 643 31.36 1.83 33.19
C TRP B 643 31.87 0.51 32.63
N LEU B 644 30.99 -0.24 31.96
CA LEU B 644 31.47 -1.50 31.38
C LEU B 644 32.34 -1.25 30.15
N LYS B 645 32.14 -0.12 29.45
CA LYS B 645 33.08 0.26 28.39
C LYS B 645 34.47 0.50 28.96
N ARG B 646 34.54 1.23 30.07
CA ARG B 646 35.83 1.46 30.73
C ARG B 646 36.45 0.15 31.16
N LYS B 647 35.64 -0.76 31.73
CA LYS B 647 36.16 -2.05 32.16
C LYS B 647 36.70 -2.87 30.99
N LEU B 648 35.96 -2.90 29.87
CA LEU B 648 36.42 -3.69 28.73
C LEU B 648 37.64 -3.07 28.08
N GLU B 649 37.72 -1.73 28.02
CA GLU B 649 38.91 -1.09 27.49
C GLU B 649 40.11 -1.31 28.41
N ASP B 650 39.87 -1.47 29.72
CA ASP B 650 40.96 -1.75 30.63
C ASP B 650 41.45 -3.18 30.49
N LEU B 651 40.54 -4.13 30.33
CA LEU B 651 40.94 -5.55 30.32
C LEU B 651 41.64 -5.94 29.02
N ILE B 652 41.31 -5.30 27.90
CA ILE B 652 41.93 -5.65 26.63
C ILE B 652 43.38 -5.20 26.54
N THR B 814 38.50 -19.35 24.06
CA THR B 814 39.83 -18.82 23.79
C THR B 814 39.79 -17.31 23.60
N LYS B 815 40.86 -16.76 23.02
CA LYS B 815 40.95 -15.31 22.84
C LYS B 815 39.97 -14.81 21.78
N ALA B 816 39.70 -15.63 20.75
CA ALA B 816 38.97 -15.19 19.57
C ALA B 816 37.57 -14.68 19.88
N LEU B 817 36.98 -15.10 21.01
CA LEU B 817 35.64 -14.62 21.33
C LEU B 817 35.63 -13.19 21.83
N ILE B 818 36.70 -12.74 22.50
CA ILE B 818 36.68 -11.41 23.13
C ILE B 818 36.54 -10.26 22.14
N PRO B 819 37.38 -10.11 21.12
CA PRO B 819 37.38 -8.82 20.40
C PRO B 819 36.15 -8.58 19.54
N LYS B 820 35.66 -9.62 18.86
CA LYS B 820 34.58 -9.45 17.88
C LYS B 820 33.34 -8.84 18.51
N LEU B 821 32.88 -9.44 19.63
CA LEU B 821 31.73 -8.90 20.33
C LEU B 821 32.00 -7.46 20.78
N ILE B 822 33.24 -7.18 21.22
CA ILE B 822 33.60 -5.83 21.64
C ILE B 822 33.35 -4.86 20.51
N LEU B 823 33.69 -5.26 19.28
CA LEU B 823 33.45 -4.44 18.11
C LEU B 823 31.98 -4.05 18.01
N VAL B 824 31.07 -5.05 18.06
CA VAL B 824 29.67 -4.70 17.92
C VAL B 824 29.19 -3.98 19.16
N VAL B 825 29.85 -4.20 20.30
CA VAL B 825 29.56 -3.42 21.50
C VAL B 825 29.75 -1.93 21.20
N ASN B 826 30.89 -1.59 20.59
CA ASN B 826 31.13 -0.22 20.17
C ASN B 826 30.05 0.24 19.22
N GLY B 827 29.64 -0.64 18.30
CA GLY B 827 28.60 -0.29 17.35
C GLY B 827 27.32 0.13 18.03
N LYS B 828 26.97 -0.55 19.13
CA LYS B 828 25.78 -0.18 19.88
C LYS B 828 25.87 1.27 20.35
N ILE B 829 27.03 1.62 20.93
CA ILE B 829 27.27 3.00 21.34
C ILE B 829 27.11 3.94 20.15
N ASN B 830 27.72 3.56 19.01
CA ASN B 830 27.63 4.38 17.82
C ASN B 830 26.18 4.63 17.44
N ASN B 831 25.35 3.59 17.53
CA ASN B 831 23.93 3.72 17.22
C ASN B 831 23.31 4.85 18.02
N GLN B 832 23.53 4.84 19.34
CA GLN B 832 22.97 5.87 20.19
C GLN B 832 23.43 7.26 19.74
N LEU B 833 24.74 7.40 19.49
CA LEU B 833 25.27 8.69 19.08
C LEU B 833 24.62 9.15 17.79
N SER B 834 24.42 8.21 16.85
CA SER B 834 23.81 8.56 15.58
C SER B 834 22.44 9.19 15.81
N LEU B 835 21.63 8.54 16.65
CA LEU B 835 20.30 9.08 16.95
C LEU B 835 20.43 10.45 17.57
N GLY B 836 21.37 10.61 18.51
CA GLY B 836 21.59 11.92 19.11
C GLY B 836 21.94 12.95 18.05
N TYR B 837 22.91 12.61 17.20
CA TYR B 837 23.26 13.52 16.11
C TYR B 837 22.03 13.80 15.26
N ASP B 838 21.29 12.74 14.94
CA ASP B 838 20.12 12.89 14.08
C ASP B 838 19.12 13.84 14.73
N VAL B 839 18.85 13.64 16.03
CA VAL B 839 17.81 14.48 16.62
C VAL B 839 18.31 15.90 16.72
N GLY B 840 19.62 16.08 16.98
CA GLY B 840 20.18 17.41 16.99
C GLY B 840 19.98 18.09 15.66
N LYS B 841 20.19 17.34 14.57
CA LYS B 841 20.03 17.91 13.24
C LYS B 841 18.61 18.39 13.04
N GLY B 842 17.64 17.61 13.54
CA GLY B 842 16.25 18.02 13.41
C GLY B 842 15.99 19.36 14.04
N TYR B 843 16.58 19.59 15.23
CA TYR B 843 16.33 20.84 15.92
C TYR B 843 16.86 22.01 15.12
N ILE B 844 17.97 21.80 14.40
CA ILE B 844 18.52 22.85 13.55
C ILE B 844 17.50 23.24 12.50
N ILE B 845 16.90 22.26 11.85
CA ILE B 845 15.86 22.57 10.86
C ILE B 845 14.72 23.32 11.55
N GLY B 846 14.36 22.86 12.75
CA GLY B 846 13.33 23.55 13.51
C GLY B 846 13.67 24.99 13.77
N GLU B 847 14.91 25.25 14.22
CA GLU B 847 15.25 26.63 14.54
C GLU B 847 15.31 27.46 13.27
N GLU B 848 15.66 26.84 12.15
CA GLU B 848 15.62 27.55 10.87
C GLU B 848 14.21 28.01 10.57
N GLU B 849 13.23 27.16 10.82
CA GLU B 849 11.84 27.56 10.57
C GLU B 849 11.43 28.68 11.50
N VAL B 850 12.00 28.72 12.71
CA VAL B 850 11.72 29.81 13.65
C VAL B 850 12.16 31.14 13.04
N GLY B 851 13.22 31.11 12.23
CA GLY B 851 13.68 32.34 11.61
C GLY B 851 12.80 32.85 10.49
N LYS B 852 11.88 32.01 9.98
CA LYS B 852 11.11 32.38 8.80
C LYS B 852 9.61 32.24 8.97
N ILE B 853 9.11 32.01 10.19
CA ILE B 853 7.69 31.79 10.43
C ILE B 853 7.14 32.75 11.48
N ILE B 854 7.82 32.83 12.63
CA ILE B 854 7.28 33.48 13.83
C ILE B 854 7.05 34.97 13.65
N ASP B 855 7.51 35.53 12.54
CA ASP B 855 7.43 36.96 12.29
C ASP B 855 6.13 37.40 11.62
N ARG B 856 5.20 36.49 11.35
CA ARG B 856 3.99 36.89 10.63
C ARG B 856 2.70 36.76 11.45
N MET B 857 2.56 35.75 12.32
CA MET B 857 1.34 35.71 13.13
C MET B 857 1.46 36.55 14.38
N VAL B 858 2.65 37.03 14.72
CA VAL B 858 2.84 37.78 15.96
C VAL B 858 2.27 39.18 15.80
N ASP B 859 1.79 39.74 16.92
CA ASP B 859 1.21 41.07 16.92
C ASP B 859 1.81 42.00 17.97
N ASN B 860 2.56 41.47 18.94
CA ASN B 860 3.19 42.28 19.98
C ASN B 860 4.69 42.26 19.79
N LYS B 861 5.34 43.34 20.23
CA LYS B 861 6.76 43.55 20.00
C LYS B 861 7.63 42.88 21.06
N LYS B 862 7.28 43.07 22.34
CA LYS B 862 8.13 42.54 23.41
C LYS B 862 8.10 41.01 23.44
N ILE B 863 6.93 40.41 23.21
CA ILE B 863 6.86 38.95 23.16
C ILE B 863 7.63 38.41 21.97
N LEU B 864 7.52 39.08 20.81
CA LEU B 864 8.27 38.65 19.63
C LEU B 864 9.77 38.74 19.86
N ARG B 865 10.25 39.84 20.46
CA ARG B 865 11.68 39.99 20.65
C ARG B 865 12.21 39.05 21.73
N GLU B 866 11.43 38.78 22.77
CA GLU B 866 11.90 37.84 23.78
C GLU B 866 11.88 36.40 23.25
N LEU B 867 10.91 36.07 22.40
CA LEU B 867 10.92 34.75 21.76
C LEU B 867 12.11 34.61 20.84
N LYS B 868 12.43 35.66 20.08
CA LYS B 868 13.62 35.63 19.24
C LYS B 868 14.88 35.49 20.07
N HIS B 869 14.95 36.20 21.20
CA HIS B 869 16.14 36.15 22.05
C HIS B 869 16.33 34.76 22.65
N ILE B 870 15.27 34.17 23.19
CA ILE B 870 15.40 32.84 23.77
C ILE B 870 15.69 31.81 22.69
N SER B 871 15.13 31.99 21.49
CA SER B 871 15.45 31.10 20.37
C SER B 871 16.93 31.18 20.02
N GLU B 872 17.47 32.39 19.94
CA GLU B 872 18.89 32.56 19.59
C GLU B 872 19.81 32.02 20.67
N THR B 873 19.42 32.18 21.94
CA THR B 873 20.21 31.57 23.01
C THR B 873 20.20 30.05 22.90
N GLY B 874 19.04 29.48 22.56
CA GLY B 874 19.00 28.05 22.30
C GLY B 874 19.88 27.62 21.15
N ARG B 875 19.90 28.43 20.08
CA ARG B 875 20.73 28.11 18.92
C ARG B 875 22.21 28.13 19.27
N LEU B 876 22.66 29.20 19.92
CA LEU B 876 24.06 29.28 20.31
C LEU B 876 24.42 28.25 21.36
N GLN B 877 23.42 27.79 22.13
CA GLN B 877 23.67 26.70 23.06
C GLN B 877 23.79 25.36 22.35
N VAL B 878 23.06 25.16 21.25
CA VAL B 878 23.04 23.84 20.62
C VAL B 878 24.13 23.67 19.56
N VAL B 879 24.67 24.75 19.01
CA VAL B 879 25.68 24.59 17.97
C VAL B 879 26.99 24.02 18.54
N LYS B 880 27.34 24.37 19.78
CA LYS B 880 28.69 24.08 20.26
C LYS B 880 28.90 22.59 20.53
N GLU B 881 27.95 21.92 21.17
CA GLU B 881 28.14 20.50 21.43
C GLU B 881 28.05 19.69 20.14
N LEU B 882 27.23 20.14 19.19
CA LEU B 882 27.20 19.52 17.88
C LEU B 882 28.56 19.63 17.20
N GLY B 883 29.17 20.81 17.27
CA GLY B 883 30.49 20.98 16.71
C GLY B 883 31.54 20.09 17.35
N LEU B 884 31.50 19.96 18.67
CA LEU B 884 32.51 19.11 19.31
C LEU B 884 32.27 17.64 18.97
N LEU B 885 31.02 17.16 19.04
CA LEU B 885 30.76 15.76 18.75
C LEU B 885 31.09 15.43 17.30
N GLN B 886 31.06 16.44 16.43
CA GLN B 886 31.68 16.27 15.12
C GLN B 886 33.20 16.20 15.21
N ARG B 887 33.82 17.04 16.06
CA ARG B 887 35.26 17.21 15.99
C ARG B 887 36.04 16.03 16.60
N GLU B 888 35.52 15.38 17.65
CA GLU B 888 36.18 14.16 18.10
C GLU B 888 35.67 12.89 17.43
N HIS B 889 34.48 12.92 16.83
CA HIS B 889 33.90 11.72 16.21
C HIS B 889 33.35 12.09 14.85
N PRO B 890 34.19 12.09 13.81
CA PRO B 890 33.74 12.49 12.47
C PRO B 890 33.15 11.37 11.64
N GLY B 891 33.59 10.13 11.90
CA GLY B 891 33.14 9.01 11.10
C GLY B 891 31.65 8.75 11.26
N ILE B 892 31.13 8.95 12.47
CA ILE B 892 29.69 8.87 12.69
C ILE B 892 28.97 9.90 11.83
N ALA B 893 29.52 11.12 11.75
CA ALA B 893 28.92 12.17 10.96
C ALA B 893 28.86 11.80 9.48
N VAL B 894 29.99 11.32 8.93
CA VAL B 894 29.98 10.99 7.51
C VAL B 894 29.08 9.78 7.24
N SER B 895 29.03 8.83 8.17
CA SER B 895 28.18 7.67 7.99
C SER B 895 26.70 8.05 7.95
N VAL B 896 26.28 8.89 8.90
CA VAL B 896 24.87 9.27 8.92
C VAL B 896 24.53 10.19 7.75
N LYS B 897 25.50 11.00 7.30
CA LYS B 897 25.24 11.82 6.12
C LYS B 897 25.05 10.95 4.88
N THR B 898 25.87 9.91 4.73
CA THR B 898 25.69 8.99 3.61
C THR B 898 24.35 8.27 3.71
N ARG B 899 23.96 7.85 4.91
CA ARG B 899 22.66 7.22 5.08
C ARG B 899 21.53 8.15 4.70
N GLN B 900 21.64 9.43 5.08
CA GLN B 900 20.64 10.42 4.72
C GLN B 900 20.53 10.57 3.21
N ALA B 901 21.68 10.64 2.53
CA ALA B 901 21.69 10.79 1.08
C ALA B 901 21.04 9.59 0.40
N ILE B 902 21.37 8.38 0.85
CA ILE B 902 20.78 7.18 0.25
C ILE B 902 19.29 7.17 0.47
N ARG B 903 18.84 7.52 1.68
CA ARG B 903 17.42 7.53 1.99
C ARG B 903 16.66 8.50 1.08
N THR B 904 17.18 9.72 0.92
CA THR B 904 16.42 10.70 0.16
C THR B 904 16.42 10.37 -1.32
N ILE B 905 17.53 9.86 -1.87
CA ILE B 905 17.52 9.55 -3.29
C ILE B 905 16.62 8.35 -3.57
N LEU B 906 16.59 7.37 -2.67
CA LEU B 906 15.69 6.23 -2.86
C LEU B 906 14.23 6.66 -2.77
N ASN B 907 13.91 7.53 -1.81
CA ASN B 907 12.53 7.99 -1.68
C ASN B 907 12.09 8.77 -2.90
N HIS B 908 12.95 9.66 -3.42
CA HIS B 908 12.56 10.42 -4.60
C HIS B 908 12.49 9.53 -5.84
N SER B 909 13.35 8.50 -5.92
CA SER B 909 13.24 7.56 -7.04
C SER B 909 11.94 6.79 -7.00
N ARG B 910 11.51 6.36 -5.80
CA ARG B 910 10.21 5.70 -5.68
C ARG B 910 9.08 6.63 -6.06
N GLU B 911 9.16 7.90 -5.63
CA GLU B 911 8.12 8.85 -5.97
C GLU B 911 8.04 9.07 -7.47
N THR B 912 9.18 9.21 -8.14
CA THR B 912 9.14 9.48 -9.57
C THR B 912 8.79 8.24 -10.38
N ILE B 913 9.09 7.03 -9.90
CA ILE B 913 8.62 5.86 -10.64
C ILE B 913 7.12 5.69 -10.45
N HIS B 914 6.58 6.05 -9.28
CA HIS B 914 5.13 6.08 -9.12
C HIS B 914 4.50 7.12 -10.05
N GLU B 915 5.16 8.27 -10.21
CA GLU B 915 4.63 9.28 -11.11
C GLU B 915 4.66 8.81 -12.56
N LEU B 916 5.75 8.16 -12.96
CA LEU B 916 5.86 7.66 -14.33
C LEU B 916 4.85 6.56 -14.60
N GLN B 917 4.53 5.75 -13.58
CA GLN B 917 3.38 4.85 -13.69
C GLN B 917 2.10 5.64 -13.87
N GLY B 918 1.92 6.70 -13.08
CA GLY B 918 0.74 7.53 -13.20
C GLY B 918 0.69 8.35 -14.47
N ALA B 919 1.85 8.59 -15.09
CA ALA B 919 1.89 9.28 -16.36
C ALA B 919 1.37 8.43 -17.51
N GLY B 920 1.13 7.14 -17.28
CA GLY B 920 0.69 6.26 -18.32
C GLY B 920 1.76 5.98 -19.36
N LEU B 921 2.97 5.66 -18.90
CA LEU B 921 4.06 5.28 -19.78
C LEU B 921 4.46 3.82 -19.65
N LEU B 922 3.97 3.12 -18.63
CA LEU B 922 4.27 1.71 -18.45
C LEU B 922 3.18 1.10 -17.57
N ASP B 923 3.06 -0.22 -17.67
CA ASP B 923 2.07 -0.95 -16.88
C ASP B 923 2.66 -1.37 -15.54
N GLU B 924 1.79 -1.82 -14.65
CA GLU B 924 2.18 -2.11 -13.27
C GLU B 924 2.95 -3.40 -13.10
N MET B 925 2.94 -4.29 -14.10
CA MET B 925 3.65 -5.55 -13.98
C MET B 925 5.14 -5.34 -13.83
N GLU B 926 5.72 -4.45 -14.66
CA GLU B 926 7.12 -4.10 -14.47
C GLU B 926 7.32 -3.25 -13.22
N ALA B 927 6.29 -2.49 -12.83
CA ALA B 927 6.38 -1.70 -11.60
C ALA B 927 6.55 -2.60 -10.39
N HIS B 928 6.01 -3.81 -10.43
CA HIS B 928 6.25 -4.78 -9.36
C HIS B 928 7.73 -5.10 -9.25
N LYS B 929 8.39 -5.34 -10.38
CA LYS B 929 9.83 -5.61 -10.33
C LYS B 929 10.61 -4.39 -9.86
N LEU B 930 10.19 -3.20 -10.28
CA LEU B 930 10.87 -1.99 -9.84
C LEU B 930 10.74 -1.78 -8.33
N GLU B 931 9.55 -2.01 -7.78
CA GLU B 931 9.41 -1.84 -6.33
C GLU B 931 10.12 -2.95 -5.58
N LEU B 932 10.20 -4.16 -6.15
CA LEU B 932 11.03 -5.19 -5.53
C LEU B 932 12.50 -4.76 -5.49
N THR B 933 13.00 -4.17 -6.58
CA THR B 933 14.38 -3.73 -6.61
C THR B 933 14.64 -2.61 -5.61
N VAL B 934 13.72 -1.65 -5.52
CA VAL B 934 13.94 -0.58 -4.55
C VAL B 934 13.79 -1.11 -3.13
N GLU B 935 13.00 -2.17 -2.92
CA GLU B 935 12.87 -2.69 -1.57
C GLU B 935 14.10 -3.51 -1.17
N ILE B 936 14.72 -4.22 -2.12
CA ILE B 936 15.97 -4.89 -1.77
C ILE B 936 17.07 -3.86 -1.56
N LYS B 937 17.04 -2.74 -2.28
CA LYS B 937 17.96 -1.65 -1.96
C LYS B 937 17.69 -1.10 -0.56
N MET B 938 16.41 -1.04 -0.17
CA MET B 938 16.07 -0.58 1.17
C MET B 938 16.60 -1.51 2.25
N LYS B 939 16.46 -2.82 2.07
CA LYS B 939 17.00 -3.70 3.09
C LYS B 939 18.52 -3.73 3.05
N ARG B 940 19.14 -3.47 1.89
CA ARG B 940 20.58 -3.29 1.85
C ARG B 940 20.99 -2.04 2.61
N LEU B 941 20.16 -1.00 2.59
CA LEU B 941 20.37 0.15 3.45
C LEU B 941 20.25 -0.23 4.91
N MET B 942 19.31 -1.11 5.24
CA MET B 942 19.27 -1.65 6.59
C MET B 942 20.47 -2.57 6.86
N ASN B 943 21.10 -3.08 5.81
CA ASN B 943 22.29 -3.90 5.93
C ASN B 943 23.54 -3.04 6.01
N ALA B 944 23.40 -1.72 5.85
CA ALA B 944 24.55 -0.83 5.93
C ALA B 944 25.13 -0.87 7.33
N PRO B 945 26.46 -0.94 7.48
CA PRO B 945 27.06 -1.20 8.79
C PRO B 945 26.93 0.01 9.71
N SER B 946 26.28 -0.20 10.84
CA SER B 946 26.34 0.79 11.92
C SER B 946 27.74 0.93 12.48
N SER B 947 28.59 -0.08 12.28
CA SER B 947 30.01 0.06 12.53
C SER B 947 30.56 1.20 11.69
N ILE B 948 31.33 2.08 12.32
CA ILE B 948 31.69 3.35 11.73
C ILE B 948 32.84 3.21 10.75
N PRO B 949 32.64 3.55 9.49
CA PRO B 949 33.76 3.59 8.54
C PRO B 949 34.68 4.75 8.87
N PRO B 950 35.98 4.58 8.71
CA PRO B 950 36.92 5.68 8.96
C PRO B 950 36.70 6.80 7.94
N PRO B 951 36.86 8.05 8.36
CA PRO B 951 36.82 9.16 7.40
C PRO B 951 37.94 9.03 6.38
N PRO B 952 37.68 9.39 5.13
CA PRO B 952 38.71 9.23 4.09
C PRO B 952 39.88 10.18 4.32
N PRO B 953 41.11 9.68 4.22
CA PRO B 953 42.27 10.56 4.33
C PRO B 953 42.33 11.57 3.20
N GLU B 954 42.15 12.85 3.52
CA GLU B 954 41.97 13.87 2.51
C GLU B 954 43.20 14.02 1.62
N ASN B 955 44.39 14.00 2.22
CA ASN B 955 45.62 14.07 1.43
C ASN B 955 45.74 12.87 0.51
N LEU B 956 45.39 11.68 0.99
CA LEU B 956 45.42 10.49 0.15
C LEU B 956 44.30 10.53 -0.89
N LEU B 957 43.13 11.06 -0.52
CA LEU B 957 41.98 11.10 -1.41
C LEU B 957 42.05 12.26 -2.41
N LYS B 958 43.06 13.12 -2.30
CA LYS B 958 43.21 14.21 -3.26
C LYS B 958 43.48 13.68 -4.67
N ASN B 959 44.12 12.52 -4.78
CA ASN B 959 44.29 11.89 -6.09
C ASN B 959 42.97 11.43 -6.67
N VAL B 960 42.06 10.97 -5.81
CA VAL B 960 40.73 10.59 -6.28
C VAL B 960 39.92 11.81 -6.68
N SER B 961 40.03 12.89 -5.89
CA SER B 961 39.25 14.10 -6.18
C SER B 961 39.64 14.72 -7.52
N TRP B 962 40.93 14.83 -7.79
CA TRP B 962 41.42 15.29 -9.07
C TRP B 962 42.67 14.49 -9.42
N LEU B 963 42.88 14.29 -10.73
CA LEU B 963 43.96 13.44 -11.23
C LEU B 963 45.33 13.94 -10.76
N ALA B 964 45.99 13.16 -9.91
CA ALA B 964 47.28 13.51 -9.34
C ALA B 964 48.37 12.54 -9.79
N GLY B 965 48.24 12.01 -11.00
CA GLY B 965 49.26 11.10 -11.51
C GLY B 965 50.58 11.78 -11.79
N ASP B 966 50.55 13.08 -12.06
CA ASP B 966 51.78 13.82 -12.30
C ASP B 966 52.56 13.99 -10.99
N MET B 967 53.87 13.76 -11.06
CA MET B 967 54.71 13.86 -9.87
C MET B 967 54.86 15.29 -9.39
N LYS B 968 54.72 16.27 -10.30
CA LYS B 968 54.75 17.67 -9.89
C LYS B 968 53.57 18.00 -8.98
N LEU B 969 52.45 17.31 -9.15
CA LEU B 969 51.34 17.47 -8.21
C LEU B 969 51.67 16.87 -6.85
N ILE B 970 52.43 15.77 -6.81
CA ILE B 970 52.92 15.23 -5.55
C ILE B 970 53.88 16.21 -4.88
N ASP B 971 54.67 16.94 -5.68
CA ASP B 971 55.52 17.97 -5.12
C ASP B 971 54.70 19.17 -4.63
N PHE B 972 53.64 19.51 -5.36
CA PHE B 972 52.75 20.59 -4.93
C PHE B 972 52.02 20.24 -3.65
N ILE B 973 51.83 18.95 -3.39
CA ILE B 973 51.30 18.51 -2.10
C ILE B 973 52.24 18.93 -0.98
N LYS B 974 53.55 18.85 -1.23
CA LYS B 974 54.53 19.34 -0.27
C LYS B 974 54.72 20.86 -0.33
N ALA B 975 54.24 21.50 -1.40
CA ALA B 975 54.38 22.95 -1.51
C ALA B 975 53.47 23.68 -0.52
N ARG B 976 52.28 23.16 -0.28
CA ARG B 976 51.31 23.83 0.58
C ARG B 976 50.56 22.79 1.40
N ALA B 977 50.73 22.84 2.71
CA ALA B 977 50.04 21.95 3.64
C ALA B 977 49.54 22.76 4.85
N SER B 978 48.89 23.88 4.57
CA SER B 978 48.52 24.83 5.62
C SER B 978 47.51 24.23 6.60
N LEU B 979 46.40 23.71 6.07
CA LEU B 979 45.31 23.13 6.87
C LEU B 979 44.78 24.11 7.91
N LEU B 980 44.37 25.28 7.42
CA LEU B 980 43.83 26.33 8.28
C LEU B 980 42.31 26.20 8.39
N HIS B 981 41.80 26.52 9.59
CA HIS B 981 40.38 26.43 9.89
C HIS B 981 39.78 27.83 9.96
N PHE B 982 38.64 28.00 9.31
CA PHE B 982 37.89 29.25 9.32
C PHE B 982 36.49 28.96 9.85
N ASP B 983 36.06 29.76 10.83
CA ASP B 983 34.82 29.49 11.54
C ASP B 983 33.63 30.03 10.75
N TYR B 984 32.44 29.97 11.34
CA TYR B 984 31.22 30.39 10.67
C TYR B 984 31.21 31.90 10.42
N GLY B 985 30.76 32.28 9.23
CA GLY B 985 30.59 33.67 8.86
C GLY B 985 31.86 34.41 8.53
N GLU B 986 33.00 33.73 8.46
CA GLU B 986 34.27 34.38 8.22
C GLU B 986 34.47 34.60 6.72
N VAL B 987 34.53 35.87 6.31
CA VAL B 987 34.82 36.20 4.92
C VAL B 987 36.30 35.97 4.66
N ILE B 988 36.61 35.13 3.67
CA ILE B 988 38.00 34.79 3.39
C ILE B 988 38.71 35.95 2.70
N VAL B 989 38.15 36.42 1.59
CA VAL B 989 38.70 37.56 0.86
C VAL B 989 37.58 38.54 0.56
N ARG B 990 37.97 39.80 0.36
CA ARG B 990 37.05 40.86 0.01
C ARG B 990 37.37 41.36 -1.39
N GLU B 991 36.32 41.78 -2.12
CA GLU B 991 36.51 42.24 -3.49
C GLU B 991 37.34 43.51 -3.52
N GLY B 992 38.17 43.63 -4.56
CA GLY B 992 39.08 44.73 -4.69
C GLY B 992 40.41 44.56 -4.02
N ASP B 993 40.59 43.52 -3.21
CA ASP B 993 41.87 43.25 -2.59
C ASP B 993 42.88 42.74 -3.62
N GLU B 994 44.14 43.06 -3.39
CA GLU B 994 45.19 42.65 -4.31
C GLU B 994 45.36 41.14 -4.31
N SER B 995 45.60 40.58 -5.50
CA SER B 995 45.75 39.14 -5.64
C SER B 995 47.09 38.68 -5.08
N ASP B 996 47.11 38.29 -3.81
CA ASP B 996 48.32 37.83 -3.14
C ASP B 996 48.40 36.32 -2.99
N GLY B 997 47.28 35.68 -2.66
CA GLY B 997 47.30 34.24 -2.41
C GLY B 997 46.33 33.44 -3.24
N LEU B 998 46.21 32.15 -2.92
CA LEU B 998 45.34 31.23 -3.64
C LEU B 998 44.99 30.11 -2.67
N PHE B 999 43.82 29.51 -2.87
CA PHE B 999 43.29 28.54 -1.93
C PHE B 999 42.80 27.29 -2.62
N LEU B 1000 43.13 26.14 -2.04
CA LEU B 1000 42.53 24.86 -2.40
C LEU B 1000 41.76 24.35 -1.18
N ILE B 1001 40.44 24.24 -1.32
CA ILE B 1001 39.61 23.78 -0.22
C ILE B 1001 39.79 22.28 -0.02
N VAL B 1002 39.82 21.86 1.24
CA VAL B 1002 39.95 20.45 1.56
C VAL B 1002 38.85 19.95 2.50
N SER B 1003 38.12 20.82 3.20
CA SER B 1003 37.00 20.38 4.02
C SER B 1003 36.02 21.53 4.18
N GLY B 1004 34.80 21.36 3.66
CA GLY B 1004 33.72 22.29 3.89
C GLY B 1004 33.08 22.76 2.60
N LEU B 1005 32.05 23.59 2.76
CA LEU B 1005 31.32 24.20 1.65
C LEU B 1005 31.27 25.70 1.86
N VAL B 1006 31.43 26.46 0.77
CA VAL B 1006 31.43 27.91 0.82
C VAL B 1006 30.44 28.47 -0.19
N LYS B 1007 30.01 29.70 0.07
CA LYS B 1007 29.10 30.42 -0.81
C LYS B 1007 29.82 31.64 -1.36
N LEU B 1008 29.78 31.80 -2.69
CA LEU B 1008 30.45 32.89 -3.37
C LEU B 1008 29.40 33.79 -4.03
N TYR B 1009 29.51 35.09 -3.77
CA TYR B 1009 28.66 36.10 -4.39
C TYR B 1009 29.50 36.94 -5.32
N GLY B 1010 29.08 37.03 -6.60
CA GLY B 1010 29.83 37.77 -7.60
C GLY B 1010 28.91 38.62 -8.45
N LYS B 1011 29.53 39.39 -9.33
CA LYS B 1011 28.80 40.27 -10.23
C LYS B 1011 29.20 40.01 -11.68
N GLU B 1030 24.64 42.19 -13.91
CA GLU B 1030 23.94 41.18 -13.13
C GLU B 1030 24.85 40.60 -12.05
N VAL B 1031 24.26 39.83 -11.14
CA VAL B 1031 24.98 39.21 -10.03
C VAL B 1031 24.63 37.72 -10.01
N PHE B 1032 25.54 36.95 -9.41
CA PHE B 1032 25.36 35.50 -9.33
C PHE B 1032 25.78 35.01 -7.95
N GLU B 1033 25.18 33.89 -7.55
CA GLU B 1033 25.52 33.20 -6.31
C GLU B 1033 25.86 31.76 -6.63
N ASP B 1034 26.99 31.28 -6.11
CA ASP B 1034 27.48 29.94 -6.38
C ASP B 1034 27.80 29.25 -5.07
N TYR B 1035 27.76 27.92 -5.08
CA TYR B 1035 28.14 27.11 -3.94
C TYR B 1035 29.31 26.23 -4.35
N LEU B 1036 30.43 26.36 -3.64
CA LEU B 1036 31.66 25.65 -3.96
C LEU B 1036 31.97 24.64 -2.88
N THR B 1037 32.25 23.41 -3.29
CA THR B 1037 32.50 22.28 -2.40
C THR B 1037 33.96 21.88 -2.45
N VAL B 1038 34.27 20.80 -1.74
CA VAL B 1038 35.62 20.26 -1.70
C VAL B 1038 35.99 19.71 -3.08
N GLY B 1039 37.22 19.97 -3.51
CA GLY B 1039 37.71 19.51 -4.78
C GLY B 1039 37.77 20.56 -5.87
N ASN B 1040 37.87 21.84 -5.52
CA ASN B 1040 37.89 22.91 -6.49
C ASN B 1040 38.97 23.92 -6.11
N VAL B 1041 39.40 24.69 -7.10
CA VAL B 1041 40.44 25.69 -6.93
C VAL B 1041 39.80 27.07 -7.07
N ILE B 1042 40.21 28.00 -6.20
CA ILE B 1042 39.69 29.35 -6.20
C ILE B 1042 40.84 30.31 -6.51
N GLY B 1043 40.47 31.56 -6.78
CA GLY B 1043 41.45 32.59 -7.09
C GLY B 1043 42.17 32.38 -8.40
N GLU B 1044 41.46 31.90 -9.44
CA GLU B 1044 42.09 31.65 -10.72
C GLU B 1044 42.33 32.94 -11.50
N MET B 1045 41.39 33.88 -11.41
CA MET B 1045 41.50 35.11 -12.19
C MET B 1045 42.60 36.02 -11.67
N GLY B 1046 42.87 35.98 -10.36
CA GLY B 1046 43.91 36.82 -9.78
C GLY B 1046 45.31 36.44 -10.19
N VAL B 1047 45.52 35.19 -10.60
CA VAL B 1047 46.81 34.75 -11.09
C VAL B 1047 46.88 34.81 -12.61
N LEU B 1048 45.80 34.41 -13.29
CA LEU B 1048 45.77 34.44 -14.75
C LEU B 1048 45.74 35.87 -15.27
N THR B 1049 44.72 36.64 -14.91
CA THR B 1049 44.55 37.99 -15.40
C THR B 1049 45.29 39.03 -14.56
N LYS B 1050 45.91 38.61 -13.45
CA LYS B 1050 46.61 39.50 -12.52
C LYS B 1050 45.71 40.64 -12.05
N LYS B 1051 44.46 40.31 -11.77
CA LYS B 1051 43.44 41.27 -11.39
C LYS B 1051 43.10 41.14 -9.90
N PRO B 1052 42.64 42.23 -9.26
CA PRO B 1052 42.21 42.12 -7.86
C PRO B 1052 40.95 41.29 -7.69
N ARG B 1053 40.53 41.09 -6.43
CA ARG B 1053 39.36 40.28 -6.15
C ARG B 1053 38.09 40.96 -6.67
N ASN B 1054 37.21 40.17 -7.27
CA ASN B 1054 35.95 40.68 -7.80
C ASN B 1054 34.72 40.09 -7.13
N ALA B 1055 34.84 38.95 -6.46
CA ALA B 1055 33.72 38.29 -5.83
C ALA B 1055 34.07 37.96 -4.39
N THR B 1056 33.05 37.94 -3.53
CA THR B 1056 33.24 37.72 -2.10
C THR B 1056 32.80 36.31 -1.73
N VAL B 1057 33.70 35.58 -1.05
CA VAL B 1057 33.44 34.22 -0.61
C VAL B 1057 33.26 34.21 0.90
N THR B 1058 32.24 33.49 1.36
CA THR B 1058 31.98 33.30 2.78
C THR B 1058 31.86 31.81 3.06
N CYS B 1059 32.21 31.43 4.28
CA CYS B 1059 32.08 30.04 4.73
C CYS B 1059 31.01 29.96 5.80
N GLU B 1060 30.03 29.08 5.58
CA GLU B 1060 28.88 28.93 6.46
C GLU B 1060 29.10 27.86 7.51
N THR B 1061 30.34 27.44 7.73
CA THR B 1061 30.68 26.45 8.75
C THR B 1061 32.18 26.57 9.01
N THR B 1062 32.68 25.74 9.93
CA THR B 1062 34.11 25.58 10.06
C THR B 1062 34.65 24.84 8.84
N VAL B 1063 35.71 25.38 8.24
CA VAL B 1063 36.26 24.85 7.00
C VAL B 1063 37.77 24.73 7.14
N GLN B 1064 38.32 23.67 6.56
CA GLN B 1064 39.76 23.46 6.48
C GLN B 1064 40.19 23.71 5.05
N VAL B 1065 41.27 24.49 4.88
CA VAL B 1065 41.73 24.92 3.56
C VAL B 1065 43.25 24.91 3.54
N TYR B 1066 43.82 24.79 2.34
CA TYR B 1066 45.24 24.94 2.11
C TYR B 1066 45.54 26.33 1.56
N PHE B 1067 46.66 26.90 2.02
CA PHE B 1067 47.08 28.23 1.60
C PHE B 1067 48.17 28.10 0.54
N ILE B 1068 47.90 28.65 -0.65
CA ILE B 1068 48.80 28.57 -1.79
C ILE B 1068 49.16 30.00 -2.19
N THR B 1069 50.46 30.29 -2.28
CA THR B 1069 50.89 31.65 -2.52
C THR B 1069 50.99 31.95 -4.01
N ALA B 1070 51.21 33.22 -4.32
CA ALA B 1070 51.55 33.60 -5.69
C ALA B 1070 52.98 33.21 -6.04
N GLU B 1071 53.85 33.12 -5.04
CA GLU B 1071 55.14 32.47 -5.24
C GLU B 1071 54.96 30.98 -5.51
N ASP B 1072 53.98 30.37 -4.84
CA ASP B 1072 53.59 29.01 -5.21
C ASP B 1072 52.98 28.98 -6.60
N MET B 1073 52.35 30.08 -7.03
CA MET B 1073 51.90 30.15 -8.42
C MET B 1073 53.07 30.24 -9.39
N ASN B 1074 54.18 30.87 -8.99
CA ASN B 1074 55.37 30.85 -9.83
C ASN B 1074 56.02 29.47 -9.84
N ILE B 1075 55.98 28.77 -8.71
CA ILE B 1075 56.40 27.37 -8.69
C ILE B 1075 55.52 26.54 -9.62
N ALA B 1076 54.22 26.85 -9.65
CA ALA B 1076 53.33 26.20 -10.60
C ALA B 1076 53.66 26.59 -12.04
N ILE B 1077 54.12 27.83 -12.27
CA ILE B 1077 54.57 28.24 -13.59
C ILE B 1077 55.74 27.38 -14.03
N ASP B 1078 56.68 27.13 -13.12
CA ASP B 1078 57.76 26.18 -13.40
C ASP B 1078 57.21 24.79 -13.64
N THR B 1079 56.14 24.41 -12.93
CA THR B 1079 55.57 23.07 -13.07
C THR B 1079 54.83 22.88 -14.39
N PHE B 1080 54.31 23.96 -14.98
CA PHE B 1080 53.56 23.83 -16.23
C PHE B 1080 54.46 23.34 -17.37
N THR B 1081 55.66 23.90 -17.47
CA THR B 1081 56.68 23.50 -18.42
C THR B 1081 56.17 23.48 -19.87
N LEU B 1082 56.59 22.47 -20.63
CA LEU B 1082 56.19 22.38 -22.03
C LEU B 1082 54.70 22.10 -22.17
N TYR B 1083 54.14 21.24 -21.34
CA TYR B 1083 52.73 20.86 -21.41
C TYR B 1083 52.02 21.29 -20.14
N PRO B 1084 51.38 22.47 -20.13
CA PRO B 1084 50.68 22.95 -18.92
C PRO B 1084 49.33 22.28 -18.71
N SER B 1085 49.38 21.03 -18.26
CA SER B 1085 48.17 20.22 -18.11
C SER B 1085 47.24 20.81 -17.04
N LEU B 1086 47.81 21.23 -15.90
CA LEU B 1086 47.01 21.87 -14.87
C LEU B 1086 46.43 23.19 -15.37
N GLU B 1087 47.21 23.93 -16.17
CA GLU B 1087 46.69 25.15 -16.78
C GLU B 1087 45.54 24.84 -17.72
N TYR B 1088 45.66 23.76 -18.51
CA TYR B 1088 44.57 23.38 -19.40
C TYR B 1088 43.32 23.02 -18.61
N ARG B 1089 43.49 22.30 -17.50
CA ARG B 1089 42.34 21.91 -16.68
C ARG B 1089 41.66 23.14 -16.08
N LEU B 1090 42.44 24.06 -15.51
CA LEU B 1090 41.83 25.25 -14.91
C LEU B 1090 41.26 26.19 -15.96
N TRP B 1091 41.87 26.23 -17.16
CA TRP B 1091 41.31 27.01 -18.25
C TRP B 1091 39.97 26.45 -18.70
N ARG B 1092 39.85 25.13 -18.78
CA ARG B 1092 38.57 24.52 -19.08
C ARG B 1092 37.55 24.80 -18.00
N VAL B 1093 37.98 24.77 -16.73
CA VAL B 1093 37.07 25.01 -15.62
C VAL B 1093 36.53 26.44 -15.68
N VAL B 1094 37.43 27.43 -15.85
CA VAL B 1094 36.97 28.81 -15.92
C VAL B 1094 36.21 29.09 -17.21
N ALA B 1095 36.49 28.33 -18.28
CA ALA B 1095 35.70 28.45 -19.50
C ALA B 1095 34.26 28.01 -19.26
N ILE B 1096 34.09 26.90 -18.53
CA ILE B 1096 32.74 26.47 -18.15
C ILE B 1096 32.09 27.51 -17.25
N ARG B 1097 32.88 28.07 -16.32
CA ARG B 1097 32.38 29.09 -15.40
C ARG B 1097 31.83 30.29 -16.15
N ILE B 1098 32.57 30.75 -17.17
CA ILE B 1098 32.11 31.88 -17.97
C ILE B 1098 30.94 31.50 -18.86
N ALA B 1099 30.99 30.29 -19.44
CA ALA B 1099 30.05 29.91 -20.50
C ALA B 1099 28.66 29.60 -19.96
N THR B 1100 28.56 28.91 -18.82
CA THR B 1100 27.27 28.42 -18.36
C THR B 1100 26.24 29.51 -18.12
N PRO B 1101 26.53 30.63 -17.42
CA PRO B 1101 25.55 31.73 -17.40
C PRO B 1101 25.31 32.33 -18.78
N LEU B 1102 26.34 32.41 -19.62
CA LEU B 1102 26.15 32.91 -20.97
C LEU B 1102 25.31 31.95 -21.80
N ILE B 1103 25.49 30.65 -21.60
CA ILE B 1103 24.67 29.65 -22.30
C ILE B 1103 23.22 29.76 -21.86
N MET B 1104 22.99 29.87 -20.54
CA MET B 1104 21.64 29.94 -20.02
C MET B 1104 20.98 31.29 -20.29
N GLU B 1105 21.74 32.33 -20.59
CA GLU B 1105 21.21 33.65 -20.83
C GLU B 1105 20.98 33.94 -22.31
N GLN B 1106 21.87 33.49 -23.19
CA GLN B 1106 21.73 33.76 -24.61
C GLN B 1106 20.61 32.91 -25.21
N MET B 1107 20.02 33.43 -26.29
CA MET B 1107 18.94 32.74 -26.98
C MET B 1107 19.45 31.63 -27.90
N ALA B 1108 20.75 31.57 -28.15
CA ALA B 1108 21.31 30.52 -28.99
C ALA B 1108 21.33 29.17 -28.31
N PHE B 1109 21.12 29.12 -26.99
CA PHE B 1109 21.09 27.86 -26.24
C PHE B 1109 19.92 27.94 -25.27
N GLN B 1110 18.78 27.40 -25.67
CA GLN B 1110 17.58 27.38 -24.85
C GLN B 1110 17.21 25.94 -24.52
N GLY B 1111 16.92 25.68 -23.25
CA GLY B 1111 16.64 24.34 -22.80
C GLY B 1111 17.85 23.53 -22.38
N TRP B 1112 19.03 24.13 -22.35
CA TRP B 1112 20.22 23.41 -21.91
C TRP B 1112 20.21 23.29 -20.39
N THR B 1113 20.39 22.06 -19.91
CA THR B 1113 20.43 21.80 -18.48
C THR B 1113 21.86 21.92 -17.96
N GLN B 1114 21.98 21.96 -16.62
CA GLN B 1114 23.29 22.06 -16.00
C GLN B 1114 24.13 20.81 -16.26
N GLU B 1115 23.50 19.64 -16.20
CA GLU B 1115 24.22 18.39 -16.45
C GLU B 1115 24.72 18.33 -17.89
N LYS B 1116 23.90 18.75 -18.85
CA LYS B 1116 24.31 18.72 -20.25
C LYS B 1116 25.47 19.66 -20.51
N VAL B 1117 25.39 20.89 -20.00
CA VAL B 1117 26.47 21.86 -20.24
C VAL B 1117 27.71 21.53 -19.41
N LYS B 1118 27.58 20.73 -18.35
CA LYS B 1118 28.74 20.30 -17.59
C LYS B 1118 29.34 19.00 -18.10
N LEU B 1119 28.61 18.26 -18.94
CA LEU B 1119 29.09 16.99 -19.46
C LEU B 1119 29.56 17.07 -20.91
N HIS B 1120 28.73 17.59 -21.81
CA HIS B 1120 29.10 17.61 -23.23
C HIS B 1120 30.18 18.63 -23.54
N LEU B 1121 30.36 19.64 -22.69
CA LEU B 1121 31.39 20.65 -22.91
C LEU B 1121 32.77 20.21 -22.45
N GLU B 1122 32.87 19.07 -21.75
CA GLU B 1122 34.17 18.62 -21.26
C GLU B 1122 35.07 18.15 -22.40
N ARG B 1123 34.49 17.65 -23.50
CA ARG B 1123 35.26 17.21 -24.66
C ARG B 1123 35.70 18.44 -25.44
N GLY B 1124 36.80 19.04 -24.98
CA GLY B 1124 37.34 20.23 -25.61
C GLY B 1124 38.82 20.33 -25.38
N TYR B 1125 39.44 21.30 -26.05
CA TYR B 1125 40.88 21.51 -25.98
C TYR B 1125 41.19 22.94 -26.38
N LEU B 1126 42.48 23.25 -26.48
CA LEU B 1126 42.95 24.57 -26.87
C LEU B 1126 43.97 24.44 -27.99
N VAL B 1127 44.06 25.48 -28.81
CA VAL B 1127 44.99 25.52 -29.93
C VAL B 1127 45.96 26.68 -29.70
N ASP B 1128 47.25 26.39 -29.80
CA ASP B 1128 48.28 27.40 -29.61
C ASP B 1128 48.35 28.30 -30.84
N LEU B 1129 48.29 29.61 -30.62
CA LEU B 1129 48.34 30.58 -31.69
C LEU B 1129 49.76 30.90 -32.14
N ALA B 1130 50.78 30.50 -31.37
CA ALA B 1130 52.16 30.76 -31.77
C ALA B 1130 52.53 29.97 -33.02
N GLU B 1131 52.09 28.72 -33.10
CA GLU B 1131 52.37 27.90 -34.28
C GLU B 1131 51.56 28.36 -35.49
N SER B 1132 50.42 29.02 -35.27
CA SER B 1132 49.58 29.52 -36.34
C SER B 1132 49.81 31.00 -36.61
N HIS B 1133 50.84 31.59 -36.00
CA HIS B 1133 51.18 33.01 -36.16
C HIS B 1133 50.01 33.92 -35.79
N PHE B 1134 49.31 33.56 -34.71
CA PHE B 1134 48.15 34.30 -34.20
C PHE B 1134 47.06 34.44 -35.26
N GLN B 1135 46.87 33.39 -36.06
CA GLN B 1135 45.87 33.38 -37.11
C GLN B 1135 45.31 31.96 -37.20
N PHE B 1136 44.11 31.77 -36.64
CA PHE B 1136 43.45 30.48 -36.62
C PHE B 1136 42.29 30.48 -37.61
N ASN B 1137 42.23 29.45 -38.44
CA ASN B 1137 41.18 29.31 -39.45
C ASN B 1137 40.09 28.39 -38.92
N ILE B 1138 38.84 28.84 -39.01
CA ILE B 1138 37.69 28.11 -38.49
C ILE B 1138 37.09 27.28 -39.61
N ASP B 1139 36.87 25.99 -39.34
CA ASP B 1139 36.30 25.09 -40.33
C ASP B 1139 35.08 24.38 -39.76
N ALA B 1140 34.57 23.37 -40.50
CA ALA B 1140 33.40 22.64 -40.04
C ALA B 1140 33.70 21.71 -38.88
N THR B 1141 34.97 21.38 -38.65
CA THR B 1141 35.32 20.50 -37.54
C THR B 1141 35.06 21.19 -36.20
N LEU B 1142 35.36 22.48 -36.10
CA LEU B 1142 35.09 23.22 -34.88
C LEU B 1142 33.60 23.41 -34.68
N GLU B 1143 33.15 23.32 -33.42
CA GLU B 1143 31.74 23.44 -33.11
C GLU B 1143 31.48 24.53 -32.08
N ASP B 1144 32.37 24.68 -31.12
CA ASP B 1144 32.22 25.67 -30.05
C ASP B 1144 33.50 26.46 -29.92
N VAL B 1145 33.40 27.78 -30.06
CA VAL B 1145 34.54 28.69 -29.90
C VAL B 1145 34.13 29.79 -28.94
N ILE B 1146 34.87 29.93 -27.84
CA ILE B 1146 34.61 30.95 -26.84
C ILE B 1146 35.93 31.65 -26.53
N LEU B 1147 35.91 32.98 -26.60
CA LEU B 1147 37.10 33.79 -26.31
C LEU B 1147 37.18 34.01 -24.81
N ILE B 1148 38.11 33.30 -24.16
CA ILE B 1148 38.26 33.41 -22.71
C ILE B 1148 38.84 34.77 -22.34
N ASN B 1149 39.89 35.20 -23.05
CA ASN B 1149 40.58 36.44 -22.73
C ASN B 1149 41.24 36.99 -23.97
N GLY B 1150 41.61 38.26 -23.92
CA GLY B 1150 42.26 38.93 -25.02
C GLY B 1150 41.28 39.64 -25.94
N THR B 1151 41.83 40.34 -26.91
CA THR B 1151 41.07 41.10 -27.90
C THR B 1151 41.37 40.57 -29.28
N ALA B 1152 40.32 40.25 -30.04
CA ALA B 1152 40.45 39.70 -31.38
C ALA B 1152 39.84 40.65 -32.40
N TYR B 1153 40.21 40.45 -33.66
CA TYR B 1153 39.68 41.26 -34.76
C TYR B 1153 39.21 40.35 -35.89
N ASN B 1154 38.09 40.71 -36.50
CA ASN B 1154 37.57 39.93 -37.61
C ASN B 1154 38.46 40.11 -38.84
N ALA B 1155 38.62 39.04 -39.60
CA ALA B 1155 39.46 39.07 -40.79
C ALA B 1155 38.78 39.72 -41.99
N HIS B 1156 37.48 39.93 -41.93
CA HIS B 1156 36.73 40.54 -43.04
C HIS B 1156 36.11 41.87 -42.66
N THR B 1157 35.35 41.93 -41.57
CA THR B 1157 34.69 43.15 -41.14
C THR B 1157 35.52 43.99 -40.19
N ARG B 1158 36.69 43.50 -39.77
CA ARG B 1158 37.57 44.18 -38.82
C ARG B 1158 36.84 44.52 -37.52
N GLU B 1159 36.03 43.58 -37.04
CA GLU B 1159 35.26 43.77 -35.83
C GLU B 1159 36.14 43.50 -34.62
N GLU B 1160 36.38 44.53 -33.81
CA GLU B 1160 37.19 44.41 -32.60
C GLU B 1160 36.32 43.83 -31.50
N ILE B 1161 36.50 42.55 -31.19
CA ILE B 1161 35.72 41.85 -30.20
C ILE B 1161 36.60 41.58 -28.98
N ARG B 1162 35.96 41.52 -27.81
CA ARG B 1162 36.65 41.34 -26.55
C ARG B 1162 35.93 40.31 -25.70
N SER B 1163 36.67 39.73 -24.76
CA SER B 1163 36.11 38.74 -23.85
C SER B 1163 35.13 39.40 -22.90
N PRO B 1164 34.11 38.66 -22.42
CA PRO B 1164 33.77 37.26 -22.70
C PRO B 1164 32.60 37.10 -23.65
N CYS B 1165 32.54 37.87 -24.73
CA CYS B 1165 31.43 37.75 -25.67
C CYS B 1165 31.54 36.46 -26.46
N LEU B 1166 30.40 35.78 -26.63
CA LEU B 1166 30.36 34.54 -27.39
C LEU B 1166 30.54 34.83 -28.87
N ILE B 1167 31.36 34.02 -29.53
CA ILE B 1167 31.67 34.18 -30.95
C ILE B 1167 30.65 33.43 -31.78
N SER B 1168 30.01 34.12 -32.72
CA SER B 1168 29.05 33.50 -33.60
C SER B 1168 29.76 32.67 -34.67
N ARG B 1169 28.98 31.85 -35.38
CA ARG B 1169 29.54 30.98 -36.42
C ARG B 1169 29.75 31.70 -37.75
N THR B 1170 29.31 32.96 -37.87
CA THR B 1170 29.48 33.69 -39.12
C THR B 1170 30.96 33.96 -39.40
N VAL B 1171 31.73 34.31 -38.38
CA VAL B 1171 33.15 34.58 -38.56
C VAL B 1171 33.90 33.27 -38.73
N HIS B 1172 34.73 33.19 -39.76
CA HIS B 1172 35.51 31.99 -40.04
C HIS B 1172 37.02 32.22 -39.93
N LYS B 1173 37.45 33.45 -39.66
CA LYS B 1173 38.87 33.74 -39.50
C LYS B 1173 39.03 34.95 -38.60
N LEU B 1174 40.03 34.90 -37.72
CA LEU B 1174 40.26 35.96 -36.76
C LEU B 1174 41.75 36.26 -36.67
N THR B 1175 42.06 37.48 -36.24
CA THR B 1175 43.42 37.94 -36.05
C THR B 1175 43.61 38.37 -34.60
N PHE B 1176 44.73 37.99 -34.01
CA PHE B 1176 45.05 38.32 -32.63
C PHE B 1176 46.39 39.05 -32.57
N GLN B 1177 46.47 40.05 -31.71
CA GLN B 1177 47.69 40.82 -31.52
C GLN B 1177 48.45 40.28 -30.32
N TYR B 1178 49.74 40.01 -30.51
CA TYR B 1178 50.58 39.44 -29.46
C TYR B 1178 50.85 40.53 -28.41
N THR B 1179 50.10 40.48 -27.31
CA THR B 1179 50.23 41.44 -26.23
C THR B 1179 50.62 40.71 -24.96
N ALA B 1180 51.69 41.17 -24.32
CA ALA B 1180 52.13 40.55 -23.07
C ALA B 1180 51.22 40.92 -21.91
N THR B 1181 50.53 42.06 -22.00
CA THR B 1181 49.62 42.47 -20.93
C THR B 1181 48.40 41.55 -20.85
N GLU B 1182 47.83 41.20 -22.01
CA GLU B 1182 46.66 40.33 -22.07
C GLU B 1182 46.82 39.42 -23.29
N GLU B 1183 47.37 38.24 -23.07
CA GLU B 1183 47.51 37.27 -24.15
C GLU B 1183 46.14 36.73 -24.53
N PRO B 1184 45.81 36.65 -25.82
CA PRO B 1184 44.51 36.11 -26.21
C PRO B 1184 44.37 34.64 -25.86
N ARG B 1185 43.15 34.24 -25.51
CA ARG B 1185 42.87 32.87 -25.13
C ARG B 1185 41.49 32.49 -25.64
N LEU B 1186 41.42 31.38 -26.38
CA LEU B 1186 40.17 30.88 -26.92
C LEU B 1186 40.10 29.37 -26.72
N PHE B 1187 38.88 28.87 -26.57
CA PHE B 1187 38.63 27.44 -26.38
C PHE B 1187 37.91 26.88 -27.59
N VAL B 1188 38.39 25.73 -28.07
CA VAL B 1188 37.87 25.10 -29.27
C VAL B 1188 37.36 23.70 -28.93
N VAL B 1189 36.25 23.32 -29.56
CA VAL B 1189 35.64 22.01 -29.39
C VAL B 1189 35.56 21.35 -30.75
N ARG B 1190 36.06 20.12 -30.85
CA ARG B 1190 36.05 19.37 -32.09
C ARG B 1190 34.73 18.61 -32.24
N ASN B 1191 34.39 18.29 -33.48
CA ASN B 1191 33.17 17.55 -33.78
C ASN B 1191 33.36 16.05 -33.56
C1 POV C . -7.46 -42.56 15.60
C2 POV C . -7.37 -41.34 14.68
C3 POV C . -7.66 -40.03 15.38
C310 POV C . -6.13 -27.88 10.35
C311 POV C . -7.43 -27.39 9.73
C312 POV C . -7.59 -25.89 9.84
C313 POV C . -8.71 -25.32 8.97
C314 POV C . -8.47 -25.58 7.49
C21 POV C . -7.89 -42.00 12.45
O21 POV C . -8.29 -41.43 13.59
C22 POV C . -9.02 -42.11 11.46
O22 POV C . -6.76 -42.39 12.26
C23 POV C . -9.15 -40.98 10.45
C24 POV C . -9.12 -39.59 11.08
C25 POV C . -9.11 -38.46 10.06
C26 POV C . -9.10 -37.08 10.70
C31 POV C . -6.76 -37.85 15.37
O31 POV C . -6.94 -39.00 14.73
C32 POV C . -6.16 -36.81 14.47
O32 POV C . -7.06 -37.68 16.52
C33 POV C . -7.18 -35.98 13.70
C34 POV C . -6.97 -34.49 13.96
C35 POV C . -6.22 -33.75 12.85
C36 POV C . -6.71 -32.31 12.68
C37 POV C . -6.00 -31.56 11.56
C38 POV C . -6.52 -30.13 11.42
C39 POV C . -5.90 -29.38 10.25
P POV D . -6.66 -42.41 21.65
C1 POV D . -7.35 -39.89 21.33
C2 POV D . -7.07 -38.71 20.40
C3 POV D . -8.32 -37.99 19.93
C210 POV D . -2.84 -30.11 14.46
C310 POV D . -6.20 -25.71 14.48
O11 POV D . -6.85 -41.06 20.75
C211 POV D . -1.82 -29.41 13.62
C311 POV D . -6.78 -24.64 13.57
O12 POV D . -5.01 -42.35 21.79
C212 POV D . -2.46 -28.77 12.38
C312 POV D . -5.72 -24.02 12.66
O13 POV D . -7.24 -42.11 23.00
C213 POV D . -1.82 -27.45 11.98
O14 POV D . -7.06 -43.63 20.89
C214 POV D . -2.42 -26.26 12.71
C215 POV D . -1.80 -24.93 12.29
C21 POV D . -5.05 -39.07 19.21
O21 POV D . -6.38 -39.12 19.23
C22 POV D . -4.57 -37.76 18.66
O22 POV D . -4.34 -39.96 19.59
C23 POV D . -3.05 -37.64 18.58
C24 POV D . -2.63 -36.20 18.28
C25 POV D . -3.27 -35.63 17.02
C26 POV D . -2.94 -34.17 16.82
C27 POV D . -3.77 -33.51 15.72
C28 POV D . -3.81 -31.99 15.84
C29 POV D . -2.77 -31.32 15.00
C31 POV D . -8.65 -35.83 19.04
O31 POV D . -8.03 -36.60 19.92
C32 POV D . -7.80 -34.65 18.67
O32 POV D . -9.76 -36.06 18.61
C33 POV D . -8.46 -33.59 17.82
C34 POV D . -7.47 -32.47 17.53
C35 POV D . -8.03 -31.33 16.69
C36 POV D . -7.05 -30.17 16.54
C37 POV D . -7.69 -28.89 16.03
C38 POV D . -6.69 -27.75 15.90
C39 POV D . -7.26 -26.51 15.23
C01 AJP E . -12.93 -22.44 14.07
C02 AJP E . -12.87 -23.07 12.70
C03 AJP E . -14.03 -24.02 12.46
C04 AJP E . -13.57 -25.40 11.98
C05 AJP E . -12.55 -26.00 12.92
C06 AJP E . -11.85 -27.26 12.39
C07 AJP E . -11.57 -28.09 13.67
C08 AJP E . -12.57 -27.54 14.71
O09 AJP E . -13.24 -26.45 14.08
C10 AJP E . -13.54 -28.68 14.95
C11 AJP E . -12.60 -29.89 14.87
C12 AJP E . -11.74 -29.64 13.61
C13 AJP E . -10.47 -30.46 13.77
C14 AJP E . -10.81 -31.95 13.85
C15 AJP E . -11.89 -32.33 14.87
C16 AJP E . -13.08 -31.35 14.89
C17 AJP E . -14.01 -31.66 16.06
C18 AJP E . -14.49 -33.12 16.02
C19 AJP E . -13.33 -34.11 15.91
C20 AJP E . -12.38 -33.79 14.74
C21 AJP E . -11.19 -34.76 14.85
C22 AJP E . -11.61 -36.23 14.80
C23 AJP E . -12.67 -36.59 15.83
C24 AJP E . -13.80 -35.57 15.87
O25 AJP E . -13.28 -37.90 15.58
C26 AJP E . -12.95 -38.56 14.37
C27 AJP E . -12.23 -39.86 14.71
C28 AJP E . -11.85 -40.60 13.44
C29 AJP E . -13.11 -40.81 12.61
C30 AJP E . -13.76 -39.46 12.33
O31 AJP E . -14.09 -38.83 13.57
C32 AJP E . -15.02 -39.54 11.49
O33 AJP E . -14.76 -40.20 10.26
O34 AJP E . -13.98 -41.58 13.46
C35 AJP E . -14.50 -42.80 12.97
C36 AJP E . -14.70 -43.74 14.15
C37 AJP E . -15.46 -44.98 13.74
C38 AJP E . -16.74 -44.63 12.99
C39 AJP E . -16.39 -43.71 11.83
O40 AJP E . -15.73 -42.53 12.33
C41 AJP E . -17.60 -43.23 11.06
O42 AJP E . -18.45 -42.44 11.90
O43 AJP E . -17.36 -45.81 12.48
O44 AJP E . -15.85 -45.68 14.93
O54 AJP E . -13.41 -44.22 14.59
C55 AJP E . -12.84 -43.68 15.76
C56 AJP E . -13.79 -43.90 16.94
C57 AJP E . -13.01 -44.38 18.14
C58 AJP E . -12.30 -45.69 17.82
C59 AJP E . -11.40 -45.50 16.60
O60 AJP E . -11.52 -44.17 16.03
C61 AJP E . -11.61 -46.52 15.50
O62 AJP E . -11.07 -46.09 14.26
O63 AJP E . -13.25 -46.71 17.53
O64 AJP E . -13.94 -44.64 19.20
O76 AJP E . -14.45 -42.68 17.26
O77 AJP E . -11.23 -41.83 13.75
O78 AJP E . -11.06 -39.56 15.46
O79 AJP E . -10.41 -36.98 15.04
C80 AJP E . -13.08 -33.99 13.39
C81 AJP E . -12.48 -30.04 12.32
O82 AJP E . -14.65 -28.61 14.07
C83 AJP E . -10.62 -27.01 11.52
O84 AJP E . -11.55 -25.06 13.28
C85 AJP E . -11.57 -23.84 12.52
C01 AJP F . -2.48 -30.95 8.51
C02 AJP F . -0.97 -31.04 8.32
C03 AJP F . -0.55 -32.37 7.69
C04 AJP F . 0.43 -33.14 8.59
C05 AJP F . -0.09 -33.26 10.00
C06 AJP F . 0.87 -33.90 11.00
C07 AJP F . -0.07 -34.62 11.99
C08 AJP F . -1.45 -34.45 11.36
O09 AJP F . -1.21 -34.13 9.99
C10 AJP F . -2.19 -35.78 11.47
C11 AJP F . -1.39 -36.52 12.53
C12 AJP F . 0.08 -36.15 12.25
C13 AJP F . 0.90 -36.52 13.48
C14 AJP F . 0.73 -38.00 13.84
C15 AJP F . -0.75 -38.42 14.00
C16 AJP F . -1.58 -38.03 12.78
C17 AJP F . -3.05 -38.38 12.99
C18 AJP F . -3.26 -39.83 13.41
C19 AJP F . -2.43 -40.16 14.64
C20 AJP F . -0.93 -39.90 14.40
C21 AJP F . -0.19 -40.20 15.72
C22 AJP F . -0.47 -41.60 16.28
C23 AJP F . -1.97 -41.81 16.47
C24 AJP F . -2.73 -41.56 15.18
O25 AJP F . -2.21 -43.16 16.93
C26 AJP F . -2.55 -43.30 18.29
C27 AJP F . -2.38 -44.76 18.67
C28 AJP F . -2.56 -44.94 20.17
C29 AJP F . -1.59 -44.01 20.91
C30 AJP F . -1.97 -42.59 20.49
O31 AJP F . -1.72 -42.45 19.08
C32 AJP F . -1.29 -41.44 21.20
O33 AJP F . -1.47 -41.54 22.61
O34 AJP F . -0.29 -44.44 20.46
C35 AJP F . 0.89 -44.04 21.14
C36 AJP F . 1.74 -45.23 21.55
C37 AJP F . 3.07 -44.76 22.13
C38 AJP F . 3.78 -43.82 21.16
C39 AJP F . 2.83 -42.69 20.79
O40 AJP F . 1.62 -43.22 20.24
C41 AJP F . 3.41 -41.73 19.77
O42 AJP F . 4.16 -42.43 18.78
O43 AJP F . 4.95 -43.25 21.72
O44 AJP F . 3.91 -45.90 22.39
C45 AJP F . 4.82 -45.82 23.46
C46 AJP F . 4.90 -47.18 24.13
C47 AJP F . 5.41 -48.22 23.14
C48 AJP F . 6.71 -47.77 22.49
C49 AJP F . 6.55 -46.37 21.93
O50 AJP F . 6.09 -45.46 22.95
O51 AJP F . 7.76 -47.77 23.46
O52 AJP F . 4.42 -48.44 22.14
O53 AJP F . 5.79 -47.12 25.25
O54 AJP F . 1.12 -46.05 22.56
C55 AJP F . 0.13 -46.99 22.16
C56 AJP F . 0.57 -47.72 20.89
C57 AJP F . 0.12 -49.17 20.96
C58 AJP F . 0.77 -49.86 22.14
C59 AJP F . 0.46 -49.09 23.43
O60 AJP F . -0.32 -47.89 23.18
C61 AJP F . 1.68 -48.69 24.22
O62 AJP F . 1.37 -47.70 25.19
O63 AJP F . 2.17 -49.93 21.97
O64 AJP F . 0.60 -49.78 19.76
C65 AJP F . -0.29 -50.52 18.95
C66 AJP F . -1.64 -49.82 18.88
C67 AJP F . -1.91 -49.28 17.48
C68 AJP F . -0.67 -48.61 16.93
C69 AJP F . 0.44 -49.64 16.78
O70 AJP F . 0.24 -50.78 17.65
C71 AJP F . 1.83 -49.09 17.03
O72 AJP F . 2.82 -50.12 16.97
O73 AJP F . -0.94 -48.02 15.67
O74 AJP F . -2.99 -48.36 17.52
O75 AJP F . -2.68 -50.71 19.27
O76 AJP F . -0.03 -47.11 19.76
O77 AJP F . -2.41 -46.31 20.53
O78 AJP F . -3.32 -45.56 17.97
O79 AJP F . 0.22 -41.77 17.51
C80 AJP F . -0.38 -40.85 13.30
C81 AJP F . 0.64 -36.87 11.00
O82 AJP F . -2.35 -36.41 10.20
C83 AJP F . 1.86 -32.94 11.65
O84 AJP F . -0.47 -31.99 10.53
C85 AJP F . -0.26 -30.88 9.65
P CMP G . -28.30 36.95 -28.61
O1P CMP G . -27.69 38.32 -28.69
O2P CMP G . -29.70 36.74 -29.09
O5' CMP G . -27.35 36.01 -29.52
C5' CMP G . -26.18 35.38 -29.01
C4' CMP G . -26.44 34.92 -27.61
O4' CMP G . -25.26 34.42 -26.93
C3' CMP G . -26.91 36.01 -26.70
O3' CMP G . -28.21 36.45 -27.06
C2' CMP G . -26.76 35.37 -25.34
O2' CMP G . -27.82 34.46 -25.09
C1' CMP G . -25.46 34.56 -25.54
N9 CMP G . -24.28 35.23 -24.95
C8 CMP G . -23.79 36.44 -25.28
N7 CMP G . -22.69 36.75 -24.54
C5 CMP G . -22.45 35.70 -23.74
C6 CMP G . -21.44 35.36 -22.71
N6 CMP G . -20.44 36.22 -22.40
N1 CMP G . -21.54 34.15 -22.10
C2 CMP G . -22.53 33.30 -22.41
N3 CMP G . -23.48 33.54 -23.33
C4 CMP G . -23.49 34.70 -24.01
C1 POV H . -5.64 -37.50 25.00
C2 POV H . -5.57 -36.13 24.32
C3 POV H . -5.77 -36.18 22.82
C310 POV H . -1.44 -25.10 16.56
O11 POV H . -5.93 -37.33 26.37
C311 POV H . -0.61 -23.85 16.80
C312 POV H . 0.81 -23.97 16.29
C21 POV H . -4.20 -34.58 25.51
O21 POV H . -4.32 -35.49 24.55
C22 POV H . -3.49 -33.36 24.99
O22 POV H . -4.63 -34.73 26.62
C23 POV H . -2.66 -32.63 26.04
C24 POV H . -2.24 -31.25 25.54
C25 POV H . -1.32 -31.31 24.34
C26 POV H . -1.87 -30.57 23.13
C31 POV H . -4.92 -34.32 21.63
O31 POV H . -5.91 -34.85 22.34
C32 POV H . -5.32 -33.01 21.02
O32 POV H . -3.85 -34.84 21.50
C33 POV H . -4.19 -32.24 20.36
C34 POV H . -4.71 -31.01 19.63
C35 POV H . -3.68 -29.88 19.53
C36 POV H . -4.12 -28.79 18.57
C37 POV H . -3.37 -27.47 18.75
C38 POV H . -3.19 -26.71 17.45
C39 POV H . -2.52 -25.36 17.62
C01 AJP I . 3.15 -24.67 13.52
C02 AJP I . 3.59 -25.55 12.36
C03 AJP I . 2.55 -26.61 12.02
C04 AJP I . 3.08 -28.02 12.26
C05 AJP I . 3.76 -28.16 13.61
C06 AJP I . 4.41 -29.51 13.87
C07 AJP I . 4.17 -29.74 15.38
C08 AJP I . 3.42 -28.47 15.81
O09 AJP I . 2.78 -28.02 14.62
C10 AJP I . 2.38 -28.88 16.86
C11 AJP I . 2.77 -30.32 17.20
C12 AJP I . 3.29 -30.91 15.86
C13 AJP I . 4.03 -32.21 16.19
C14 AJP I . 3.15 -33.19 16.95
C15 AJP I . 2.53 -32.58 18.22
C16 AJP I . 1.81 -31.27 17.94
C17 AJP I . 1.28 -30.64 19.23
C18 AJP I . 0.45 -31.61 20.06
C19 AJP I . 1.23 -32.89 20.34
C20 AJP I . 1.67 -33.58 19.03
C21 AJP I . 2.50 -34.81 19.43
C22 AJP I . 1.80 -35.75 20.39
C23 AJP I . 1.36 -35.01 21.64
C24 AJP I . 0.49 -33.82 21.30
O25 AJP I . 0.63 -35.92 22.50
C26 AJP I . 0.27 -35.40 23.75
C27 AJP I . -0.58 -36.45 24.46
C28 AJP I . -0.93 -35.96 25.87
C29 AJP I . 0.35 -35.61 26.61
C30 AJP I . 1.13 -34.57 25.81
O31 AJP I . 1.43 -35.09 24.52
C32 AJP I . 2.45 -34.17 26.45
O33 AJP I . 2.26 -33.71 27.78
O34 AJP I . 1.13 -36.82 26.70
C35 AJP I . 1.59 -37.31 27.94
C36 AJP I . 0.41 -37.92 28.68
C37 AJP I . 0.79 -39.00 29.69
C38 AJP I . 2.02 -39.83 29.35
C39 AJP I . 3.11 -38.91 28.82
O40 AJP I . 2.62 -38.23 27.66
C41 AJP I . 4.36 -39.66 28.40
O42 AJP I . 4.79 -40.55 29.40
O43 AJP I . 2.50 -40.50 30.51
O44 AJP I . -0.37 -39.85 29.77
C45 AJP I . -0.40 -41.07 29.05
C46 AJP I . -1.52 -41.94 29.64
C47 AJP I . -2.88 -41.34 29.29
C48 AJP I . -3.01 -41.14 27.79
C49 AJP I . -1.85 -40.29 27.30
O50 AJP I . -0.59 -40.89 27.66
O51 AJP I . -2.98 -42.40 27.12
O52 AJP I . -3.04 -40.09 29.95
O53 AJP I . -1.43 -43.26 29.12
O54 AJP I . -0.24 -36.90 29.44
C55 AJP I . 0.51 -36.19 30.39
O77 AJP I . -1.69 -36.94 26.54
O78 AJP I . -1.77 -36.70 23.73
O79 AJP I . 2.65 -36.84 20.74
C80 AJP I . 0.44 -34.03 18.22
C81 AJP I . 2.13 -31.19 14.88
O82 AJP I . 1.06 -28.66 16.40
C83 AJP I . 5.88 -29.63 13.44
O84 AJP I . 4.77 -27.16 13.77
C85 AJP I . 4.90 -26.23 12.68
C01 AJP J . -6.79 -24.66 20.14
C02 AJP J . -8.28 -24.36 20.04
C03 AJP J . -8.98 -24.54 21.38
C04 AJP J . -10.21 -25.45 21.26
C05 AJP J . -9.85 -26.78 20.65
C06 AJP J . -11.04 -27.68 20.29
C07 AJP J . -10.48 -29.10 20.47
C08 AJP J . -9.08 -28.86 21.08
O09 AJP J . -9.12 -27.53 21.60
C10 AJP J . -8.91 -29.87 22.22
C11 AJP J . -9.97 -30.93 21.91
C12 AJP J . -11.18 -30.11 21.41
C13 AJP J . -12.13 -31.09 20.71
C14 AJP J . -12.51 -32.27 21.61
C15 AJP J . -11.29 -33.00 22.19
C16 AJP J . -10.35 -32.03 22.91
C17 AJP J . -9.11 -32.76 23.43
C18 AJP J . -9.46 -33.97 24.28
C19 AJP J . -10.34 -34.93 23.49
C20 AJP J . -11.65 -34.25 23.04
C21 AJP J . -12.43 -35.26 22.19
C22 AJP J . -12.67 -36.60 22.89
C23 AJP J . -11.35 -37.22 23.34
C24 AJP J . -10.57 -36.25 24.22
O25 AJP J . -11.65 -38.42 24.10
C26 AJP J . -10.55 -39.25 24.37
C27 AJP J . -10.48 -39.46 25.89
C28 AJP J . -11.48 -40.50 26.39
C29 AJP J . -11.61 -41.70 25.46
C30 AJP J . -10.51 -41.67 24.40
O31 AJP J . -10.67 -40.47 23.63
C32 AJP J . -10.42 -42.84 23.45
O33 AJP J . -9.77 -42.49 22.24
O34 AJP J . -12.93 -41.58 24.92
C35 AJP J . -13.65 -42.75 24.58
C36 AJP J . -15.09 -42.70 25.09
C37 AJP J . -15.98 -43.34 24.05
C38 AJP J . -15.96 -42.51 22.77
C39 AJP J . -14.51 -42.32 22.31
O40 AJP J . -13.58 -43.02 23.17
C41 AJP J . -14.08 -40.87 22.18
O42 AJP J . -12.67 -40.76 21.95
O43 AJP J . -16.66 -43.16 21.73
O44 AJP J . -17.30 -43.60 24.55
C45 AJP J . -18.34 -42.65 24.44
C46 AJP J . -19.37 -43.16 23.45
C47 AJP J . -20.77 -43.08 24.06
C48 AJP J . -20.86 -43.89 25.34
C49 AJP J . -19.63 -43.63 26.19
O50 AJP J . -18.92 -42.47 25.72
O51 AJP J . -22.02 -43.50 26.07
O52 AJP J . -21.73 -43.55 23.12
O53 AJP J . -19.32 -42.42 22.25
O54 AJP J . -15.17 -43.49 26.29
C55 AJP J . -15.47 -42.85 27.51
C56 AJP J . -14.18 -42.31 28.11
C57 AJP J . -14.46 -41.52 29.38
C58 AJP J . -15.54 -40.48 29.15
C59 AJP J . -16.76 -41.17 28.56
O60 AJP J . -16.41 -41.80 27.32
C61 AJP J . -17.89 -40.20 28.26
O62 AJP J . -19.07 -40.88 27.84
O63 AJP J . -15.08 -39.48 28.26
O64 AJP J . -13.25 -40.82 29.71
O76 AJP J . -13.28 -43.39 28.38
O77 AJP J . -12.75 -39.88 26.55
O78 AJP J . -9.15 -39.71 26.34
O79 AJP J . -13.35 -37.51 22.01
C80 AJP J . -12.50 -33.85 24.27
C81 AJP J . -11.92 -29.39 22.56
O82 AJP J . -8.93 -29.26 23.50
C83 AJP J . -11.66 -27.42 18.91
O84 AJP J . -9.07 -26.60 19.46
C85 AJP J . -8.95 -25.24 19.02
P CMP K . 40.42 35.95 -8.46
O1P CMP K . 40.21 36.91 -9.60
O2P CMP K . 41.79 35.86 -7.82
O5' CMP K . 39.39 36.38 -7.31
C5' CMP K . 38.04 35.92 -7.28
C4' CMP K . 38.00 34.49 -7.71
O4' CMP K . 36.66 33.98 -7.89
C3' CMP K . 38.63 34.25 -9.05
O3' CMP K . 40.02 34.45 -9.00
C2' CMP K . 38.14 32.85 -9.37
O2' CMP K . 38.89 31.88 -8.64
C1' CMP K . 36.71 32.89 -8.80
N9 CMP K . 35.69 33.09 -9.84
C8 CMP K . 35.58 34.13 -10.69
N7 CMP K . 34.52 33.99 -11.51
C5 CMP K . 33.91 32.84 -11.20
C6 CMP K . 32.73 32.08 -11.68
N6 CMP K . 31.96 32.54 -12.68
N1 CMP K . 32.45 30.91 -11.07
C2 CMP K . 33.20 30.43 -10.05
N3 CMP K . 34.28 31.06 -9.58
C4 CMP K . 34.68 32.25 -10.09
#